data_6R8Y
#
_entry.id   6R8Y
#
_cell.length_a   1.000
_cell.length_b   1.000
_cell.length_c   1.000
_cell.angle_alpha   90.00
_cell.angle_beta   90.00
_cell.angle_gamma   90.00
#
_symmetry.space_group_name_H-M   'P 1'
#
loop_
_entity.id
_entity.type
_entity.pdbx_description
1 polymer 'Histone H3.1'
2 polymer 'Histone H4'
3 polymer 'Histone H2A type 1-B/E'
4 polymer 'Histone H2B type 1-J'
5 polymer 'Histone H4'
6 polymer 'Human alpha-satellite DNA (145-MER)'
7 polymer 'Human alpha-satellite DNA (145-MER) with a 6-4PP at positions 95-96'
8 polymer 'DNA damage-binding protein 1'
9 polymer 'DNA damage-binding protein 2'
#
loop_
_entity_poly.entity_id
_entity_poly.type
_entity_poly.pdbx_seq_one_letter_code
_entity_poly.pdbx_strand_id
1 'polypeptide(L)'
;GSHMARTKQTARKSTGGKAPRKQLATKAARKSAPATGGVKKPHRYRPGTVALREIRRYQKSTELLIRKLPFQRLVREIAQ
DFKTDLRFQSSAVMALQEACEAYLVGLFEDTNLCAIHAKRVTIMPKDIQLARRIRGERA
;
A,E
2 'polypeptide(L)'
;GSHMSGRGKGGKGLGKGGAKRHRKVLRDNIQGITKPAIRRLARRGGVKRISGLIYEETRGVLKVFLENVIRDAVTYTEHA
KRKTVTAMDVVYALKRQGRTLYGFGG
;
B
3 'polypeptide(L)'
;GSHMSGRGKQGGKARAKAKTRSSRAGLQFPVGRVHRLLRKGNYSERVGAGAPVYLAAVLEYLTAEILELAGNAARDNKKT
RIIPRHLQLAIRNDEELNKLLGRVTIAQGGVLPNIQAVLLPKKTESHHKAKGK
;
C,G
4 'polypeptide(L)'
;GSHMPEPAKSAPAPKKGSKKAVTKAQKKDGKKRKRSRKESYSIYVYKVLKQVHPDTGISSKAMGIMNSFVNDIFERIAGE
ASRLAHYNKRSTITSREIQTAVRLLLPGELAKHAVSEGTKAVTKYTSAK
;
D,H
5 'polypeptide(L)'
;MSGRGKGGKGLGKGGAKRHRKVLRDNIQGITKPAIRRLARRGGVKRISGLIYEETRGVLKVFLENVIRDAVTYTEHAKRK
TVTAMDVVYALKRQGRTLYGFGG
;
F
6 'polydeoxyribonucleotide'
;(DA)(DT)(DC)(DA)(DA)(DT)(DA)(DT)(DC)(DC)(DA)(DC)(DC)(DT)(DG)(DC)(DA)(DG)(DA)(DT)
(DT)(DC)(DT)(DA)(DC)(DC)(DA)(DA)(DA)(DA)(DG)(DT)(DG)(DT)(DA)(DT)(DT)(DT)(DG)(DG)
(DA)(DA)(DA)(DC)(DT)(DG)(DC)(DT)(DC)(DA)(DA)(DT)(DC)(DA)(DA)(DA)(DA)(DG)(DG)(DC)
(DA)(DT)(DG)(DT)(DT)(DC)(DA)(DG)(DC)(DT)(DG)(DG)(DT)(DT)(DC)(DA)(DG)(DC)(DT)(DG)
(DA)(DA)(DC)(DA)(DT)(DG)(DC)(DC)(DT)(DT)(DT)(DT)(DG)(DA)(DT)(DG)(DG)(DA)(DG)(DC)
(DA)(DG)(DT)(DT)(DT)(DC)(DC)(DA)(DA)(DA)(DT)(DA)(DC)(DA)(DC)(DT)(DT)(DT)(DT)(DG)
(DG)(DT)(DA)(DG)(DA)(DA)(DT)(DC)(DT)(DG)(DC)(DA)(DG)(DG)(DT)(DG)(DG)(DA)(DT)(DA)
(DT)(DT)(DG)(DA)(DT)
;
I
7 'polydeoxyribonucleotide'
;(DA)(DT)(DC)(DA)(DA)(DT)(DA)(DT)(DC)(DC)(DA)(DC)(DC)(DT)(DG)(DC)(DA)(DG)(DA)(DT)
(DT)(DC)(DT)(DA)(DC)(DC)(DA)(DA)(DA)(DA)(DG)(DT)(DG)(DT)(DA)(DT)(DT)(DT)(DG)(DG)
(DA)(DA)(DA)(DC)(DT)(DG)(DC)(DT)(DC)(DC)(DA)(DT)(DC)(DA)(DA)(DA)(DA)(DG)(DG)(DC)
(DA)(DT)(DG)(DT)(DT)(DC)(DA)(DG)(DC)(DT)(DG)(DA)(DA)(DC)(DC)(DA)(DG)(DC)(DT)(DG)
(DA)(DA)(DC)(DA)(DT)(DG)(DC)(DC)(DT)(DT)(DT)(DT)(DG)(DA)(T64)(DG)(DA)(DG)(DC)
(DA)(DG)(DT)(DT)(DT)(DC)(DC)(DA)(DA)(DA)(DT)(DA)(DC)(DA)(DC)(DT)(DT)(DT)(DT)(DG)
(DG)(DT)(DA)(DG)(DA)(DA)(DT)(DC)(DT)(DG)(DC)(DA)(DG)(DG)(DT)(DG)(DG)(DA)(DT)(DA)
(DT)(DT)(DG)(DA)(DT)
;
J
8 'polypeptide(L)'
;GGGRMSYNYVVTAQKPTAVNGCVTGHFTSAEDLNLLIAKNTRLEIYVVTAEGLRPVKEVGMYGKIAVMELFRPKGESKDL
LFILTAKYNACILEYKQSGESIDIITRAHGNVQDRIGRPSETGIIGIIDPECRMIGLRLYDGLFKVIPLDRDNKELKAFN
IRLEELHVIDVKFLYGCQAPTICFVYQDPQGRHVKTYEVSLREKEFNKGPWKQENVEAEASMVIAVPEPFGGAIIIGQES
ITYHNGDKYLAIAPPIIKQSTIVCHNRVDPNGSRYLLGDMEGRLFMLLLEKEEQMDGTVTLKDLRVELLGETSIAECLTY
LDNGVVFVGSRLGDSQLVKLNVDSNEQGSYVVAMETFTNLGPIVDMCVVDLERQGQGQLVTCSGAFKEGSLRIIRNGIGI
HEHASIDLPGIKGLWPLRSDPNRETDDTLVLSFVGQTRVLMLNGEEVEETELMGFVDDQQTFFCGNVAHQQLIQITSASV
RLVSQEPKALVSEWKEPQAKNISVASCNSSQVVVAVGRALYYLQIHPQELRQISHTEMEHEVACLDITPLGDSNGLSPLC
AIGLWTDISARILKLPSFELLHKEMLGGEIIPRSILMTTFESSHYLLCALGDGALFYFGLNIETGLLSDRKKVTLGTQPT
VLRTFRSLSTTNVFACSDRPTVIYSSNHKLVFSNVNLKEVNYMCPLNSDGYPDSLALANNSTLTIGTIDEIQKLHIRTVP
LYESPRKICYQEVSQCFGVLSSRIEVQDTSGGTTALRPSASTQALSSSVSSSKLFSSSTAPHETSFGEEVEVHNLLIIDQ
HTFEVLHAHQFLQNEYALSLVSCKLGKDPNTYFIVGTAMVYPEEAEPKQGRIVVFQYSDGKLQTVAEKEVKGAVYSMVEF
NGKLLASINSTVRLYEWTTEKELRTECNHYNNIMALYLKTKGDFILVGDLMRSVLLLAYKPMEGNFEEIARDFNPNWMSA
VEILDDDNFLGAENAFNLFVCQKDSAATTDEERQHLQEVGLFHLGEFVNVFCHGSLVMQNLGETSTPTQGSVLFGTVNGM
IGLVTSLSESWYNLLLDMQNRLNKVIKSVGKIEHSFWRSFHTERKTEPATGFIDGDLIESFLDISRPKMQEVVANLQYDD
GSGMKREATADDLIKVVEELTRIH
;
K
9 'polypeptide(L)'
;GGGRMAPKKRPETQKTSEIVLRPRNKRSRSPLELEPEAKKLCAKGSGPSRRCDSDCLWVGLAGPQILPPCRSIVRTLHQH
KLGRASWPSVQQGLQQSFLHTLDSYRILQKAAPFDRRATSLAWHPTHPSTVAVGSKGGDIMLWNFGIKDKPTFIKGIGAG
GSITGLKFNPLNTNQFYASSMEGTTRLQDFKGNILRVFASSDTINIWFCSLDVSASSRMVVTGDNVGNVILLNMDGKELW
NLRMHKKKVTHVALNPCCDWFLATASVDQTVKIWDLRQVRGKASFLYSLPHRHPVNAACFSPDGARLLTTDQKSEIRVYS
ASQWDCPLGLIPHPHRHFQHLTPIKAAWHPRYNLIVVGRYPDPNFKSCTPYELRTIDVFDGNSGKMMCQLYDPESSGISS
LNEFNPMGDTLASAMGYHILIWSQEEARTRK
;
L
#
# COMPACT_ATOMS: atom_id res chain seq x y z
N VAL A 39 47.85 45.85 11.27
CA VAL A 39 48.42 44.54 10.98
C VAL A 39 48.06 44.14 9.56
N LYS A 40 49.02 43.49 8.89
CA LYS A 40 48.89 43.17 7.47
C LYS A 40 48.50 41.71 7.27
N LYS A 41 49.32 40.81 7.74
CA LYS A 41 49.10 39.41 7.42
C LYS A 41 48.22 38.79 8.49
N PRO A 42 47.43 37.77 8.16
CA PRO A 42 46.63 37.13 9.20
C PRO A 42 47.51 36.43 10.22
N HIS A 43 47.12 36.56 11.48
CA HIS A 43 47.79 35.84 12.54
C HIS A 43 47.58 34.36 12.34
N ARG A 44 48.66 33.59 12.50
CA ARG A 44 48.64 32.18 12.14
C ARG A 44 49.43 31.38 13.15
N TYR A 45 48.75 30.44 13.78
CA TYR A 45 49.40 29.55 14.73
C TYR A 45 50.16 28.47 13.98
N ARG A 46 51.22 27.96 14.60
CA ARG A 46 52.00 26.90 13.98
C ARG A 46 51.27 25.57 14.04
N PRO A 47 51.58 24.64 13.15
CA PRO A 47 50.89 23.35 13.19
C PRO A 47 51.19 22.61 14.47
N GLY A 48 50.12 22.13 15.09
CA GLY A 48 50.19 21.37 16.31
C GLY A 48 49.59 22.09 17.49
N THR A 49 49.77 23.40 17.56
CA THR A 49 49.34 24.14 18.74
C THR A 49 47.83 24.05 18.92
N VAL A 50 47.08 24.27 17.84
CA VAL A 50 45.62 24.30 17.99
C VAL A 50 45.12 22.91 18.32
N ALA A 51 45.80 21.88 17.84
CA ALA A 51 45.43 20.54 18.22
C ALA A 51 45.58 20.36 19.72
N LEU A 52 46.67 20.87 20.26
CA LEU A 52 46.89 20.78 21.69
C LEU A 52 45.82 21.54 22.44
N ARG A 53 45.44 22.70 21.92
CA ARG A 53 44.40 23.48 22.56
C ARG A 53 43.12 22.68 22.58
N GLU A 54 42.85 21.97 21.49
CA GLU A 54 41.66 21.15 21.43
C GLU A 54 41.75 20.03 22.45
N ILE A 55 42.97 19.54 22.68
CA ILE A 55 43.12 18.45 23.63
C ILE A 55 42.69 18.93 24.99
N ARG A 56 43.24 20.05 25.40
CA ARG A 56 42.98 20.50 26.76
C ARG A 56 41.52 20.85 26.92
N ARG A 57 40.94 21.49 25.90
CA ARG A 57 39.57 21.94 26.02
C ARG A 57 38.63 20.75 26.12
N TYR A 58 38.84 19.74 25.29
CA TYR A 58 37.91 18.62 25.33
C TYR A 58 38.17 17.72 26.50
N GLN A 59 39.38 17.67 27.00
CA GLN A 59 39.63 16.84 28.15
C GLN A 59 39.07 17.45 29.41
N LYS A 60 38.96 18.76 29.43
CA LYS A 60 38.46 19.39 30.65
C LYS A 60 36.96 19.24 30.78
N SER A 61 36.27 19.03 29.67
CA SER A 61 34.82 18.96 29.66
C SER A 61 34.41 17.52 29.43
N THR A 62 33.11 17.32 29.36
CA THR A 62 32.55 16.00 29.29
C THR A 62 31.41 15.84 28.31
N GLU A 63 30.99 16.90 27.66
CA GLU A 63 29.83 16.78 26.79
C GLU A 63 30.14 15.85 25.65
N LEU A 64 29.10 15.22 25.14
CA LEU A 64 29.27 14.30 24.04
C LEU A 64 29.65 15.05 22.79
N LEU A 65 30.50 14.43 21.99
CA LEU A 65 31.06 15.05 20.82
C LEU A 65 30.31 14.75 19.55
N ILE A 66 29.65 13.61 19.49
CA ILE A 66 28.89 13.23 18.31
C ILE A 66 27.46 13.68 18.47
N ARG A 67 26.86 14.06 17.36
CA ARG A 67 25.51 14.57 17.35
C ARG A 67 24.51 13.44 17.49
N LYS A 68 23.34 13.73 18.09
CA LYS A 68 22.38 12.67 18.36
C LYS A 68 21.84 12.06 17.07
N LEU A 69 21.37 12.90 16.16
CA LEU A 69 20.53 12.44 15.07
C LEU A 69 21.23 11.43 14.16
N PRO A 70 22.43 11.68 13.66
CA PRO A 70 23.08 10.70 12.79
C PRO A 70 23.26 9.38 13.48
N PHE A 71 23.58 9.43 14.76
CA PHE A 71 23.77 8.21 15.51
C PHE A 71 22.46 7.47 15.60
N GLN A 72 21.37 8.22 15.76
CA GLN A 72 20.06 7.60 15.80
C GLN A 72 19.78 6.89 14.50
N ARG A 73 20.09 7.56 13.40
CA ARG A 73 19.77 6.97 12.10
C ARG A 73 20.62 5.73 11.87
N LEU A 74 21.86 5.74 12.34
CA LEU A 74 22.75 4.61 12.15
C LEU A 74 22.23 3.40 12.89
N VAL A 75 21.89 3.61 14.16
CA VAL A 75 21.37 2.53 14.95
C VAL A 75 20.10 2.01 14.33
N ARG A 76 19.25 2.92 13.84
CA ARG A 76 17.97 2.48 13.32
C ARG A 76 18.16 1.62 12.09
N GLU A 77 19.11 1.99 11.25
CA GLU A 77 19.35 1.22 10.03
C GLU A 77 19.84 -0.18 10.37
N ILE A 78 20.81 -0.25 11.27
CA ILE A 78 21.39 -1.55 11.57
C ILE A 78 20.37 -2.43 12.24
N ALA A 79 19.55 -1.83 13.09
CA ALA A 79 18.55 -2.64 13.77
C ALA A 79 17.51 -3.12 12.81
N GLN A 80 17.19 -2.29 11.81
CA GLN A 80 16.20 -2.68 10.82
C GLN A 80 16.67 -3.91 10.07
N ASP A 81 17.98 -4.03 9.85
CA ASP A 81 18.44 -5.21 9.10
C ASP A 81 18.35 -6.50 9.90
N PHE A 82 18.20 -6.46 11.22
CA PHE A 82 18.03 -7.67 12.02
C PHE A 82 16.57 -7.95 12.31
N LYS A 83 15.83 -6.93 12.70
CA LYS A 83 14.42 -7.06 12.96
C LYS A 83 13.76 -5.77 12.55
N THR A 84 12.52 -5.88 12.12
CA THR A 84 11.86 -4.76 11.46
C THR A 84 11.06 -3.94 12.46
N ASP A 85 10.74 -2.72 12.06
CA ASP A 85 9.89 -1.75 12.78
C ASP A 85 10.16 -1.68 14.28
N LEU A 86 11.41 -1.80 14.68
CA LEU A 86 11.76 -1.60 16.06
C LEU A 86 11.73 -0.13 16.43
N ARG A 87 11.55 0.12 17.71
CA ARG A 87 11.62 1.46 18.28
C ARG A 87 12.70 1.48 19.35
N PHE A 88 13.18 2.69 19.63
CA PHE A 88 14.26 2.88 20.57
C PHE A 88 13.94 4.01 21.53
N GLN A 89 14.11 3.76 22.82
CA GLN A 89 14.05 4.84 23.80
C GLN A 89 15.27 5.73 23.65
N SER A 90 15.10 6.98 24.05
CA SER A 90 16.17 7.95 23.88
C SER A 90 17.38 7.59 24.73
N SER A 91 17.13 7.17 25.96
CA SER A 91 18.22 6.87 26.86
C SER A 91 19.05 5.70 26.38
N ALA A 92 18.45 4.76 25.65
CA ALA A 92 19.24 3.67 25.10
C ALA A 92 20.24 4.20 24.08
N VAL A 93 19.79 5.14 23.26
CA VAL A 93 20.68 5.73 22.28
C VAL A 93 21.78 6.47 22.99
N MET A 94 21.43 7.16 24.08
CA MET A 94 22.45 7.88 24.83
C MET A 94 23.47 6.92 25.40
N ALA A 95 23.01 5.78 25.89
CA ALA A 95 23.92 4.83 26.51
C ALA A 95 24.86 4.26 25.46
N LEU A 96 24.33 3.97 24.27
CA LEU A 96 25.19 3.47 23.22
C LEU A 96 26.21 4.52 22.85
N GLN A 97 25.79 5.77 22.88
CA GLN A 97 26.70 6.83 22.51
C GLN A 97 27.85 6.90 23.50
N GLU A 98 27.54 6.79 24.78
CA GLU A 98 28.57 6.84 25.80
C GLU A 98 29.52 5.67 25.65
N ALA A 99 28.97 4.48 25.43
CA ALA A 99 29.81 3.30 25.32
C ALA A 99 30.73 3.40 24.13
N CYS A 100 30.20 3.82 22.99
CA CYS A 100 31.00 3.92 21.78
C CYS A 100 32.12 4.92 21.96
N GLU A 101 31.80 6.10 22.50
CA GLU A 101 32.84 7.10 22.64
C GLU A 101 33.92 6.65 23.61
N ALA A 102 33.54 5.99 24.70
CA ALA A 102 34.55 5.53 25.64
C ALA A 102 35.44 4.48 24.99
N TYR A 103 34.83 3.58 24.22
CA TYR A 103 35.58 2.55 23.55
C TYR A 103 36.57 3.15 22.58
N LEU A 104 36.09 4.09 21.77
CA LEU A 104 36.97 4.70 20.79
C LEU A 104 38.09 5.45 21.46
N VAL A 105 37.79 6.11 22.57
CA VAL A 105 38.82 6.85 23.27
C VAL A 105 39.92 5.91 23.73
N GLY A 106 39.53 4.79 24.32
CA GLY A 106 40.52 3.82 24.75
C GLY A 106 41.33 3.28 23.59
N LEU A 107 40.67 3.10 22.45
CA LEU A 107 41.37 2.52 21.32
C LEU A 107 42.37 3.48 20.77
N PHE A 108 42.00 4.75 20.67
CA PHE A 108 42.96 5.72 20.19
C PHE A 108 44.11 5.86 21.17
N GLU A 109 43.85 5.66 22.46
CA GLU A 109 44.94 5.73 23.43
C GLU A 109 45.97 4.65 23.17
N ASP A 110 45.51 3.40 23.08
CA ASP A 110 46.44 2.32 22.78
C ASP A 110 47.09 2.50 21.42
N THR A 111 46.34 3.05 20.47
CA THR A 111 46.88 3.31 19.16
C THR A 111 48.03 4.27 19.26
N ASN A 112 47.86 5.33 20.04
CA ASN A 112 48.89 6.34 20.15
C ASN A 112 50.13 5.76 20.79
N LEU A 113 49.93 4.87 21.76
CA LEU A 113 51.11 4.25 22.36
C LEU A 113 51.84 3.41 21.34
N CYS A 114 51.12 2.61 20.57
CA CYS A 114 51.78 1.79 19.57
C CYS A 114 52.50 2.67 18.57
N ALA A 115 51.93 3.82 18.27
CA ALA A 115 52.56 4.73 17.34
C ALA A 115 53.85 5.25 17.90
N ILE A 116 53.82 5.67 19.15
CA ILE A 116 55.01 6.18 19.78
C ILE A 116 56.09 5.11 19.82
N HIS A 117 55.67 3.86 19.87
CA HIS A 117 56.63 2.77 19.93
C HIS A 117 57.47 2.70 18.67
N ALA A 118 56.90 3.08 17.56
CA ALA A 118 57.59 3.04 16.27
C ALA A 118 58.26 4.35 15.92
N LYS A 119 58.51 5.21 16.89
CA LYS A 119 59.20 6.48 16.66
C LYS A 119 58.44 7.38 15.70
N ARG A 120 57.13 7.25 15.67
CA ARG A 120 56.28 8.11 14.88
C ARG A 120 55.37 8.91 15.79
N VAL A 121 54.68 9.85 15.17
CA VAL A 121 53.68 10.67 15.81
C VAL A 121 52.36 10.58 15.11
N THR A 122 52.34 10.02 13.91
CA THR A 122 51.13 9.88 13.11
C THR A 122 50.58 8.47 13.28
N ILE A 123 49.38 8.38 13.76
CA ILE A 123 48.75 7.08 13.83
C ILE A 123 48.40 6.65 12.42
N MET A 124 48.38 5.35 12.18
CA MET A 124 48.02 4.78 10.90
C MET A 124 47.18 3.55 11.11
N PRO A 125 46.52 3.07 10.07
CA PRO A 125 45.61 1.94 10.22
C PRO A 125 46.25 0.73 10.82
N LYS A 126 47.49 0.46 10.47
CA LYS A 126 48.11 -0.74 10.99
C LYS A 126 48.26 -0.65 12.50
N ASP A 127 48.41 0.55 13.04
CA ASP A 127 48.44 0.70 14.50
C ASP A 127 47.12 0.28 15.11
N ILE A 128 46.02 0.75 14.55
CA ILE A 128 44.72 0.39 15.05
C ILE A 128 44.55 -1.11 14.95
N GLN A 129 45.00 -1.69 13.84
CA GLN A 129 44.87 -3.12 13.66
C GLN A 129 45.68 -3.85 14.71
N LEU A 130 46.83 -3.29 15.06
CA LEU A 130 47.68 -3.92 16.05
C LEU A 130 47.02 -3.91 17.41
N ALA A 131 46.46 -2.77 17.77
CA ALA A 131 45.84 -2.65 19.07
C ALA A 131 44.65 -3.58 19.19
N ARG A 132 43.77 -3.56 18.19
CA ARG A 132 42.61 -4.41 18.24
C ARG A 132 43.00 -5.88 18.22
N ARG A 133 44.08 -6.21 17.51
CA ARG A 133 44.47 -7.61 17.45
C ARG A 133 45.00 -8.05 18.79
N ILE A 134 45.63 -7.14 19.52
CA ILE A 134 46.16 -7.53 20.80
C ILE A 134 45.05 -7.65 21.83
N ARG A 135 44.07 -6.75 21.81
CA ARG A 135 42.97 -6.90 22.76
C ARG A 135 42.16 -8.16 22.50
N GLY A 136 42.23 -8.71 21.30
CA GLY A 136 41.37 -9.81 20.91
C GLY A 136 40.04 -9.40 20.31
N GLU A 137 39.83 -8.11 20.06
CA GLU A 137 38.62 -7.61 19.40
C GLU A 137 38.75 -7.77 17.90
N ARG A 138 38.77 -9.03 17.47
CA ARG A 138 39.33 -9.37 16.17
C ARG A 138 38.52 -8.77 15.02
N ALA A 139 37.25 -9.18 14.91
CA ALA A 139 36.32 -8.92 13.76
C ALA A 139 36.29 -9.84 12.54
N ARG B 21 19.16 14.72 -8.65
CA ARG B 21 20.05 15.01 -7.53
C ARG B 21 20.45 13.73 -6.81
N HIS B 22 21.65 13.76 -6.23
CA HIS B 22 22.20 12.63 -5.48
C HIS B 22 22.80 13.17 -4.19
N ARG B 23 22.06 13.06 -3.09
CA ARG B 23 22.58 13.36 -1.77
C ARG B 23 22.67 12.12 -0.88
N LYS B 24 21.53 11.51 -0.54
CA LYS B 24 21.46 10.27 0.25
C LYS B 24 22.44 10.34 1.42
N VAL B 25 22.19 11.21 2.41
CA VAL B 25 23.21 12.16 2.86
C VAL B 25 24.56 11.51 3.05
N LEU B 26 25.40 11.72 2.05
CA LEU B 26 26.79 11.30 1.91
C LEU B 26 26.99 9.79 1.85
N ARG B 27 26.12 9.02 2.52
CA ARG B 27 25.74 7.67 2.13
C ARG B 27 24.40 7.26 2.74
N ASP B 28 23.71 8.19 3.40
CA ASP B 28 22.56 7.88 4.25
C ASP B 28 22.94 6.92 5.38
N ASN B 29 24.18 6.97 5.81
CA ASN B 29 24.77 5.93 6.63
C ASN B 29 25.87 6.50 7.52
N ILE B 30 26.77 5.64 8.00
CA ILE B 30 27.87 5.98 8.87
C ILE B 30 28.64 7.21 8.44
N GLN B 31 28.64 7.54 7.16
CA GLN B 31 29.40 8.70 6.74
C GLN B 31 28.85 10.00 7.28
N GLY B 32 27.67 9.98 7.92
CA GLY B 32 27.27 11.13 8.71
C GLY B 32 28.08 11.32 9.97
N ILE B 33 28.88 10.31 10.35
CA ILE B 33 29.82 10.43 11.45
C ILE B 33 31.01 11.15 10.86
N THR B 34 30.95 12.46 10.94
CA THR B 34 31.82 13.28 10.14
C THR B 34 33.24 13.29 10.66
N LYS B 35 34.15 13.60 9.75
CA LYS B 35 35.57 13.66 10.03
C LYS B 35 35.90 14.47 11.27
N PRO B 36 35.55 15.74 11.38
CA PRO B 36 35.95 16.52 12.55
C PRO B 36 35.44 15.97 13.85
N ALA B 37 34.36 15.20 13.81
CA ALA B 37 33.94 14.56 15.04
C ALA B 37 34.93 13.48 15.45
N ILE B 38 35.40 12.69 14.50
CA ILE B 38 36.43 11.71 14.81
C ILE B 38 37.68 12.42 15.26
N ARG B 39 37.95 13.59 14.70
CA ARG B 39 39.12 14.34 15.10
C ARG B 39 39.00 14.71 16.56
N ARG B 40 37.83 15.18 16.96
CA ARG B 40 37.62 15.55 18.35
C ARG B 40 37.80 14.33 19.23
N LEU B 41 37.31 13.19 18.77
CA LEU B 41 37.45 11.99 19.56
C LEU B 41 38.90 11.63 19.75
N ALA B 42 39.68 11.74 18.69
CA ALA B 42 41.10 11.42 18.81
C ALA B 42 41.77 12.43 19.70
N ARG B 43 41.23 13.65 19.72
CA ARG B 43 41.80 14.65 20.58
C ARG B 43 41.60 14.27 22.03
N ARG B 44 40.49 13.65 22.33
CA ARG B 44 40.28 13.22 23.71
C ARG B 44 41.31 12.19 24.14
N GLY B 45 41.77 11.39 23.21
CA GLY B 45 42.77 10.41 23.53
C GLY B 45 44.16 10.92 23.57
N GLY B 46 44.35 12.21 23.40
CA GLY B 46 45.64 12.82 23.50
C GLY B 46 46.42 12.88 22.22
N VAL B 47 45.82 12.52 21.13
CA VAL B 47 46.50 12.44 19.86
C VAL B 47 46.58 13.81 19.23
N LYS B 48 47.65 14.03 18.48
CA LYS B 48 47.92 15.31 17.87
C LYS B 48 47.77 15.32 16.36
N ARG B 49 48.12 14.23 15.69
CA ARG B 49 48.24 14.23 14.23
C ARG B 49 47.73 12.94 13.64
N ILE B 50 46.78 13.05 12.70
CA ILE B 50 46.04 11.91 12.19
C ILE B 50 46.18 11.82 10.68
N SER B 51 46.26 10.60 10.18
CA SER B 51 46.36 10.35 8.76
C SER B 51 44.99 10.26 8.11
N GLY B 52 45.00 10.46 6.81
CA GLY B 52 43.76 10.55 6.07
C GLY B 52 43.04 9.23 5.91
N LEU B 53 43.74 8.13 6.08
CA LEU B 53 43.11 6.82 5.94
C LEU B 53 42.46 6.32 7.21
N ILE B 54 42.70 6.98 8.33
CA ILE B 54 42.20 6.51 9.61
C ILE B 54 40.69 6.44 9.60
N TYR B 55 40.08 7.50 9.09
CA TYR B 55 38.66 7.73 9.29
C TYR B 55 37.84 6.51 8.92
N GLU B 56 37.97 6.07 7.67
CA GLU B 56 37.18 4.95 7.19
C GLU B 56 37.38 3.72 8.06
N GLU B 57 38.62 3.42 8.43
CA GLU B 57 38.85 2.22 9.19
C GLU B 57 38.13 2.30 10.53
N THR B 58 38.22 3.46 11.16
CA THR B 58 37.57 3.64 12.44
C THR B 58 36.09 3.39 12.32
N ARG B 59 35.50 3.90 11.23
CA ARG B 59 34.08 3.71 11.03
C ARG B 59 33.74 2.24 10.99
N GLY B 60 34.50 1.46 10.22
CA GLY B 60 34.25 0.04 10.16
C GLY B 60 34.33 -0.57 11.53
N VAL B 61 35.34 -0.16 12.30
CA VAL B 61 35.53 -0.71 13.62
C VAL B 61 34.31 -0.40 14.46
N LEU B 62 33.86 0.83 14.39
CA LEU B 62 32.70 1.25 15.17
C LEU B 62 31.53 0.37 14.83
N LYS B 63 31.33 0.14 13.54
CA LYS B 63 30.16 -0.61 13.11
C LYS B 63 30.15 -1.97 13.74
N VAL B 64 31.32 -2.63 13.73
CA VAL B 64 31.41 -3.97 14.25
C VAL B 64 31.00 -3.97 15.70
N PHE B 65 31.56 -3.03 16.47
CA PHE B 65 31.25 -2.95 17.88
C PHE B 65 29.76 -2.81 18.07
N LEU B 66 29.18 -1.84 17.37
CA LEU B 66 27.77 -1.59 17.53
C LEU B 66 26.97 -2.81 17.17
N GLU B 67 27.38 -3.46 16.07
CA GLU B 67 26.64 -4.61 15.57
C GLU B 67 26.49 -5.62 16.67
N ASN B 68 27.62 -5.98 17.29
CA ASN B 68 27.59 -7.04 18.27
C ASN B 68 26.66 -6.64 19.40
N VAL B 69 26.84 -5.43 19.90
CA VAL B 69 26.07 -5.03 21.06
C VAL B 69 24.61 -4.98 20.70
N ILE B 70 24.30 -4.40 19.55
CA ILE B 70 22.90 -4.22 19.20
C ILE B 70 22.26 -5.56 19.03
N ARG B 71 23.00 -6.51 18.46
CA ARG B 71 22.46 -7.84 18.25
C ARG B 71 22.00 -8.39 19.57
N ASP B 72 22.88 -8.31 20.55
CA ASP B 72 22.56 -8.86 21.85
C ASP B 72 21.38 -8.13 22.44
N ALA B 73 21.35 -6.81 22.27
CA ALA B 73 20.27 -6.05 22.85
C ALA B 73 18.97 -6.47 22.24
N VAL B 74 18.97 -6.61 20.92
CA VAL B 74 17.74 -6.97 20.25
C VAL B 74 17.30 -8.33 20.70
N THR B 75 18.27 -9.20 20.96
CA THR B 75 17.93 -10.54 21.40
C THR B 75 17.24 -10.49 22.75
N TYR B 76 17.75 -9.67 23.67
CA TYR B 76 17.09 -9.52 24.95
C TYR B 76 15.69 -9.00 24.73
N THR B 77 15.56 -8.09 23.78
CA THR B 77 14.28 -7.50 23.49
C THR B 77 13.34 -8.56 22.98
N GLU B 78 13.87 -9.47 22.18
CA GLU B 78 13.01 -10.47 21.58
C GLU B 78 12.49 -11.45 22.62
N HIS B 79 13.22 -11.60 23.73
CA HIS B 79 12.81 -12.58 24.70
C HIS B 79 11.58 -12.14 25.46
N ALA B 80 11.39 -10.84 25.64
CA ALA B 80 10.28 -10.31 26.40
C ALA B 80 9.05 -9.99 25.56
N LYS B 81 9.09 -10.32 24.28
CA LYS B 81 7.95 -10.09 23.41
C LYS B 81 7.58 -8.62 23.31
N ARG B 82 8.59 -7.78 23.28
CA ARG B 82 8.43 -6.35 23.10
C ARG B 82 8.92 -5.95 21.72
N LYS B 83 8.51 -4.75 21.33
CA LYS B 83 8.97 -4.12 20.12
C LYS B 83 9.73 -2.84 20.42
N THR B 84 9.98 -2.56 21.70
CA THR B 84 10.74 -1.41 22.13
C THR B 84 12.01 -1.90 22.81
N VAL B 85 13.15 -1.42 22.36
CA VAL B 85 14.41 -1.76 23.00
C VAL B 85 14.61 -0.80 24.14
N THR B 86 14.81 -1.34 25.33
CA THR B 86 15.02 -0.54 26.51
C THR B 86 16.49 -0.36 26.78
N ALA B 87 16.76 0.58 27.66
CA ALA B 87 18.13 0.83 28.08
C ALA B 87 18.73 -0.39 28.73
N MET B 88 17.93 -1.13 29.49
CA MET B 88 18.44 -2.26 30.24
C MET B 88 19.05 -3.28 29.31
N ASP B 89 18.45 -3.45 28.14
CA ASP B 89 18.99 -4.41 27.20
C ASP B 89 20.36 -3.98 26.74
N VAL B 90 20.54 -2.69 26.55
CA VAL B 90 21.83 -2.21 26.11
C VAL B 90 22.86 -2.44 27.21
N VAL B 91 22.46 -2.18 28.44
CA VAL B 91 23.37 -2.36 29.56
C VAL B 91 23.86 -3.80 29.61
N TYR B 92 22.92 -4.74 29.58
CA TYR B 92 23.31 -6.13 29.72
C TYR B 92 24.17 -6.56 28.55
N ALA B 93 23.78 -6.15 27.36
CA ALA B 93 24.55 -6.56 26.19
C ALA B 93 25.95 -6.02 26.27
N LEU B 94 26.10 -4.86 26.88
CA LEU B 94 27.43 -4.33 27.04
C LEU B 94 28.18 -5.08 28.13
N LYS B 95 27.45 -5.56 29.13
CA LYS B 95 28.11 -6.21 30.25
C LYS B 95 28.70 -7.52 29.83
N ARG B 96 28.04 -8.22 28.93
CA ARG B 96 28.56 -9.51 28.54
C ARG B 96 29.85 -9.37 27.75
N GLN B 97 30.09 -8.24 27.10
CA GLN B 97 31.32 -8.01 26.37
C GLN B 97 32.42 -7.43 27.25
N GLY B 98 32.19 -7.34 28.56
CA GLY B 98 33.19 -6.79 29.44
C GLY B 98 33.35 -5.30 29.34
N ARG B 99 32.29 -4.59 28.99
CA ARG B 99 32.27 -3.14 28.90
C ARG B 99 31.09 -2.61 29.67
N THR B 100 30.95 -3.04 30.91
CA THR B 100 29.83 -2.65 31.75
C THR B 100 29.69 -1.14 31.80
N LEU B 101 28.46 -0.69 31.79
CA LEU B 101 28.13 0.70 31.75
C LEU B 101 27.32 1.07 32.97
N TYR B 102 27.67 2.19 33.56
CA TYR B 102 27.03 2.73 34.74
C TYR B 102 26.28 3.99 34.37
N GLY B 103 25.19 4.23 35.08
CA GLY B 103 24.49 5.50 35.03
C GLY B 103 23.20 5.48 34.28
N PHE B 104 22.78 4.33 33.79
CA PHE B 104 21.50 4.18 33.13
C PHE B 104 20.71 3.00 33.69
N GLY B 105 20.97 2.64 34.93
CA GLY B 105 20.21 1.59 35.57
C GLY B 105 20.85 0.25 35.35
N GLY B 106 21.45 -0.31 36.41
CA GLY B 106 22.02 -1.65 36.34
C GLY B 106 23.53 -1.64 36.24
N LYS C 13 -1.69 -51.76 39.18
CA LYS C 13 -0.57 -51.12 38.50
C LYS C 13 -0.20 -51.89 37.25
N ALA C 14 0.58 -51.24 36.39
CA ALA C 14 1.14 -51.85 35.19
C ALA C 14 2.65 -51.76 35.13
N ARG C 15 3.22 -50.60 35.49
CA ARG C 15 4.67 -50.41 35.53
C ARG C 15 5.28 -50.70 34.16
N ALA C 16 4.94 -49.83 33.22
CA ALA C 16 5.58 -49.90 31.92
C ALA C 16 7.08 -49.76 32.09
N LYS C 17 7.83 -50.47 31.27
CA LYS C 17 9.26 -50.53 31.50
C LYS C 17 9.90 -49.20 31.10
N ALA C 18 10.85 -48.75 31.90
CA ALA C 18 11.35 -47.41 31.77
C ALA C 18 12.44 -47.36 30.72
N LYS C 19 12.18 -46.60 29.68
CA LYS C 19 13.20 -46.19 28.74
C LYS C 19 13.71 -44.82 29.15
N THR C 20 14.95 -44.53 28.77
CA THR C 20 15.54 -43.27 29.18
C THR C 20 14.98 -42.12 28.38
N ARG C 21 15.07 -40.95 28.97
CA ARG C 21 14.67 -39.76 28.25
C ARG C 21 15.59 -39.52 27.06
N SER C 22 16.85 -39.88 27.21
CA SER C 22 17.78 -39.80 26.10
C SER C 22 17.27 -40.60 24.93
N SER C 23 16.81 -41.82 25.20
CA SER C 23 16.35 -42.70 24.14
C SER C 23 15.11 -42.12 23.48
N ARG C 24 14.27 -41.42 24.23
CA ARG C 24 13.16 -40.71 23.62
C ARG C 24 13.68 -39.61 22.72
N ALA C 25 14.80 -39.03 23.11
CA ALA C 25 15.37 -37.95 22.34
C ALA C 25 16.17 -38.44 21.17
N GLY C 26 16.55 -39.70 21.16
CA GLY C 26 17.42 -40.16 20.12
C GLY C 26 18.81 -39.60 20.27
N LEU C 27 19.20 -39.29 21.50
CA LEU C 27 20.51 -38.75 21.79
C LEU C 27 21.35 -39.74 22.55
N GLN C 28 22.62 -39.41 22.63
CA GLN C 28 23.56 -40.19 23.40
C GLN C 28 23.95 -39.52 24.68
N PHE C 29 23.99 -38.19 24.70
CA PHE C 29 24.24 -37.52 25.95
C PHE C 29 23.07 -37.75 26.88
N PRO C 30 23.29 -37.62 28.17
CA PRO C 30 22.23 -37.87 29.13
C PRO C 30 21.39 -36.63 29.32
N VAL C 31 20.33 -36.82 30.06
CA VAL C 31 19.35 -35.77 30.32
C VAL C 31 19.20 -35.66 31.82
N GLY C 32 19.04 -36.80 32.48
CA GLY C 32 18.70 -36.77 33.89
C GLY C 32 19.81 -36.16 34.70
N ARG C 33 21.04 -36.48 34.35
CA ARG C 33 22.15 -35.93 35.08
C ARG C 33 22.20 -34.43 34.89
N VAL C 34 21.83 -33.96 33.71
CA VAL C 34 21.80 -32.52 33.48
C VAL C 34 20.72 -31.88 34.32
N HIS C 35 19.59 -32.58 34.47
CA HIS C 35 18.49 -32.04 35.25
C HIS C 35 18.92 -31.88 36.69
N ARG C 36 19.63 -32.88 37.20
CA ARG C 36 20.13 -32.78 38.56
C ARG C 36 21.10 -31.63 38.70
N LEU C 37 21.96 -31.48 37.70
CA LEU C 37 22.97 -30.44 37.81
C LEU C 37 22.34 -29.06 37.71
N LEU C 38 21.18 -28.94 37.09
CA LEU C 38 20.52 -27.65 37.07
C LEU C 38 19.78 -27.38 38.35
N ARG C 39 19.28 -28.42 39.02
CA ARG C 39 18.61 -28.17 40.28
C ARG C 39 19.62 -27.82 41.36
N LYS C 40 20.76 -28.50 41.40
CA LYS C 40 21.84 -28.16 42.31
C LYS C 40 22.82 -27.28 41.58
N GLY C 41 22.92 -26.03 41.97
CA GLY C 41 23.77 -25.09 41.27
C GLY C 41 23.21 -23.70 41.22
N ASN C 42 22.05 -23.50 41.80
CA ASN C 42 21.55 -22.18 42.08
C ASN C 42 21.37 -21.38 40.81
N TYR C 43 20.86 -22.03 39.80
CA TYR C 43 20.58 -21.38 38.54
C TYR C 43 19.16 -20.89 38.42
N SER C 44 18.23 -21.59 39.04
CA SER C 44 16.86 -21.14 39.11
C SER C 44 16.11 -22.00 40.10
N GLU C 45 14.99 -21.49 40.58
CA GLU C 45 14.19 -22.24 41.54
C GLU C 45 13.64 -23.51 40.92
N ARG C 46 13.11 -23.39 39.71
CA ARG C 46 12.47 -24.52 39.04
C ARG C 46 12.93 -24.60 37.60
N VAL C 47 12.88 -25.82 37.06
CA VAL C 47 13.40 -26.10 35.74
C VAL C 47 12.37 -26.87 34.97
N GLY C 48 12.22 -26.50 33.71
CA GLY C 48 11.23 -27.12 32.87
C GLY C 48 11.79 -28.29 32.11
N ALA C 49 10.88 -29.16 31.69
CA ALA C 49 11.29 -30.45 31.14
C ALA C 49 12.02 -30.29 29.82
N GLY C 50 11.70 -29.25 29.08
CA GLY C 50 12.27 -29.14 27.76
C GLY C 50 13.71 -28.70 27.74
N ALA C 51 14.11 -27.89 28.72
CA ALA C 51 15.45 -27.31 28.72
C ALA C 51 16.56 -28.33 28.59
N PRO C 52 16.66 -29.32 29.46
CA PRO C 52 17.82 -30.19 29.42
C PRO C 52 17.94 -30.95 28.12
N VAL C 53 16.84 -31.23 27.45
CA VAL C 53 16.95 -31.91 26.15
C VAL C 53 17.63 -30.97 25.17
N TYR C 54 17.24 -29.71 25.20
CA TYR C 54 17.80 -28.73 24.28
C TYR C 54 19.29 -28.59 24.54
N LEU C 55 19.62 -28.47 25.81
CA LEU C 55 21.01 -28.26 26.19
C LEU C 55 21.84 -29.48 25.84
N ALA C 56 21.26 -30.66 26.04
CA ALA C 56 21.96 -31.89 25.73
C ALA C 56 22.26 -31.97 24.26
N ALA C 57 21.29 -31.61 23.44
CA ALA C 57 21.51 -31.67 22.00
C ALA C 57 22.60 -30.71 21.62
N VAL C 58 22.65 -29.55 22.26
CA VAL C 58 23.67 -28.58 21.93
C VAL C 58 25.04 -29.14 22.28
N LEU C 59 25.14 -29.77 23.43
CA LEU C 59 26.41 -30.33 23.85
C LEU C 59 26.86 -31.43 22.90
N GLU C 60 25.94 -32.30 22.51
CA GLU C 60 26.31 -33.38 21.61
C GLU C 60 26.79 -32.83 20.29
N TYR C 61 26.07 -31.85 19.72
CA TYR C 61 26.46 -31.29 18.45
C TYR C 61 27.86 -30.70 18.51
N LEU C 62 28.12 -29.88 19.53
CA LEU C 62 29.44 -29.29 19.66
C LEU C 62 30.51 -30.36 19.79
N THR C 63 30.23 -31.38 20.59
CA THR C 63 31.20 -32.42 20.80
C THR C 63 31.50 -33.13 19.52
N ALA C 64 30.47 -33.36 18.71
CA ALA C 64 30.69 -34.06 17.45
C ALA C 64 31.52 -33.21 16.53
N GLU C 65 31.32 -31.90 16.56
CA GLU C 65 32.07 -31.04 15.67
C GLU C 65 33.55 -31.09 16.02
N ILE C 66 33.84 -31.00 17.31
CA ILE C 66 35.22 -30.97 17.75
C ILE C 66 35.91 -32.27 17.39
N LEU C 67 35.30 -33.38 17.75
CA LEU C 67 35.93 -34.66 17.47
C LEU C 67 36.07 -34.88 15.98
N GLU C 68 35.16 -34.35 15.18
CA GLU C 68 35.26 -34.52 13.73
C GLU C 68 36.52 -33.86 13.22
N LEU C 69 36.71 -32.59 13.57
CA LEU C 69 37.91 -31.90 13.14
C LEU C 69 39.16 -32.58 13.69
N ALA C 70 39.05 -33.15 14.88
CA ALA C 70 40.20 -33.81 15.47
C ALA C 70 40.57 -35.04 14.68
N GLY C 71 39.58 -35.84 14.34
CA GLY C 71 39.83 -37.02 13.56
C GLY C 71 40.41 -36.68 12.22
N ASN C 72 40.01 -35.54 11.66
CA ASN C 72 40.56 -35.15 10.37
C ASN C 72 42.03 -34.84 10.49
N ALA C 73 42.40 -34.05 11.50
CA ALA C 73 43.82 -33.78 11.72
C ALA C 73 44.57 -35.05 12.03
N ALA C 74 43.93 -35.98 12.72
CA ALA C 74 44.56 -37.23 13.08
C ALA C 74 44.95 -38.01 11.85
N ARG C 75 44.00 -38.16 10.94
CA ARG C 75 44.31 -38.83 9.68
C ARG C 75 45.39 -38.07 8.94
N ASP C 76 45.44 -36.76 9.10
CA ASP C 76 46.48 -36.00 8.40
C ASP C 76 47.86 -36.33 8.94
N ASN C 77 47.97 -36.63 10.23
CA ASN C 77 49.27 -36.99 10.80
C ASN C 77 49.44 -38.50 10.97
N LYS C 78 48.57 -39.30 10.35
CA LYS C 78 48.72 -40.75 10.31
C LYS C 78 48.69 -41.37 11.68
N LYS C 79 47.92 -40.79 12.59
CA LYS C 79 47.73 -41.34 13.92
C LYS C 79 46.27 -41.70 14.09
N THR C 80 46.03 -42.83 14.72
CA THR C 80 44.70 -43.38 14.86
C THR C 80 44.02 -43.00 16.16
N ARG C 81 44.77 -42.49 17.12
CA ARG C 81 44.26 -42.13 18.43
C ARG C 81 44.34 -40.63 18.63
N ILE C 82 43.26 -40.03 19.13
CA ILE C 82 43.20 -38.60 19.34
C ILE C 82 44.02 -38.23 20.56
N ILE C 83 44.90 -37.25 20.40
CA ILE C 83 45.62 -36.65 21.52
C ILE C 83 45.39 -35.15 21.55
N PRO C 84 45.61 -34.48 22.69
CA PRO C 84 45.22 -33.09 22.86
C PRO C 84 45.73 -32.13 21.82
N ARG C 85 46.93 -32.40 21.32
CA ARG C 85 47.50 -31.62 20.25
C ARG C 85 46.52 -31.47 19.11
N HIS C 86 45.86 -32.55 18.76
CA HIS C 86 44.91 -32.52 17.67
C HIS C 86 43.76 -31.58 17.99
N LEU C 87 43.35 -31.52 19.25
CA LEU C 87 42.23 -30.67 19.60
C LEU C 87 42.60 -29.22 19.45
N GLN C 88 43.81 -28.87 19.90
CA GLN C 88 44.23 -27.48 19.73
C GLN C 88 44.32 -27.14 18.25
N LEU C 89 44.80 -28.09 17.45
CA LEU C 89 44.90 -27.83 16.02
C LEU C 89 43.54 -27.61 15.43
N ALA C 90 42.56 -28.35 15.90
CA ALA C 90 41.21 -28.19 15.40
C ALA C 90 40.66 -26.84 15.77
N ILE C 91 40.82 -26.47 17.04
CA ILE C 91 40.18 -25.27 17.54
C ILE C 91 40.76 -24.04 16.84
N ARG C 92 42.08 -23.96 16.73
CA ARG C 92 42.62 -22.71 16.20
C ARG C 92 42.43 -22.59 14.71
N ASN C 93 42.13 -23.67 14.01
CA ASN C 93 41.98 -23.60 12.56
C ASN C 93 40.57 -23.29 12.11
N ASP C 94 39.60 -23.37 13.01
CA ASP C 94 38.22 -22.95 12.73
C ASP C 94 37.97 -21.61 13.38
N GLU C 95 37.52 -20.65 12.58
CA GLU C 95 37.40 -19.28 13.06
C GLU C 95 36.44 -19.19 14.23
N GLU C 96 35.32 -19.88 14.13
CA GLU C 96 34.25 -19.70 15.11
C GLU C 96 34.64 -20.29 16.45
N LEU C 97 35.20 -21.48 16.42
CA LEU C 97 35.63 -22.07 17.66
C LEU C 97 36.73 -21.23 18.30
N ASN C 98 37.61 -20.66 17.49
CA ASN C 98 38.68 -19.84 18.03
C ASN C 98 38.10 -18.63 18.73
N LYS C 99 37.00 -18.12 18.18
CA LYS C 99 36.32 -16.99 18.81
C LYS C 99 35.76 -17.41 20.14
N LEU C 100 35.16 -18.60 20.19
CA LEU C 100 34.56 -19.06 21.43
C LEU C 100 35.61 -19.21 22.52
N LEU C 101 36.77 -19.71 22.14
CA LEU C 101 37.80 -20.12 23.09
C LEU C 101 39.05 -19.27 22.93
N GLY C 102 38.84 -17.99 22.63
CA GLY C 102 39.95 -17.12 22.32
C GLY C 102 40.86 -16.85 23.50
N ARG C 103 40.33 -16.99 24.72
CA ARG C 103 41.09 -16.78 25.93
C ARG C 103 41.12 -18.04 26.76
N VAL C 104 41.32 -19.16 26.10
CA VAL C 104 41.37 -20.46 26.75
C VAL C 104 42.66 -21.17 26.37
N THR C 105 43.29 -21.77 27.35
CA THR C 105 44.55 -22.49 27.19
C THR C 105 44.28 -23.98 27.29
N ILE C 106 44.70 -24.70 26.27
CA ILE C 106 44.59 -26.14 26.26
C ILE C 106 45.90 -26.72 26.72
N ALA C 107 45.84 -27.59 27.70
CA ALA C 107 47.05 -28.16 28.23
C ALA C 107 47.65 -29.10 27.23
N GLN C 108 48.97 -29.11 27.19
CA GLN C 108 49.72 -29.96 26.27
C GLN C 108 49.33 -29.67 24.83
N GLY C 109 48.94 -28.44 24.54
CA GLY C 109 48.40 -28.12 23.23
C GLY C 109 49.37 -27.42 22.31
N GLY C 110 50.19 -26.57 22.87
CA GLY C 110 51.03 -25.82 22.00
C GLY C 110 50.22 -24.83 21.22
N VAL C 111 50.82 -24.39 20.12
CA VAL C 111 50.23 -23.39 19.25
C VAL C 111 50.39 -23.85 17.82
N LEU C 112 49.82 -23.07 16.93
CA LEU C 112 49.90 -23.38 15.53
C LEU C 112 51.28 -23.02 15.02
N PRO C 113 51.79 -23.74 14.03
CA PRO C 113 53.00 -23.28 13.36
C PRO C 113 52.73 -21.98 12.64
N ASN C 114 53.47 -20.95 13.00
CA ASN C 114 53.27 -19.68 12.34
C ASN C 114 54.47 -18.80 12.55
N ILE C 115 55.04 -18.38 11.44
CA ILE C 115 56.13 -17.43 11.41
C ILE C 115 55.68 -16.29 10.53
N GLN C 116 55.87 -15.08 11.02
CA GLN C 116 55.58 -13.92 10.21
C GLN C 116 56.50 -13.92 9.00
N ALA C 117 55.96 -13.55 7.86
CA ALA C 117 56.73 -13.64 6.61
C ALA C 117 57.98 -12.77 6.66
N VAL C 118 57.93 -11.66 7.39
CA VAL C 118 58.97 -10.66 7.27
C VAL C 118 60.29 -11.12 7.85
N LEU C 119 60.28 -11.93 8.90
CA LEU C 119 61.52 -12.22 9.58
C LEU C 119 62.29 -13.39 8.99
N LEU C 120 61.73 -14.08 8.04
CA LEU C 120 62.51 -15.09 7.34
C LEU C 120 63.60 -14.43 6.51
N PRO C 121 64.52 -15.20 5.96
CA PRO C 121 65.44 -14.64 4.97
C PRO C 121 64.81 -14.57 3.59
N LYS C 122 65.39 -13.70 2.77
CA LYS C 122 64.89 -13.45 1.43
C LYS C 122 65.06 -14.68 0.57
N LYS C 123 64.12 -14.88 -0.36
CA LYS C 123 64.18 -16.03 -1.26
C LYS C 123 65.39 -15.99 -2.19
N THR C 124 66.08 -14.86 -2.29
CA THR C 124 67.31 -14.78 -3.06
C THR C 124 68.42 -15.49 -2.30
N GLU C 125 68.32 -16.82 -2.22
CA GLU C 125 69.29 -17.67 -1.57
C GLU C 125 69.58 -18.77 -2.58
N SER C 126 70.46 -18.48 -3.52
CA SER C 126 70.76 -19.36 -4.64
C SER C 126 71.98 -18.79 -5.35
N HIS C 127 72.24 -19.30 -6.56
CA HIS C 127 73.21 -18.70 -7.47
C HIS C 127 73.05 -17.19 -7.57
N HIS C 128 74.14 -16.46 -7.37
CA HIS C 128 74.16 -15.00 -7.41
C HIS C 128 75.41 -14.50 -8.12
N LYS C 129 75.78 -15.18 -9.21
CA LYS C 129 76.96 -14.81 -9.98
C LYS C 129 76.73 -15.15 -11.45
N ARG D 33 37.85 -50.73 52.16
CA ARG D 33 36.65 -51.03 51.40
C ARG D 33 35.87 -49.75 51.07
N LYS D 34 36.08 -48.70 51.86
CA LYS D 34 35.43 -47.43 51.59
C LYS D 34 35.78 -46.95 50.19
N ARG D 35 34.77 -46.43 49.48
CA ARG D 35 34.99 -46.02 48.09
C ARG D 35 34.02 -44.92 47.68
N SER D 36 34.53 -43.98 46.88
CA SER D 36 33.80 -42.80 46.47
C SER D 36 33.19 -43.01 45.08
N ARG D 37 32.70 -41.93 44.48
CA ARG D 37 32.04 -42.00 43.18
C ARG D 37 32.12 -40.64 42.52
N LYS D 38 32.94 -40.54 41.48
CA LYS D 38 33.13 -39.30 40.72
C LYS D 38 32.51 -39.46 39.34
N GLU D 39 31.53 -38.62 39.04
CA GLU D 39 30.87 -38.71 37.74
C GLU D 39 31.57 -37.85 36.71
N SER D 40 31.40 -38.25 35.47
CA SER D 40 31.91 -37.49 34.35
C SER D 40 31.09 -37.80 33.13
N TYR D 41 31.42 -37.08 32.07
CA TYR D 41 30.76 -37.24 30.80
C TYR D 41 31.54 -38.14 29.85
N SER D 42 32.46 -38.97 30.38
CA SER D 42 33.38 -39.71 29.54
C SER D 42 32.67 -40.64 28.56
N ILE D 43 31.79 -41.49 29.09
CA ILE D 43 31.23 -42.57 28.29
C ILE D 43 30.43 -42.03 27.15
N TYR D 44 29.77 -40.90 27.36
CA TYR D 44 28.93 -40.35 26.32
C TYR D 44 29.78 -39.80 25.20
N VAL D 45 30.90 -39.19 25.56
CA VAL D 45 31.83 -38.73 24.56
C VAL D 45 32.33 -39.91 23.76
N TYR D 46 32.61 -41.02 24.43
CA TYR D 46 33.10 -42.20 23.73
C TYR D 46 32.08 -42.69 22.71
N LYS D 47 30.81 -42.73 23.12
CA LYS D 47 29.76 -43.12 22.19
C LYS D 47 29.78 -42.23 20.98
N VAL D 48 29.88 -40.93 21.19
CA VAL D 48 29.80 -40.01 20.08
C VAL D 48 30.97 -40.23 19.16
N LEU D 49 32.13 -40.49 19.74
CA LEU D 49 33.31 -40.67 18.94
C LEU D 49 33.16 -41.90 18.06
N LYS D 50 32.62 -42.97 18.61
CA LYS D 50 32.45 -44.17 17.78
C LYS D 50 31.38 -43.95 16.73
N GLN D 51 30.43 -43.07 17.00
CA GLN D 51 29.41 -42.80 16.00
C GLN D 51 30.02 -42.07 14.82
N VAL D 52 30.97 -41.18 15.07
CA VAL D 52 31.45 -40.32 14.00
C VAL D 52 32.69 -40.90 13.30
N HIS D 53 33.49 -41.67 14.01
CA HIS D 53 34.73 -42.23 13.44
C HIS D 53 34.99 -43.60 14.07
N PRO D 54 34.30 -44.64 13.60
CA PRO D 54 34.33 -45.94 14.27
C PRO D 54 35.70 -46.48 14.58
N ASP D 55 36.63 -46.30 13.68
CA ASP D 55 37.97 -46.85 13.85
C ASP D 55 38.92 -45.77 14.35
N THR D 56 38.64 -45.33 15.58
CA THR D 56 39.42 -44.27 16.17
C THR D 56 39.23 -44.31 17.67
N GLY D 57 40.30 -44.03 18.40
CA GLY D 57 40.29 -43.97 19.84
C GLY D 57 40.66 -42.59 20.34
N ILE D 58 40.82 -42.51 21.65
CA ILE D 58 41.11 -41.24 22.28
C ILE D 58 41.74 -41.51 23.63
N SER D 59 42.73 -40.70 23.98
CA SER D 59 43.45 -40.89 25.22
C SER D 59 42.71 -40.28 26.38
N SER D 60 43.22 -40.57 27.57
CA SER D 60 42.53 -40.15 28.77
C SER D 60 42.59 -38.64 28.93
N LYS D 61 43.75 -38.06 28.65
CA LYS D 61 43.92 -36.63 28.84
C LYS D 61 42.94 -35.85 28.00
N ALA D 62 42.78 -36.24 26.74
CA ALA D 62 41.83 -35.53 25.89
C ALA D 62 40.42 -35.73 26.41
N MET D 63 40.16 -36.88 27.01
CA MET D 63 38.84 -37.11 27.53
C MET D 63 38.58 -36.16 28.68
N GLY D 64 39.61 -35.95 29.49
CA GLY D 64 39.51 -34.97 30.56
C GLY D 64 39.28 -33.58 30.00
N ILE D 65 39.94 -33.27 28.88
CA ILE D 65 39.76 -31.97 28.26
C ILE D 65 38.32 -31.79 27.87
N MET D 66 37.75 -32.80 27.25
CA MET D 66 36.37 -32.70 26.82
C MET D 66 35.45 -32.57 28.00
N ASN D 67 35.81 -33.24 29.09
CA ASN D 67 35.00 -33.13 30.29
C ASN D 67 34.98 -31.69 30.79
N SER D 68 36.16 -31.09 30.87
CA SER D 68 36.24 -29.72 31.34
C SER D 68 35.48 -28.78 30.42
N PHE D 69 35.59 -29.03 29.12
CA PHE D 69 34.93 -28.18 28.13
C PHE D 69 33.43 -28.21 28.34
N VAL D 70 32.90 -29.40 28.51
CA VAL D 70 31.48 -29.55 28.68
C VAL D 70 31.02 -28.84 29.93
N ASN D 71 31.77 -29.01 31.01
CA ASN D 71 31.35 -28.36 32.25
C ASN D 71 31.38 -26.85 32.12
N ASP D 72 32.38 -26.32 31.43
CA ASP D 72 32.48 -24.87 31.26
C ASP D 72 31.30 -24.33 30.46
N ILE D 73 30.96 -24.98 29.33
CA ILE D 73 29.85 -24.48 28.53
C ILE D 73 28.55 -24.58 29.27
N PHE D 74 28.35 -25.68 29.99
CA PHE D 74 27.17 -25.82 30.80
C PHE D 74 27.04 -24.67 31.77
N GLU D 75 28.15 -24.32 32.43
CA GLU D 75 28.09 -23.26 33.42
C GLU D 75 27.76 -21.93 32.77
N ARG D 76 28.40 -21.60 31.65
CA ARG D 76 28.13 -20.33 31.00
C ARG D 76 26.67 -20.23 30.62
N ILE D 77 26.14 -21.27 30.00
CA ILE D 77 24.79 -21.17 29.47
C ILE D 77 23.79 -21.05 30.59
N ALA D 78 23.96 -21.86 31.63
CA ALA D 78 22.99 -21.80 32.71
C ALA D 78 23.07 -20.46 33.39
N GLY D 79 24.28 -19.95 33.59
CA GLY D 79 24.42 -18.65 34.25
C GLY D 79 23.74 -17.56 33.46
N GLU D 80 23.90 -17.60 32.13
CA GLU D 80 23.32 -16.57 31.31
C GLU D 80 21.81 -16.68 31.31
N ALA D 81 21.31 -17.91 31.30
CA ALA D 81 19.88 -18.11 31.35
C ALA D 81 19.31 -17.53 32.62
N SER D 82 20.00 -17.79 33.72
CA SER D 82 19.56 -17.28 34.99
C SER D 82 19.50 -15.77 34.98
N ARG D 83 20.54 -15.14 34.43
CA ARG D 83 20.56 -13.68 34.40
C ARG D 83 19.41 -13.15 33.55
N LEU D 84 19.09 -13.83 32.45
CA LEU D 84 17.99 -13.36 31.62
C LEU D 84 16.68 -13.45 32.37
N ALA D 85 16.47 -14.57 33.03
CA ALA D 85 15.24 -14.75 33.78
C ALA D 85 15.10 -13.68 34.84
N HIS D 86 16.15 -13.48 35.62
CA HIS D 86 16.09 -12.52 36.71
C HIS D 86 15.87 -11.11 36.20
N TYR D 87 16.31 -10.81 34.97
CA TYR D 87 16.12 -9.46 34.46
C TYR D 87 14.69 -9.22 34.01
N ASN D 88 13.97 -10.28 33.64
CA ASN D 88 12.58 -10.13 33.21
C ASN D 88 11.60 -10.58 34.27
N LYS D 89 12.06 -10.80 35.50
CA LYS D 89 11.19 -11.12 36.63
C LYS D 89 10.34 -12.35 36.34
N ARG D 90 10.95 -13.35 35.73
CA ARG D 90 10.36 -14.66 35.54
C ARG D 90 11.19 -15.67 36.31
N SER D 91 10.50 -16.55 37.00
CA SER D 91 11.14 -17.47 37.90
C SER D 91 11.30 -18.86 37.31
N THR D 92 10.96 -19.05 36.06
CA THR D 92 11.10 -20.34 35.39
C THR D 92 12.07 -20.23 34.23
N ILE D 93 12.97 -21.18 34.18
CA ILE D 93 13.87 -21.35 33.07
C ILE D 93 13.26 -22.38 32.14
N THR D 94 12.91 -21.95 30.95
CA THR D 94 12.33 -22.82 29.92
C THR D 94 13.27 -22.95 28.73
N SER D 95 12.85 -23.77 27.79
CA SER D 95 13.62 -23.97 26.57
C SER D 95 13.87 -22.67 25.86
N ARG D 96 12.92 -21.77 25.91
CA ARG D 96 13.06 -20.47 25.28
C ARG D 96 14.30 -19.76 25.80
N GLU D 97 14.48 -19.75 27.10
CA GLU D 97 15.59 -19.01 27.67
C GLU D 97 16.92 -19.60 27.23
N ILE D 98 16.98 -20.92 27.17
CA ILE D 98 18.20 -21.56 26.73
C ILE D 98 18.49 -21.18 25.30
N GLN D 99 17.45 -21.18 24.47
CA GLN D 99 17.63 -20.89 23.05
C GLN D 99 18.17 -19.48 22.87
N THR D 100 17.65 -18.57 23.67
CA THR D 100 18.08 -17.20 23.60
C THR D 100 19.51 -17.08 24.02
N ALA D 101 19.86 -17.74 25.11
CA ALA D 101 21.22 -17.66 25.60
C ALA D 101 22.18 -18.20 24.56
N VAL D 102 21.77 -19.23 23.85
CA VAL D 102 22.63 -19.81 22.85
C VAL D 102 22.85 -18.83 21.73
N ARG D 103 21.78 -18.17 21.31
CA ARG D 103 21.95 -17.18 20.24
C ARG D 103 22.82 -16.03 20.70
N LEU D 104 22.88 -15.78 22.02
CA LEU D 104 23.70 -14.69 22.50
C LEU D 104 25.16 -15.08 22.55
N LEU D 105 25.45 -16.28 23.01
CA LEU D 105 26.82 -16.65 23.30
C LEU D 105 27.58 -17.13 22.06
N LEU D 106 27.03 -17.94 21.32
CA LEU D 106 27.69 -18.48 20.15
C LEU D 106 27.44 -17.60 18.93
N PRO D 107 28.35 -17.58 17.97
CA PRO D 107 28.16 -16.77 16.77
C PRO D 107 27.54 -17.54 15.61
N GLY D 108 26.73 -16.82 14.85
CA GLY D 108 26.19 -17.25 13.58
C GLY D 108 25.74 -18.69 13.37
N GLU D 109 26.41 -19.30 12.40
CA GLU D 109 25.89 -20.53 11.82
C GLU D 109 25.90 -21.66 12.82
N LEU D 110 26.87 -21.64 13.73
CA LEU D 110 26.92 -22.66 14.76
C LEU D 110 25.65 -22.61 15.59
N ALA D 111 25.20 -21.40 15.89
CA ALA D 111 23.98 -21.24 16.67
C ALA D 111 22.80 -21.75 15.90
N LYS D 112 22.75 -21.42 14.61
CA LYS D 112 21.60 -21.84 13.84
C LYS D 112 21.47 -23.35 13.79
N HIS D 113 22.57 -24.04 13.48
CA HIS D 113 22.50 -25.49 13.41
C HIS D 113 22.19 -26.09 14.77
N ALA D 114 22.75 -25.51 15.83
CA ALA D 114 22.53 -26.06 17.16
C ALA D 114 21.08 -25.90 17.56
N VAL D 115 20.55 -24.71 17.34
CA VAL D 115 19.16 -24.43 17.63
C VAL D 115 18.27 -25.39 16.90
N SER D 116 18.64 -25.73 15.67
CA SER D 116 17.81 -26.64 14.91
C SER D 116 17.82 -28.01 15.54
N GLU D 117 18.98 -28.44 16.01
CA GLU D 117 19.06 -29.75 16.64
C GLU D 117 18.23 -29.77 17.91
N GLY D 118 18.27 -28.68 18.63
CA GLY D 118 17.54 -28.64 19.88
C GLY D 118 16.05 -28.64 19.64
N THR D 119 15.62 -27.91 18.64
CA THR D 119 14.20 -27.85 18.34
C THR D 119 13.73 -29.21 17.90
N LYS D 120 14.55 -29.89 17.10
CA LYS D 120 14.20 -31.23 16.66
C LYS D 120 14.08 -32.15 17.87
N ALA D 121 14.96 -31.99 18.85
CA ALA D 121 14.93 -32.88 19.99
C ALA D 121 13.68 -32.64 20.81
N VAL D 122 13.31 -31.37 20.98
CA VAL D 122 12.11 -31.08 21.75
C VAL D 122 10.91 -31.64 21.02
N THR D 123 10.91 -31.50 19.70
CA THR D 123 9.77 -31.93 18.93
C THR D 123 9.63 -33.44 18.99
N LYS D 124 10.74 -34.14 19.08
CA LYS D 124 10.66 -35.59 19.17
C LYS D 124 10.26 -36.02 20.57
N TYR D 125 10.77 -35.32 21.58
CA TYR D 125 10.50 -35.73 22.95
C TYR D 125 9.05 -35.50 23.29
N THR D 126 8.51 -34.37 22.88
CA THR D 126 7.17 -34.00 23.27
C THR D 126 6.14 -34.90 22.62
N SER D 127 6.46 -35.49 21.49
CA SER D 127 5.47 -36.28 20.76
C SER D 127 5.39 -37.70 21.28
N ALA D 128 6.54 -38.34 21.50
CA ALA D 128 6.59 -39.78 21.71
C ALA D 128 6.53 -40.16 23.19
N LYS D 129 5.82 -39.39 24.00
CA LYS D 129 5.61 -39.74 25.39
C LYS D 129 4.88 -41.06 25.49
N VAL E 39 88.00 -32.38 5.63
CA VAL E 39 87.46 -31.06 5.93
C VAL E 39 88.29 -30.40 7.00
N LYS E 40 88.52 -29.10 6.81
CA LYS E 40 89.41 -28.33 7.65
C LYS E 40 88.65 -27.51 8.69
N LYS E 41 87.79 -26.63 8.24
CA LYS E 41 87.15 -25.70 9.16
C LYS E 41 85.83 -26.29 9.66
N PRO E 42 85.41 -25.96 10.87
CA PRO E 42 84.14 -26.50 11.34
C PRO E 42 82.99 -25.97 10.52
N HIS E 43 82.00 -26.83 10.34
CA HIS E 43 80.80 -26.44 9.66
C HIS E 43 80.05 -25.48 10.55
N ARG E 44 79.58 -24.37 9.97
CA ARG E 44 78.99 -23.29 10.75
C ARG E 44 77.78 -22.74 10.01
N TYR E 45 76.64 -22.83 10.66
CA TYR E 45 75.44 -22.25 10.11
C TYR E 45 75.46 -20.74 10.32
N ARG E 46 74.78 -20.02 9.45
CA ARG E 46 74.70 -18.57 9.62
C ARG E 46 73.77 -18.22 10.78
N PRO E 47 73.90 -17.03 11.36
CA PRO E 47 73.01 -16.65 12.44
C PRO E 47 71.57 -16.55 11.98
N GLY E 48 70.68 -17.17 12.74
CA GLY E 48 69.27 -17.15 12.50
C GLY E 48 68.71 -18.49 12.07
N THR E 49 69.50 -19.26 11.33
CA THR E 49 68.97 -20.51 10.81
C THR E 49 68.64 -21.47 11.94
N VAL E 50 69.53 -21.60 12.91
CA VAL E 50 69.29 -22.57 13.96
C VAL E 50 68.13 -22.09 14.83
N ALA E 51 67.95 -20.79 14.92
CA ALA E 51 66.79 -20.27 15.63
C ALA E 51 65.52 -20.75 14.94
N LEU E 52 65.51 -20.67 13.62
CA LEU E 52 64.36 -21.12 12.88
C LEU E 52 64.16 -22.62 13.06
N ARG E 53 65.27 -23.36 13.18
CA ARG E 53 65.17 -24.78 13.40
C ARG E 53 64.52 -25.04 14.74
N GLU E 54 64.89 -24.23 15.72
CA GLU E 54 64.30 -24.36 17.05
C GLU E 54 62.83 -24.04 17.01
N ILE E 55 62.46 -23.06 16.19
CA ILE E 55 61.06 -22.69 16.06
C ILE E 55 60.26 -23.88 15.59
N ARG E 56 60.67 -24.46 14.47
CA ARG E 56 59.86 -25.52 13.90
C ARG E 56 59.84 -26.72 14.82
N ARG E 57 60.99 -27.04 15.42
CA ARG E 57 61.04 -28.22 16.26
C ARG E 57 60.11 -28.06 17.46
N TYR E 58 60.19 -26.92 18.15
CA TYR E 58 59.37 -26.79 19.34
C TYR E 58 57.93 -26.54 19.01
N GLN E 59 57.63 -25.99 17.85
CA GLN E 59 56.25 -25.80 17.49
C GLN E 59 55.59 -27.10 17.07
N LYS E 60 56.36 -28.09 16.65
CA LYS E 60 55.76 -29.35 16.27
C LYS E 60 55.33 -30.15 17.48
N SER E 61 56.08 -30.01 18.56
CA SER E 61 55.90 -30.84 19.73
C SER E 61 55.17 -30.04 20.79
N THR E 62 54.99 -30.66 21.92
CA THR E 62 54.16 -30.11 22.97
C THR E 62 54.76 -30.23 24.35
N GLU E 63 55.86 -30.92 24.53
CA GLU E 63 56.34 -31.18 25.87
C GLU E 63 56.70 -29.88 26.55
N LEU E 64 56.59 -29.88 27.85
CA LEU E 64 56.89 -28.69 28.62
C LEU E 64 58.37 -28.38 28.52
N LEU E 65 58.67 -27.11 28.50
CA LEU E 65 60.01 -26.65 28.25
C LEU E 65 60.78 -26.37 29.51
N ILE E 66 60.11 -26.00 30.58
CA ILE E 66 60.77 -25.68 31.83
C ILE E 66 60.83 -26.94 32.67
N ARG E 67 61.93 -27.09 33.38
CA ARG E 67 62.13 -28.21 34.27
C ARG E 67 61.20 -28.13 35.47
N LYS E 68 60.79 -29.29 35.98
CA LYS E 68 59.84 -29.33 37.08
C LYS E 68 60.41 -28.68 38.33
N LEU E 69 61.56 -29.17 38.77
CA LEU E 69 62.05 -28.90 40.12
C LEU E 69 62.24 -27.43 40.43
N PRO E 70 62.88 -26.62 39.58
CA PRO E 70 63.00 -25.21 39.89
C PRO E 70 61.68 -24.55 40.05
N PHE E 71 60.72 -24.94 39.22
CA PHE E 71 59.40 -24.35 39.31
C PHE E 71 58.75 -24.72 40.62
N GLN E 72 58.98 -25.96 41.07
CA GLN E 72 58.45 -26.35 42.36
C GLN E 72 59.05 -25.49 43.45
N ARG E 73 60.35 -25.23 43.34
CA ARG E 73 61.00 -24.46 44.40
C ARG E 73 60.49 -23.02 44.39
N LEU E 74 60.21 -22.51 43.21
CA LEU E 74 59.71 -21.15 43.09
C LEU E 74 58.34 -21.03 43.74
N VAL E 75 57.44 -21.93 43.37
CA VAL E 75 56.11 -21.91 43.93
C VAL E 75 56.18 -22.06 45.43
N ARG E 76 57.08 -22.92 45.90
CA ARG E 76 57.10 -23.22 47.32
C ARG E 76 57.58 -22.00 48.09
N GLU E 77 58.56 -21.31 47.56
CA GLU E 77 59.08 -20.12 48.23
C GLU E 77 58.00 -19.05 48.33
N ILE E 78 57.34 -18.78 47.21
CA ILE E 78 56.37 -17.69 47.19
C ILE E 78 55.18 -18.02 48.07
N ALA E 79 54.72 -19.27 48.03
CA ALA E 79 53.58 -19.63 48.86
C ALA E 79 53.95 -19.59 50.33
N GLN E 80 55.21 -19.92 50.65
CA GLN E 80 55.64 -19.86 52.04
C GLN E 80 55.53 -18.44 52.55
N ASP E 81 55.86 -17.46 51.71
CA ASP E 81 55.78 -16.08 52.18
C ASP E 81 54.35 -15.60 52.46
N PHE E 82 53.32 -16.33 52.01
CA PHE E 82 51.94 -15.99 52.32
C PHE E 82 51.39 -16.80 53.48
N LYS E 83 51.59 -18.10 53.42
CA LYS E 83 51.20 -18.98 54.50
C LYS E 83 52.29 -20.03 54.64
N THR E 84 52.51 -20.52 55.86
CA THR E 84 53.63 -21.41 56.09
C THR E 84 53.24 -22.85 55.87
N ASP E 85 54.26 -23.69 55.82
CA ASP E 85 54.21 -25.15 55.74
C ASP E 85 53.11 -25.68 54.83
N LEU E 86 52.93 -25.06 53.67
CA LEU E 86 51.99 -25.56 52.70
C LEU E 86 52.59 -26.69 51.90
N ARG E 87 51.72 -27.60 51.48
CA ARG E 87 52.05 -28.72 50.61
C ARG E 87 51.29 -28.58 49.29
N PHE E 88 51.88 -29.15 48.24
CA PHE E 88 51.35 -28.99 46.89
C PHE E 88 51.24 -30.35 46.21
N GLN E 89 50.07 -30.60 45.62
CA GLN E 89 49.92 -31.74 44.74
C GLN E 89 50.68 -31.51 43.46
N SER E 90 51.15 -32.61 42.88
CA SER E 90 51.98 -32.52 41.69
C SER E 90 51.20 -31.92 40.55
N SER E 91 49.96 -32.34 40.38
CA SER E 91 49.19 -31.89 39.24
C SER E 91 48.91 -30.40 39.31
N ALA E 92 48.90 -29.82 40.51
CA ALA E 92 48.72 -28.38 40.60
C ALA E 92 49.92 -27.67 40.02
N VAL E 93 51.09 -28.20 40.31
CA VAL E 93 52.30 -27.61 39.80
C VAL E 93 52.32 -27.73 38.29
N MET E 94 51.88 -28.87 37.79
CA MET E 94 51.81 -29.03 36.35
C MET E 94 50.84 -28.03 35.75
N ALA E 95 49.74 -27.77 36.45
CA ALA E 95 48.74 -26.86 35.89
C ALA E 95 49.28 -25.45 35.86
N LEU E 96 50.02 -25.07 36.90
CA LEU E 96 50.61 -23.75 36.89
C LEU E 96 51.64 -23.66 35.80
N GLN E 97 52.31 -24.76 35.54
CA GLN E 97 53.32 -24.74 34.51
C GLN E 97 52.68 -24.50 33.15
N GLU E 98 51.57 -25.17 32.89
CA GLU E 98 50.88 -24.99 31.63
C GLU E 98 50.41 -23.56 31.49
N ALA E 99 49.82 -23.03 32.56
CA ALA E 99 49.28 -21.67 32.49
C ALA E 99 50.38 -20.69 32.22
N CYS E 100 51.50 -20.83 32.93
CA CYS E 100 52.59 -19.88 32.79
C CYS E 100 53.14 -19.92 31.38
N GLU E 101 53.34 -21.12 30.85
CA GLU E 101 53.96 -21.19 29.54
C GLU E 101 53.03 -20.67 28.47
N ALA E 102 51.74 -20.92 28.61
CA ALA E 102 50.81 -20.41 27.61
C ALA E 102 50.74 -18.90 27.69
N TYR E 103 50.76 -18.35 28.89
CA TYR E 103 50.70 -16.91 29.06
C TYR E 103 51.93 -16.26 28.47
N LEU E 104 53.10 -16.79 28.77
CA LEU E 104 54.32 -16.24 28.24
C LEU E 104 54.35 -16.32 26.72
N VAL E 105 53.91 -17.43 26.15
CA VAL E 105 53.89 -17.57 24.71
C VAL E 105 53.04 -16.48 24.09
N GLY E 106 51.84 -16.30 24.63
CA GLY E 106 50.97 -15.26 24.12
C GLY E 106 51.61 -13.89 24.23
N LEU E 107 52.34 -13.69 25.32
CA LEU E 107 52.94 -12.39 25.54
C LEU E 107 54.02 -12.13 24.53
N PHE E 108 54.86 -13.13 24.31
CA PHE E 108 55.91 -12.98 23.32
C PHE E 108 55.34 -12.77 21.94
N GLU E 109 54.18 -13.38 21.66
CA GLU E 109 53.57 -13.19 20.36
C GLU E 109 53.20 -11.74 20.15
N ASP E 110 52.48 -11.17 21.10
CA ASP E 110 52.10 -9.77 20.97
C ASP E 110 53.34 -8.88 20.96
N THR E 111 54.35 -9.25 21.74
CA THR E 111 55.57 -8.46 21.77
C THR E 111 56.23 -8.45 20.40
N ASN E 112 56.29 -9.60 19.76
CA ASN E 112 56.92 -9.69 18.46
C ASN E 112 56.17 -8.84 17.46
N LEU E 113 54.85 -8.84 17.55
CA LEU E 113 54.09 -7.99 16.65
C LEU E 113 54.42 -6.55 16.88
N CYS E 114 54.55 -6.18 18.14
CA CYS E 114 54.88 -4.80 18.45
C CYS E 114 56.24 -4.45 17.89
N ALA E 115 57.16 -5.40 17.96
CA ALA E 115 58.50 -5.16 17.47
C ALA E 115 58.52 -4.96 15.98
N ILE E 116 57.81 -5.82 15.26
CA ILE E 116 57.76 -5.71 13.81
C ILE E 116 57.17 -4.37 13.43
N HIS E 117 56.26 -3.88 14.25
CA HIS E 117 55.60 -2.63 13.92
C HIS E 117 56.59 -1.47 13.93
N ALA E 118 57.69 -1.62 14.64
CA ALA E 118 58.72 -0.59 14.72
C ALA E 118 59.86 -0.84 13.77
N LYS E 119 59.66 -1.67 12.76
CA LYS E 119 60.66 -1.93 11.74
C LYS E 119 61.91 -2.58 12.33
N ARG E 120 61.73 -3.27 13.44
CA ARG E 120 62.81 -3.99 14.07
C ARG E 120 62.46 -5.47 14.07
N VAL E 121 63.45 -6.27 14.42
CA VAL E 121 63.28 -7.71 14.58
C VAL E 121 63.66 -8.15 15.98
N THR E 122 64.34 -7.32 16.72
CA THR E 122 64.77 -7.60 18.07
C THR E 122 63.72 -7.10 19.05
N ILE E 123 63.29 -7.96 19.92
CA ILE E 123 62.39 -7.54 20.96
C ILE E 123 63.19 -6.90 22.06
N MET E 124 62.58 -5.93 22.74
CA MET E 124 63.21 -5.21 23.83
C MET E 124 62.21 -5.01 24.94
N PRO E 125 62.66 -4.64 26.13
CA PRO E 125 61.76 -4.51 27.26
C PRO E 125 60.58 -3.58 27.03
N LYS E 126 60.79 -2.48 26.32
CA LYS E 126 59.69 -1.56 26.13
C LYS E 126 58.59 -2.21 25.31
N ASP E 127 58.93 -3.18 24.45
CA ASP E 127 57.90 -3.91 23.74
C ASP E 127 57.02 -4.69 24.70
N ILE E 128 57.65 -5.39 25.62
CA ILE E 128 56.90 -6.17 26.57
C ILE E 128 56.04 -5.26 27.42
N GLN E 129 56.61 -4.14 27.86
CA GLN E 129 55.84 -3.19 28.64
C GLN E 129 54.64 -2.70 27.85
N LEU E 130 54.82 -2.51 26.55
CA LEU E 130 53.75 -1.98 25.71
C LEU E 130 52.61 -2.96 25.62
N ALA E 131 52.93 -4.19 25.28
CA ALA E 131 51.91 -5.21 25.18
C ALA E 131 51.19 -5.37 26.50
N ARG E 132 51.94 -5.48 27.59
CA ARG E 132 51.30 -5.68 28.87
C ARG E 132 50.45 -4.49 29.25
N ARG E 133 50.85 -3.30 28.84
CA ARG E 133 50.09 -2.12 29.19
C ARG E 133 48.81 -2.08 28.39
N ILE E 134 48.83 -2.68 27.21
CA ILE E 134 47.63 -2.66 26.41
C ILE E 134 46.64 -3.69 26.90
N ARG E 135 47.11 -4.88 27.27
CA ARG E 135 46.17 -5.89 27.76
C ARG E 135 45.51 -5.50 29.07
N GLY E 136 46.10 -4.57 29.82
CA GLY E 136 45.63 -4.25 31.15
C GLY E 136 46.30 -5.01 32.27
N GLU E 137 47.29 -5.82 31.96
CA GLU E 137 48.04 -6.59 32.95
C GLU E 137 49.13 -5.70 33.56
N ARG E 138 48.67 -4.69 34.28
CA ARG E 138 49.54 -3.55 34.59
C ARG E 138 50.70 -3.92 35.50
N ALA E 139 50.39 -4.47 36.67
CA ALA E 139 51.35 -4.75 37.76
C ALA E 139 51.78 -3.48 38.47
N VAL F 22 75.43 -22.64 44.50
CA VAL F 22 74.72 -21.87 45.51
C VAL F 22 73.40 -21.38 44.94
N LEU F 23 72.38 -21.33 45.79
CA LEU F 23 71.06 -20.89 45.37
C LEU F 23 70.99 -19.36 45.35
N ARG F 24 70.09 -18.85 44.52
CA ARG F 24 70.25 -17.52 43.96
C ARG F 24 68.92 -16.77 43.95
N ASP F 25 68.14 -16.90 45.02
CA ASP F 25 66.78 -16.40 45.16
C ASP F 25 65.78 -17.28 44.41
N ASN F 26 66.24 -18.28 43.68
CA ASN F 26 65.47 -19.35 43.05
C ASN F 26 64.72 -18.91 41.80
N ILE F 27 64.60 -17.60 41.59
CA ILE F 27 64.01 -17.15 40.34
C ILE F 27 64.97 -17.45 39.21
N GLN F 28 66.26 -17.54 39.52
CA GLN F 28 67.23 -17.90 38.52
C GLN F 28 67.11 -19.35 38.08
N GLY F 29 66.26 -20.15 38.73
CA GLY F 29 65.98 -21.46 38.14
C GLY F 29 65.31 -21.37 36.80
N ILE F 30 64.64 -20.25 36.52
CA ILE F 30 64.07 -20.00 35.21
C ILE F 30 65.22 -19.46 34.39
N THR F 31 65.90 -20.35 33.73
CA THR F 31 67.16 -20.05 33.13
C THR F 31 67.00 -19.36 31.80
N LYS F 32 68.13 -18.88 31.29
CA LYS F 32 68.16 -18.24 29.98
C LYS F 32 67.71 -19.16 28.87
N PRO F 33 68.29 -20.34 28.67
CA PRO F 33 67.92 -21.16 27.52
C PRO F 33 66.47 -21.58 27.54
N ALA F 34 65.87 -21.76 28.71
CA ALA F 34 64.46 -22.13 28.72
C ALA F 34 63.61 -20.97 28.25
N ILE F 35 63.96 -19.76 28.65
CA ILE F 35 63.23 -18.60 28.19
C ILE F 35 63.41 -18.46 26.70
N ARG F 36 64.62 -18.75 26.22
CA ARG F 36 64.88 -18.69 24.79
C ARG F 36 64.00 -19.67 24.07
N ARG F 37 63.82 -20.85 24.66
CA ARG F 37 62.97 -21.86 24.04
C ARG F 37 61.53 -21.38 23.99
N LEU F 38 61.06 -20.78 25.07
CA LEU F 38 59.69 -20.31 25.08
C LEU F 38 59.48 -19.26 24.02
N ALA F 39 60.41 -18.34 23.92
CA ALA F 39 60.29 -17.31 22.91
C ALA F 39 60.32 -17.93 21.53
N ARG F 40 61.04 -19.04 21.39
CA ARG F 40 61.05 -19.72 20.12
C ARG F 40 59.67 -20.24 19.80
N ARG F 41 58.96 -20.71 20.81
CA ARG F 41 57.61 -21.18 20.55
C ARG F 41 56.71 -20.03 20.18
N GLY F 42 57.05 -18.84 20.63
CA GLY F 42 56.25 -17.67 20.33
C GLY F 42 56.59 -16.99 19.06
N GLY F 43 57.49 -17.56 18.28
CA GLY F 43 57.80 -16.99 17.00
C GLY F 43 58.94 -16.03 17.04
N VAL F 44 59.71 -16.04 18.09
CA VAL F 44 60.80 -15.10 18.25
C VAL F 44 62.08 -15.71 17.72
N LYS F 45 62.84 -14.88 17.03
CA LYS F 45 64.05 -15.30 16.36
C LYS F 45 65.30 -14.73 17.02
N ARG F 46 65.21 -13.53 17.57
CA ARG F 46 66.37 -12.82 18.11
C ARG F 46 65.99 -12.07 19.36
N ILE F 47 66.77 -12.23 20.42
CA ILE F 47 66.43 -11.76 21.74
C ILE F 47 67.56 -10.94 22.31
N SER F 48 67.24 -9.77 22.85
CA SER F 48 68.22 -8.95 23.54
C SER F 48 68.57 -9.52 24.90
N GLY F 49 69.68 -9.06 25.42
CA GLY F 49 70.17 -9.58 26.68
C GLY F 49 69.35 -9.12 27.85
N LEU F 50 68.72 -7.97 27.72
CA LEU F 50 68.02 -7.39 28.86
C LEU F 50 66.66 -8.02 29.10
N ILE F 51 66.16 -8.83 28.17
CA ILE F 51 64.80 -9.33 28.29
C ILE F 51 64.65 -10.14 29.55
N TYR F 52 65.68 -10.91 29.86
CA TYR F 52 65.55 -11.96 30.83
C TYR F 52 65.02 -11.42 32.16
N GLU F 53 65.68 -10.38 32.68
CA GLU F 53 65.28 -9.84 33.97
C GLU F 53 63.83 -9.39 33.94
N GLU F 54 63.45 -8.65 32.91
CA GLU F 54 62.08 -8.15 32.86
C GLU F 54 61.12 -9.31 32.82
N THR F 55 61.44 -10.31 32.00
CA THR F 55 60.55 -11.45 31.87
C THR F 55 60.37 -12.12 33.20
N ARG F 56 61.46 -12.26 33.94
CA ARG F 56 61.40 -12.91 35.22
C ARG F 56 60.43 -12.17 36.12
N GLY F 57 60.57 -10.85 36.17
CA GLY F 57 59.68 -10.06 36.98
C GLY F 57 58.24 -10.26 36.58
N VAL F 58 57.99 -10.25 35.28
CA VAL F 58 56.62 -10.38 34.80
C VAL F 58 56.09 -11.71 35.23
N LEU F 59 56.90 -12.75 35.07
CA LEU F 59 56.47 -14.08 35.43
C LEU F 59 56.09 -14.11 36.89
N LYS F 60 56.94 -13.49 37.72
CA LYS F 60 56.72 -13.51 39.15
C LYS F 60 55.36 -12.95 39.48
N VAL F 61 55.03 -11.82 38.84
CA VAL F 61 53.79 -11.14 39.15
C VAL F 61 52.63 -12.07 38.90
N PHE F 62 52.63 -12.70 37.72
CA PHE F 62 51.53 -13.57 37.36
C PHE F 62 51.36 -14.66 38.41
N LEU F 63 52.47 -15.31 38.75
CA LEU F 63 52.41 -16.41 39.70
C LEU F 63 51.84 -15.95 41.00
N GLU F 64 52.31 -14.79 41.46
CA GLU F 64 51.93 -14.28 42.75
C GLU F 64 50.43 -14.18 42.82
N ASN F 65 49.85 -13.55 41.80
CA ASN F 65 48.43 -13.29 41.83
C ASN F 65 47.68 -14.60 41.92
N VAL F 66 48.10 -15.55 41.10
CA VAL F 66 47.38 -16.81 41.04
C VAL F 66 47.46 -17.50 42.38
N ILE F 67 48.67 -17.61 42.90
CA ILE F 67 48.84 -18.38 44.11
C ILE F 67 48.10 -17.73 45.25
N ARG F 68 48.05 -16.40 45.24
CA ARG F 68 47.33 -15.71 46.31
C ARG F 68 45.91 -16.20 46.32
N ASP F 69 45.27 -16.12 45.17
CA ASP F 69 43.90 -16.56 45.06
C ASP F 69 43.80 -18.03 45.39
N ALA F 70 44.78 -18.81 44.94
CA ALA F 70 44.74 -20.23 45.22
C ALA F 70 44.76 -20.47 46.70
N VAL F 71 45.70 -19.82 47.36
CA VAL F 71 45.83 -20.04 48.78
C VAL F 71 44.60 -19.54 49.49
N THR F 72 43.96 -18.53 48.95
CA THR F 72 42.76 -18.04 49.58
C THR F 72 41.69 -19.11 49.54
N TYR F 73 41.48 -19.73 48.38
CA TYR F 73 40.57 -20.85 48.31
C TYR F 73 41.01 -21.93 49.27
N THR F 74 42.31 -22.13 49.36
CA THR F 74 42.85 -23.14 50.24
C THR F 74 42.50 -22.83 51.67
N GLU F 75 42.62 -21.56 52.02
CA GLU F 75 42.37 -21.19 53.41
C GLU F 75 40.90 -21.33 53.75
N HIS F 76 40.03 -21.25 52.74
CA HIS F 76 38.61 -21.24 53.05
C HIS F 76 38.13 -22.62 53.44
N ALA F 77 38.72 -23.66 52.87
CA ALA F 77 38.30 -25.00 53.21
C ALA F 77 38.91 -25.50 54.51
N LYS F 78 39.78 -24.72 55.12
CA LYS F 78 40.47 -25.13 56.33
C LYS F 78 41.26 -26.40 56.07
N ARG F 79 41.75 -26.52 54.85
CA ARG F 79 42.66 -27.56 54.45
C ARG F 79 44.08 -27.03 54.53
N LYS F 80 45.04 -27.94 54.47
CA LYS F 80 46.44 -27.58 54.46
C LYS F 80 47.12 -28.04 53.18
N THR F 81 46.41 -28.73 52.32
CA THR F 81 46.96 -29.31 51.11
C THR F 81 46.38 -28.57 49.92
N VAL F 82 47.23 -27.97 49.12
CA VAL F 82 46.77 -27.25 47.94
C VAL F 82 46.39 -28.24 46.87
N THR F 83 45.22 -28.08 46.31
CA THR F 83 44.69 -28.96 45.28
C THR F 83 44.63 -28.22 43.96
N ALA F 84 44.60 -29.01 42.89
CA ALA F 84 44.49 -28.47 41.56
C ALA F 84 43.30 -27.55 41.40
N MET F 85 42.18 -27.92 42.02
CA MET F 85 40.94 -27.18 41.81
C MET F 85 41.09 -25.75 42.25
N ASP F 86 41.88 -25.52 43.31
CA ASP F 86 42.09 -24.14 43.74
C ASP F 86 42.78 -23.34 42.65
N VAL F 87 43.73 -23.96 41.97
CA VAL F 87 44.44 -23.26 40.93
C VAL F 87 43.52 -22.99 39.76
N VAL F 88 42.73 -23.99 39.40
CA VAL F 88 41.83 -23.84 38.28
C VAL F 88 40.88 -22.69 38.52
N TYR F 89 40.29 -22.64 39.72
CA TYR F 89 39.37 -21.56 40.00
C TYR F 89 40.08 -20.22 39.96
N ALA F 90 41.24 -20.11 40.60
CA ALA F 90 41.94 -18.84 40.64
C ALA F 90 42.32 -18.40 39.25
N LEU F 91 42.55 -19.36 38.36
CA LEU F 91 42.84 -19.02 37.01
C LEU F 91 41.59 -18.55 36.31
N LYS F 92 40.47 -19.20 36.61
CA LYS F 92 39.22 -18.85 35.94
C LYS F 92 38.81 -17.43 36.26
N ARG F 93 39.06 -17.02 37.48
CA ARG F 93 38.59 -15.71 37.89
C ARG F 93 39.43 -14.58 37.30
N GLN F 94 40.65 -14.86 36.88
CA GLN F 94 41.48 -13.88 36.21
C GLN F 94 41.29 -13.86 34.71
N GLY F 95 40.30 -14.58 34.20
CA GLY F 95 40.08 -14.59 32.76
C GLY F 95 41.08 -15.36 31.94
N ARG F 96 41.66 -16.40 32.48
CA ARG F 96 42.60 -17.28 31.79
C ARG F 96 42.22 -18.71 32.04
N THR F 97 40.96 -19.02 31.81
CA THR F 97 40.41 -20.33 32.09
C THR F 97 41.28 -21.43 31.52
N LEU F 98 41.43 -22.50 32.28
CA LEU F 98 42.33 -23.58 31.96
C LEU F 98 41.58 -24.88 31.91
N TYR F 99 41.92 -25.67 30.92
CA TYR F 99 41.32 -26.94 30.65
C TYR F 99 42.38 -28.02 30.86
N GLY F 100 41.95 -29.17 31.32
CA GLY F 100 42.75 -30.37 31.28
C GLY F 100 43.23 -30.90 32.60
N PHE F 101 42.72 -30.39 33.71
CA PHE F 101 43.10 -30.88 35.03
C PHE F 101 41.91 -30.98 35.96
N GLY F 102 40.72 -31.11 35.41
CA GLY F 102 39.55 -31.34 36.20
C GLY F 102 38.74 -30.07 36.38
N GLY F 103 37.44 -30.17 36.15
CA GLY F 103 36.53 -29.04 36.31
C GLY F 103 36.72 -27.98 35.25
N LYS G 13 2.41 -11.35 76.33
CA LYS G 13 3.44 -10.77 75.48
C LYS G 13 4.00 -9.50 76.10
N ALA G 14 5.10 -9.06 75.52
CA ALA G 14 5.69 -7.77 75.85
C ALA G 14 5.88 -6.88 74.63
N ARG G 15 6.31 -7.44 73.50
CA ARG G 15 6.50 -6.71 72.25
C ARG G 15 7.46 -5.54 72.47
N ALA G 16 8.71 -5.93 72.75
CA ALA G 16 9.76 -4.94 72.86
C ALA G 16 9.87 -4.19 71.54
N LYS G 17 10.14 -2.89 71.63
CA LYS G 17 10.10 -2.09 70.43
C LYS G 17 11.27 -2.43 69.54
N ALA G 18 10.98 -2.58 68.25
CA ALA G 18 11.97 -3.04 67.30
C ALA G 18 12.87 -1.89 66.87
N LYS G 19 14.16 -2.08 67.07
CA LYS G 19 15.17 -1.25 66.45
C LYS G 19 15.66 -1.97 65.20
N THR G 20 16.28 -1.23 64.29
CA THR G 20 16.78 -1.83 63.06
C THR G 20 18.12 -2.51 63.29
N ARG G 21 18.35 -3.60 62.54
CA ARG G 21 19.63 -4.28 62.63
C ARG G 21 20.76 -3.36 62.27
N SER G 22 20.49 -2.39 61.41
CA SER G 22 21.47 -1.37 61.10
C SER G 22 21.86 -0.64 62.36
N SER G 23 20.88 -0.32 63.17
CA SER G 23 21.12 0.46 64.37
C SER G 23 21.87 -0.38 65.39
N ARG G 24 21.71 -1.69 65.33
CA ARG G 24 22.51 -2.55 66.18
C ARG G 24 23.94 -2.56 65.69
N ALA G 25 24.12 -2.51 64.38
CA ALA G 25 25.45 -2.54 63.82
C ALA G 25 26.13 -1.19 63.82
N GLY G 26 25.40 -0.13 64.11
CA GLY G 26 26.00 1.18 64.06
C GLY G 26 26.28 1.63 62.65
N LEU G 27 25.51 1.14 61.69
CA LEU G 27 25.70 1.44 60.28
C LEU G 27 24.54 2.25 59.74
N GLN G 28 24.79 2.85 58.60
CA GLN G 28 23.79 3.62 57.89
C GLN G 28 23.17 2.82 56.77
N PHE G 29 23.95 2.00 56.10
CA PHE G 29 23.38 1.18 55.07
C PHE G 29 22.43 0.18 55.69
N PRO G 30 21.50 -0.35 54.92
CA PRO G 30 20.52 -1.26 55.46
C PRO G 30 21.07 -2.67 55.49
N VAL G 31 20.25 -3.53 56.05
CA VAL G 31 20.59 -4.93 56.22
C VAL G 31 19.46 -5.73 55.65
N GLY G 32 18.24 -5.41 56.08
CA GLY G 32 17.10 -6.22 55.73
C GLY G 32 16.90 -6.28 54.24
N ARG G 33 17.13 -5.17 53.56
CA ARG G 33 16.98 -5.15 52.13
C ARG G 33 18.03 -6.04 51.49
N VAL G 34 19.21 -6.09 52.09
CA VAL G 34 20.26 -6.94 51.55
C VAL G 34 19.92 -8.41 51.74
N HIS G 35 19.37 -8.75 52.91
CA HIS G 35 18.97 -10.13 53.16
C HIS G 35 17.94 -10.58 52.15
N ARG G 36 16.94 -9.73 51.91
CA ARG G 36 15.94 -10.05 50.91
C ARG G 36 16.59 -10.25 49.55
N LEU G 37 17.55 -9.40 49.20
CA LEU G 37 18.16 -9.52 47.90
C LEU G 37 19.00 -10.77 47.80
N LEU G 38 19.50 -11.27 48.90
CA LEU G 38 20.27 -12.50 48.83
C LEU G 38 19.36 -13.69 48.71
N ARG G 39 18.18 -13.62 49.32
CA ARG G 39 17.27 -14.74 49.20
C ARG G 39 16.73 -14.81 47.78
N LYS G 40 16.33 -13.69 47.22
CA LYS G 40 15.88 -13.63 45.84
C LYS G 40 17.05 -13.29 44.96
N GLY G 41 17.48 -14.23 44.16
CA GLY G 41 18.63 -14.00 43.32
C GLY G 41 19.48 -15.23 43.10
N ASN G 42 19.09 -16.35 43.69
CA ASN G 42 19.67 -17.62 43.33
C ASN G 42 21.17 -17.66 43.62
N TYR G 43 21.52 -17.32 44.85
CA TYR G 43 22.91 -17.34 45.30
C TYR G 43 23.19 -18.48 46.24
N SER G 44 22.20 -18.82 47.04
CA SER G 44 22.30 -19.97 47.90
C SER G 44 20.93 -20.31 48.46
N GLU G 45 20.83 -21.52 48.97
CA GLU G 45 19.56 -21.96 49.52
C GLU G 45 19.23 -21.21 50.78
N ARG G 46 20.19 -21.08 51.68
CA ARG G 46 19.97 -20.41 52.93
C ARG G 46 21.11 -19.46 53.20
N VAL G 47 20.82 -18.45 54.01
CA VAL G 47 21.73 -17.36 54.25
C VAL G 47 21.82 -17.14 55.74
N GLY G 48 23.02 -17.00 56.23
CA GLY G 48 23.25 -16.80 57.64
C GLY G 48 23.19 -15.35 58.03
N ALA G 49 22.92 -15.16 59.31
CA ALA G 49 22.58 -13.83 59.81
C ALA G 49 23.76 -12.89 59.69
N GLY G 50 24.96 -13.42 59.81
CA GLY G 50 26.11 -12.55 59.87
C GLY G 50 26.46 -11.94 58.55
N ALA G 51 26.20 -12.66 57.46
CA ALA G 51 26.67 -12.25 56.14
C ALA G 51 26.27 -10.84 55.78
N PRO G 52 25.01 -10.49 55.83
CA PRO G 52 24.62 -9.20 55.31
C PRO G 52 25.21 -8.06 56.08
N VAL G 53 25.51 -8.24 57.35
CA VAL G 53 26.12 -7.16 58.09
C VAL G 53 27.50 -6.88 57.55
N TYR G 54 28.26 -7.94 57.36
CA TYR G 54 29.61 -7.84 56.82
C TYR G 54 29.55 -7.16 55.47
N LEU G 55 28.58 -7.56 54.68
CA LEU G 55 28.50 -7.07 53.32
C LEU G 55 28.13 -5.60 53.33
N ALA G 56 27.20 -5.23 54.19
CA ALA G 56 26.77 -3.86 54.28
C ALA G 56 27.91 -2.99 54.73
N ALA G 57 28.72 -3.49 55.66
CA ALA G 57 29.83 -2.69 56.14
C ALA G 57 30.81 -2.45 55.03
N VAL G 58 31.04 -3.48 54.22
CA VAL G 58 31.97 -3.35 53.13
C VAL G 58 31.50 -2.28 52.18
N LEU G 59 30.21 -2.30 51.90
CA LEU G 59 29.67 -1.34 50.98
C LEU G 59 29.79 0.06 51.55
N GLU G 60 29.58 0.21 52.85
CA GLU G 60 29.64 1.53 53.45
C GLU G 60 31.04 2.09 53.33
N TYR G 61 32.02 1.25 53.63
CA TYR G 61 33.40 1.72 53.62
C TYR G 61 33.81 2.13 52.23
N LEU G 62 33.45 1.33 51.24
CA LEU G 62 33.81 1.67 49.88
C LEU G 62 33.14 2.97 49.46
N THR G 63 31.87 3.12 49.82
CA THR G 63 31.14 4.29 49.41
C THR G 63 31.75 5.53 50.05
N ALA G 64 32.14 5.39 51.31
CA ALA G 64 32.74 6.51 52.02
C ALA G 64 34.06 6.90 51.37
N GLU G 65 34.85 5.91 50.96
CA GLU G 65 36.13 6.21 50.35
C GLU G 65 35.93 6.98 49.06
N ILE G 66 34.99 6.50 48.24
CA ILE G 66 34.75 7.12 46.96
C ILE G 66 34.32 8.55 47.14
N LEU G 67 33.32 8.76 47.99
CA LEU G 67 32.81 10.09 48.17
C LEU G 67 33.86 11.01 48.73
N GLU G 68 34.74 10.49 49.59
CA GLU G 68 35.74 11.36 50.19
C GLU G 68 36.70 11.86 49.12
N LEU G 69 37.12 10.96 48.23
CA LEU G 69 38.00 11.40 47.16
C LEU G 69 37.28 12.37 46.25
N ALA G 70 36.00 12.14 46.04
CA ALA G 70 35.26 13.03 45.17
C ALA G 70 35.15 14.41 45.75
N GLY G 71 34.88 14.48 47.03
CA GLY G 71 34.76 15.78 47.67
C GLY G 71 36.08 16.51 47.71
N ASN G 72 37.18 15.78 47.85
CA ASN G 72 38.47 16.43 47.80
C ASN G 72 38.70 17.04 46.43
N ALA G 73 38.40 16.28 45.39
CA ALA G 73 38.54 16.83 44.04
C ALA G 73 37.58 17.98 43.85
N ALA G 74 36.44 17.93 44.51
CA ALA G 74 35.47 18.99 44.40
C ALA G 74 36.03 20.28 44.96
N ARG G 75 36.60 20.20 46.15
CA ARG G 75 37.20 21.39 46.75
C ARG G 75 38.33 21.89 45.88
N ASP G 76 38.96 21.00 45.12
CA ASP G 76 40.03 21.46 44.25
C ASP G 76 39.49 22.29 43.09
N ASN G 77 38.24 22.04 42.68
CA ASN G 77 37.64 22.78 41.59
C ASN G 77 36.61 23.80 42.06
N LYS G 78 36.53 24.04 43.35
CA LYS G 78 35.74 25.13 43.91
C LYS G 78 34.26 24.94 43.60
N LYS G 79 33.82 23.70 43.52
CA LYS G 79 32.41 23.37 43.40
C LYS G 79 31.95 22.64 44.64
N THR G 80 30.76 22.97 45.09
CA THR G 80 30.26 22.44 46.33
C THR G 80 29.41 21.21 46.15
N ARG G 81 29.14 20.81 44.91
CA ARG G 81 28.27 19.69 44.63
C ARG G 81 29.03 18.66 43.81
N ILE G 82 28.81 17.40 44.12
CA ILE G 82 29.50 16.32 43.44
C ILE G 82 28.81 16.04 42.12
N ILE G 83 29.60 16.01 41.05
CA ILE G 83 29.10 15.60 39.73
C ILE G 83 29.97 14.46 39.20
N PRO G 84 29.50 13.74 38.19
CA PRO G 84 30.18 12.51 37.76
C PRO G 84 31.63 12.65 37.42
N ARG G 85 31.95 13.76 36.78
CA ARG G 85 33.32 14.10 36.44
C ARG G 85 34.24 13.89 37.63
N HIS G 86 33.81 14.36 38.79
CA HIS G 86 34.61 14.22 39.97
C HIS G 86 34.82 12.76 40.33
N LEU G 87 33.79 11.93 40.12
CA LEU G 87 33.93 10.53 40.47
C LEU G 87 34.95 9.86 39.58
N GLN G 88 34.93 10.22 38.30
CA GLN G 88 35.91 9.65 37.40
C GLN G 88 37.30 10.08 37.82
N LEU G 89 37.44 11.34 38.22
CA LEU G 89 38.74 11.83 38.64
C LEU G 89 39.23 11.08 39.86
N ALA G 90 38.32 10.78 40.76
CA ALA G 90 38.72 10.08 41.98
C ALA G 90 39.14 8.68 41.64
N ILE G 91 38.40 8.03 40.76
CA ILE G 91 38.66 6.64 40.48
C ILE G 91 40.02 6.48 39.80
N ARG G 92 40.27 7.23 38.73
CA ARG G 92 41.49 6.96 37.99
C ARG G 92 42.74 7.39 38.74
N ASN G 93 42.62 8.25 39.75
CA ASN G 93 43.79 8.73 40.46
C ASN G 93 44.19 7.87 41.63
N ASP G 94 43.37 6.88 41.99
CA ASP G 94 43.72 5.90 43.01
C ASP G 94 44.01 4.57 42.33
N GLU G 95 45.22 4.06 42.52
CA GLU G 95 45.67 2.88 41.79
C GLU G 95 44.75 1.70 42.02
N GLU G 96 44.28 1.55 43.25
CA GLU G 96 43.55 0.34 43.57
C GLU G 96 42.14 0.39 43.01
N LEU G 97 41.49 1.52 43.11
CA LEU G 97 40.17 1.62 42.52
C LEU G 97 40.25 1.47 41.01
N ASN G 98 41.30 2.02 40.41
CA ASN G 98 41.48 1.88 38.98
C ASN G 98 41.64 0.42 38.60
N LYS G 99 42.26 -0.36 39.50
CA LYS G 99 42.38 -1.79 39.25
C LYS G 99 41.03 -2.46 39.31
N LEU G 100 40.23 -2.07 40.29
CA LEU G 100 38.93 -2.69 40.45
C LEU G 100 38.05 -2.42 39.26
N LEU G 101 38.12 -1.22 38.73
CA LEU G 101 37.20 -0.75 37.70
C LEU G 101 37.95 -0.43 36.41
N GLY G 102 38.93 -1.26 36.09
CA GLY G 102 39.76 -1.01 34.93
C GLY G 102 39.01 -1.13 33.64
N ARG G 103 37.95 -1.94 33.62
CA ARG G 103 37.14 -2.15 32.43
C ARG G 103 35.72 -1.66 32.64
N VAL G 104 35.59 -0.48 33.23
CA VAL G 104 34.30 0.15 33.48
C VAL G 104 34.30 1.55 32.92
N THR G 105 33.18 1.94 32.34
CA THR G 105 32.98 3.25 31.77
C THR G 105 31.99 4.01 32.61
N ILE G 106 32.40 5.17 33.09
CA ILE G 106 31.54 6.05 33.85
C ILE G 106 30.92 7.02 32.86
N ALA G 107 29.61 7.11 32.87
CA ALA G 107 28.94 8.01 31.95
C ALA G 107 29.26 9.45 32.28
N GLN G 108 29.42 10.25 31.23
CA GLN G 108 29.77 11.66 31.36
C GLN G 108 31.06 11.84 32.14
N GLY G 109 31.94 10.87 32.04
CA GLY G 109 33.09 10.81 32.91
C GLY G 109 34.31 11.39 32.26
N GLY G 110 34.43 11.18 30.98
CA GLY G 110 35.64 11.61 30.34
C GLY G 110 36.81 10.80 30.82
N VAL G 111 37.97 11.42 30.68
CA VAL G 111 39.23 10.80 31.02
C VAL G 111 40.10 11.82 31.72
N LEU G 112 41.22 11.34 32.24
CA LEU G 112 42.17 12.22 32.87
C LEU G 112 42.89 13.05 31.82
N PRO G 113 43.34 14.25 32.18
CA PRO G 113 44.25 14.95 31.28
C PRO G 113 45.59 14.25 31.24
N ASN G 114 45.99 13.84 30.04
CA ASN G 114 47.27 13.19 29.91
C ASN G 114 47.74 13.24 28.48
N ILE G 115 48.88 13.87 28.28
CA ILE G 115 49.55 13.94 27.01
C ILE G 115 50.92 13.30 27.20
N GLN G 116 51.25 12.36 26.34
CA GLN G 116 52.57 11.77 26.38
C GLN G 116 53.61 12.84 26.15
N ALA G 117 54.71 12.76 26.87
CA ALA G 117 55.70 13.84 26.81
C ALA G 117 56.24 14.05 25.40
N VAL G 118 56.34 12.98 24.62
CA VAL G 118 57.11 13.05 23.39
C VAL G 118 56.44 13.92 22.33
N LEU G 119 55.12 14.02 22.33
CA LEU G 119 54.46 14.77 21.27
C LEU G 119 54.18 16.21 21.63
N LEU G 120 54.59 16.65 22.77
CA LEU G 120 54.63 18.07 23.09
C LEU G 120 55.90 18.70 22.49
N PRO G 121 55.85 19.96 22.06
CA PRO G 121 57.03 20.54 21.44
C PRO G 121 58.16 20.73 22.44
N LYS G 122 59.35 20.88 21.87
CA LYS G 122 60.56 21.03 22.67
C LYS G 122 60.53 22.34 23.44
N LYS G 123 61.09 22.30 24.65
CA LYS G 123 61.11 23.49 25.49
C LYS G 123 61.94 24.62 24.92
N THR G 124 62.78 24.35 23.92
CA THR G 124 63.52 25.40 23.24
C THR G 124 62.56 26.17 22.34
N GLU G 125 61.68 26.95 22.97
CA GLU G 125 60.75 27.84 22.30
C GLU G 125 60.94 29.17 23.00
N SER G 126 61.96 29.90 22.59
CA SER G 126 62.36 31.15 23.24
C SER G 126 63.38 31.84 22.33
N HIS G 127 64.04 32.86 22.87
CA HIS G 127 65.16 33.50 22.22
C HIS G 127 66.14 32.47 21.67
N HIS G 128 66.45 32.58 20.39
CA HIS G 128 67.35 31.66 19.71
C HIS G 128 68.29 32.42 18.77
N LYS G 129 68.81 33.54 19.24
CA LYS G 129 69.76 34.35 18.48
C LYS G 129 70.76 35.02 19.39
N ARG H 33 -4.58 6.67 39.73
CA ARG H 33 -4.21 6.47 41.11
C ARG H 33 -3.23 5.31 41.28
N LYS H 34 -3.20 4.40 40.30
CA LYS H 34 -2.27 3.29 40.34
C LYS H 34 -0.85 3.80 40.44
N ARG H 35 -0.04 3.15 41.28
CA ARG H 35 1.31 3.62 41.51
C ARG H 35 2.22 2.48 41.95
N SER H 36 3.42 2.46 41.39
CA SER H 36 4.40 1.41 41.60
C SER H 36 5.32 1.77 42.77
N ARG H 37 6.44 1.06 42.88
CA ARG H 37 7.38 1.30 43.96
C ARG H 37 8.75 0.74 43.56
N LYS H 38 9.69 1.63 43.25
CA LYS H 38 11.04 1.25 42.86
C LYS H 38 11.99 1.59 43.98
N GLU H 39 12.73 0.60 44.47
CA GLU H 39 13.67 0.84 45.54
C GLU H 39 15.04 1.18 45.00
N SER H 40 15.83 1.80 45.86
CA SER H 40 17.20 2.16 45.53
C SER H 40 18.00 2.26 46.80
N TYR H 41 19.25 2.67 46.62
CA TYR H 41 20.18 2.91 47.70
C TYR H 41 20.44 4.39 47.90
N SER H 42 19.62 5.23 47.31
CA SER H 42 19.85 6.68 47.29
C SER H 42 20.01 7.25 48.68
N ILE H 43 18.98 7.11 49.51
CA ILE H 43 18.89 7.80 50.78
C ILE H 43 20.10 7.46 51.64
N TYR H 44 20.58 6.24 51.52
CA TYR H 44 21.69 5.84 52.36
C TYR H 44 22.97 6.49 51.89
N VAL H 45 23.14 6.60 50.57
CA VAL H 45 24.29 7.29 50.04
C VAL H 45 24.27 8.75 50.49
N TYR H 46 23.08 9.33 50.52
CA TYR H 46 22.95 10.72 50.94
C TYR H 46 23.39 10.88 52.38
N LYS H 47 22.97 9.94 53.24
CA LYS H 47 23.40 9.97 54.63
C LYS H 47 24.91 9.93 54.73
N VAL H 48 25.54 9.03 54.00
CA VAL H 48 26.98 8.87 54.12
C VAL H 48 27.66 10.13 53.64
N LEU H 49 27.13 10.73 52.60
CA LEU H 49 27.71 11.93 52.06
C LEU H 49 27.66 13.05 53.08
N LYS H 50 26.52 13.18 53.76
CA LYS H 50 26.42 14.22 54.78
C LYS H 50 27.32 13.92 55.97
N GLN H 51 27.68 12.65 56.17
CA GLN H 51 28.59 12.34 57.25
C GLN H 51 30.01 12.75 56.92
N VAL H 52 30.41 12.59 55.67
CA VAL H 52 31.81 12.81 55.33
C VAL H 52 32.07 14.23 54.87
N HIS H 53 31.08 14.90 54.30
CA HIS H 53 31.24 16.27 53.81
C HIS H 53 29.95 17.05 53.97
N PRO H 54 29.67 17.57 55.17
CA PRO H 54 28.34 18.14 55.44
C PRO H 54 27.88 19.20 54.50
N ASP H 55 28.80 20.01 54.02
CA ASP H 55 28.45 21.13 53.15
C ASP H 55 28.72 20.74 51.69
N THR H 56 28.02 19.71 51.25
CA THR H 56 28.18 19.27 49.89
C THR H 56 26.95 18.49 49.47
N GLY H 57 26.55 18.68 48.22
CA GLY H 57 25.43 18.00 47.63
C GLY H 57 25.84 17.13 46.46
N ILE H 58 24.85 16.48 45.88
CA ILE H 58 25.11 15.52 44.83
C ILE H 58 23.91 15.43 43.91
N SER H 59 24.19 15.30 42.63
CA SER H 59 23.18 15.32 41.58
C SER H 59 22.56 13.96 41.41
N SER H 60 21.47 13.95 40.66
CA SER H 60 20.69 12.73 40.50
C SER H 60 21.45 11.72 39.65
N LYS H 61 22.12 12.17 38.61
CA LYS H 61 22.85 11.25 37.75
C LYS H 61 23.93 10.53 38.53
N ALA H 62 24.62 11.25 39.39
CA ALA H 62 25.71 10.62 40.12
C ALA H 62 25.15 9.65 41.13
N MET H 63 24.01 9.97 41.69
CA MET H 63 23.39 9.06 42.62
C MET H 63 23.00 7.79 41.91
N GLY H 64 22.55 7.93 40.67
CA GLY H 64 22.26 6.77 39.87
C GLY H 64 23.51 5.94 39.61
N ILE H 65 24.62 6.63 39.36
CA ILE H 65 25.88 5.95 39.15
C ILE H 65 26.22 5.13 40.37
N MET H 66 26.11 5.73 41.54
CA MET H 66 26.44 5.04 42.76
C MET H 66 25.49 3.88 42.97
N ASN H 67 24.25 4.03 42.52
CA ASN H 67 23.28 2.96 42.70
C ASN H 67 23.68 1.76 41.86
N SER H 68 24.02 2.02 40.62
CA SER H 68 24.44 0.94 39.74
C SER H 68 25.72 0.30 40.25
N PHE H 69 26.61 1.11 40.82
CA PHE H 69 27.87 0.60 41.32
C PHE H 69 27.63 -0.36 42.46
N VAL H 70 26.75 0.02 43.36
CA VAL H 70 26.43 -0.83 44.50
C VAL H 70 25.83 -2.12 44.01
N ASN H 71 24.93 -2.03 43.04
CA ASN H 71 24.30 -3.24 42.54
C ASN H 71 25.35 -4.16 41.91
N ASP H 72 26.29 -3.60 41.18
CA ASP H 72 27.31 -4.41 40.52
C ASP H 72 28.17 -5.14 41.55
N ILE H 73 28.63 -4.42 42.58
CA ILE H 73 29.50 -5.06 43.55
C ILE H 73 28.75 -6.11 44.31
N PHE H 74 27.48 -5.84 44.62
CA PHE H 74 26.67 -6.81 45.31
C PHE H 74 26.58 -8.08 44.50
N GLU H 75 26.33 -7.95 43.20
CA GLU H 75 26.17 -9.11 42.36
C GLU H 75 27.47 -9.91 42.28
N ARG H 76 28.60 -9.22 42.14
CA ARG H 76 29.87 -9.93 42.02
C ARG H 76 30.14 -10.72 43.27
N ILE H 77 29.95 -10.10 44.41
CA ILE H 77 30.36 -10.75 45.63
C ILE H 77 29.46 -11.93 45.91
N ALA H 78 28.16 -11.75 45.72
CA ALA H 78 27.27 -12.86 46.01
C ALA H 78 27.54 -14.03 45.08
N GLY H 79 27.76 -13.74 43.79
CA GLY H 79 28.04 -14.81 42.85
C GLY H 79 29.31 -15.55 43.21
N GLU H 80 30.33 -14.81 43.62
CA GLU H 80 31.59 -15.45 43.93
C GLU H 80 31.45 -16.30 45.17
N ALA H 81 30.70 -15.80 46.15
CA ALA H 81 30.47 -16.59 47.34
C ALA H 81 29.75 -17.86 46.99
N SER H 82 28.79 -17.74 46.09
CA SER H 82 28.03 -18.90 45.69
C SER H 82 28.93 -19.93 45.07
N ARG H 83 29.86 -19.46 44.24
CA ARG H 83 30.75 -20.39 43.55
C ARG H 83 31.65 -21.08 44.55
N LEU H 84 32.10 -20.35 45.57
CA LEU H 84 32.94 -20.99 46.56
C LEU H 84 32.15 -22.03 47.32
N ALA H 85 30.91 -21.70 47.64
CA ALA H 85 30.11 -22.62 48.40
C ALA H 85 29.91 -23.89 47.62
N HIS H 86 29.55 -23.73 46.36
CA HIS H 86 29.26 -24.89 45.53
C HIS H 86 30.49 -25.75 45.32
N TYR H 87 31.67 -25.14 45.38
CA TYR H 87 32.88 -25.94 45.14
C TYR H 87 33.26 -26.76 46.36
N ASN H 88 32.85 -26.33 47.55
CA ASN H 88 33.16 -27.06 48.76
C ASN H 88 31.98 -27.85 49.31
N LYS H 89 30.92 -28.00 48.52
CA LYS H 89 29.76 -28.81 48.91
C LYS H 89 29.20 -28.40 50.27
N ARG H 90 29.16 -27.09 50.49
CA ARG H 90 28.53 -26.50 51.65
C ARG H 90 27.33 -25.69 51.19
N SER H 91 26.24 -25.84 51.89
CA SER H 91 24.99 -25.28 51.45
C SER H 91 24.69 -23.94 52.10
N THR H 92 25.54 -23.49 53.00
CA THR H 92 25.34 -22.24 53.70
C THR H 92 26.40 -21.21 53.32
N ILE H 93 25.93 -20.02 53.01
CA ILE H 93 26.79 -18.85 52.86
C ILE H 93 26.87 -18.17 54.21
N THR H 94 28.07 -17.99 54.72
CA THR H 94 28.31 -17.38 56.00
C THR H 94 29.17 -16.15 55.84
N SER H 95 29.49 -15.55 56.98
CA SER H 95 30.40 -14.43 56.97
C SER H 95 31.74 -14.84 56.42
N ARG H 96 32.15 -16.06 56.71
CA ARG H 96 33.44 -16.53 56.27
C ARG H 96 33.54 -16.48 54.75
N GLU H 97 32.49 -16.92 54.08
CA GLU H 97 32.54 -16.96 52.64
C GLU H 97 32.63 -15.56 52.07
N ILE H 98 31.90 -14.63 52.66
CA ILE H 98 31.94 -13.27 52.17
C ILE H 98 33.33 -12.71 52.34
N GLN H 99 33.95 -13.03 53.47
CA GLN H 99 35.27 -12.51 53.77
C GLN H 99 36.25 -13.03 52.73
N THR H 100 36.10 -14.30 52.38
CA THR H 100 37.00 -14.91 51.42
C THR H 100 36.84 -14.26 50.06
N ALA H 101 35.60 -14.08 49.65
CA ALA H 101 35.37 -13.50 48.34
C ALA H 101 35.90 -12.09 48.28
N VAL H 102 35.82 -11.38 49.39
CA VAL H 102 36.34 -10.03 49.42
C VAL H 102 37.83 -10.06 49.22
N ARG H 103 38.51 -10.98 49.89
CA ARG H 103 39.95 -11.06 49.72
C ARG H 103 40.31 -11.45 48.30
N LEU H 104 39.44 -12.17 47.62
CA LEU H 104 39.75 -12.59 46.26
C LEU H 104 39.58 -11.45 45.30
N LEU H 105 38.50 -10.70 45.45
CA LEU H 105 38.13 -9.74 44.42
C LEU H 105 38.88 -8.43 44.55
N LEU H 106 38.97 -7.94 45.65
CA LEU H 106 39.60 -6.65 45.86
C LEU H 106 41.09 -6.82 46.09
N PRO H 107 41.91 -5.83 45.78
CA PRO H 107 43.33 -5.91 46.04
C PRO H 107 43.77 -5.26 47.34
N GLY H 108 44.79 -5.87 47.93
CA GLY H 108 45.53 -5.34 49.05
C GLY H 108 44.81 -4.57 50.14
N GLU H 109 45.32 -3.36 50.33
CA GLU H 109 45.02 -2.59 51.53
C GLU H 109 43.55 -2.29 51.62
N LEU H 110 42.90 -2.16 50.48
CA LEU H 110 41.47 -1.95 50.48
C LEU H 110 40.78 -3.13 51.10
N ALA H 111 41.26 -4.32 50.78
CA ALA H 111 40.68 -5.52 51.34
C ALA H 111 40.87 -5.54 52.83
N LYS H 112 42.07 -5.21 53.28
CA LYS H 112 42.34 -5.30 54.70
C LYS H 112 41.46 -4.35 55.48
N HIS H 113 41.36 -3.09 55.05
CA HIS H 113 40.56 -2.14 55.80
C HIS H 113 39.10 -2.53 55.78
N ALA H 114 38.59 -2.95 54.63
CA ALA H 114 37.19 -3.30 54.55
C ALA H 114 36.91 -4.50 55.41
N VAL H 115 37.83 -5.43 55.44
CA VAL H 115 37.68 -6.61 56.26
C VAL H 115 37.65 -6.21 57.72
N SER H 116 38.46 -5.21 58.07
CA SER H 116 38.45 -4.71 59.45
C SER H 116 37.08 -4.21 59.80
N GLU H 117 36.48 -3.43 58.91
CA GLU H 117 35.19 -2.85 59.22
C GLU H 117 34.15 -3.94 59.35
N GLY H 118 34.29 -4.97 58.54
CA GLY H 118 33.31 -6.03 58.59
C GLY H 118 33.38 -6.76 59.89
N THR H 119 34.60 -7.05 60.32
CA THR H 119 34.76 -7.82 61.54
C THR H 119 34.27 -7.01 62.72
N LYS H 120 34.53 -5.70 62.69
CA LYS H 120 34.06 -4.83 63.76
C LYS H 120 32.55 -4.84 63.78
N ALA H 121 31.95 -4.86 62.61
CA ALA H 121 30.51 -4.81 62.54
C ALA H 121 29.91 -6.06 63.13
N VAL H 122 30.51 -7.20 62.82
CA VAL H 122 29.97 -8.44 63.34
C VAL H 122 30.14 -8.49 64.84
N THR H 123 31.27 -8.00 65.34
CA THR H 123 31.52 -8.05 66.77
C THR H 123 30.53 -7.17 67.52
N LYS H 124 30.15 -6.05 66.92
CA LYS H 124 29.19 -5.19 67.59
C LYS H 124 27.81 -5.80 67.53
N TYR H 125 27.46 -6.40 66.41
CA TYR H 125 26.11 -6.91 66.24
C TYR H 125 25.88 -8.10 67.12
N THR H 126 26.88 -8.95 67.23
CA THR H 126 26.70 -10.20 67.96
C THR H 126 26.63 -9.96 69.45
N SER H 127 27.18 -8.85 69.94
CA SER H 127 27.21 -8.61 71.39
C SER H 127 25.91 -8.00 71.88
N ALA H 128 25.46 -6.94 71.23
CA ALA H 128 24.44 -6.08 71.78
C ALA H 128 23.04 -6.49 71.37
N LYS H 129 22.81 -7.79 71.21
CA LYS H 129 21.46 -8.29 70.92
C LYS H 129 20.48 -7.89 72.01
N MET K 5 -39.70 30.66 -16.46
CA MET K 5 -39.85 31.63 -17.58
C MET K 5 -39.66 30.91 -18.91
N SER K 6 -38.82 29.89 -18.91
CA SER K 6 -38.67 29.00 -20.04
C SER K 6 -39.61 27.82 -19.83
N TYR K 7 -40.51 27.63 -20.77
CA TYR K 7 -41.46 26.54 -20.72
C TYR K 7 -41.47 25.90 -22.09
N ASN K 8 -41.39 24.57 -22.12
CA ASN K 8 -41.14 23.86 -23.34
C ASN K 8 -42.07 22.67 -23.46
N TYR K 9 -42.28 22.27 -24.71
CA TYR K 9 -43.22 21.24 -25.09
C TYR K 9 -42.48 20.28 -26.01
N VAL K 10 -42.56 18.98 -25.71
CA VAL K 10 -41.89 17.94 -26.46
C VAL K 10 -42.94 16.97 -26.97
N VAL K 11 -42.77 16.50 -28.20
CA VAL K 11 -43.76 15.64 -28.82
C VAL K 11 -43.07 14.70 -29.81
N THR K 12 -43.59 13.48 -29.86
CA THR K 12 -43.13 12.51 -30.85
C THR K 12 -43.69 12.85 -32.23
N ALA K 13 -42.81 12.96 -33.22
CA ALA K 13 -43.22 13.13 -34.61
C ALA K 13 -43.24 11.81 -35.37
N GLN K 14 -42.28 10.93 -35.07
CA GLN K 14 -42.25 9.58 -35.60
C GLN K 14 -41.78 8.68 -34.48
N LYS K 15 -42.57 7.67 -34.16
CA LYS K 15 -42.21 6.76 -33.10
C LYS K 15 -40.93 6.01 -33.45
N PRO K 16 -40.21 5.52 -32.45
CA PRO K 16 -39.01 4.75 -32.74
C PRO K 16 -39.34 3.50 -33.53
N THR K 17 -38.40 3.14 -34.39
CA THR K 17 -38.56 2.05 -35.32
C THR K 17 -37.64 0.88 -35.01
N ALA K 18 -36.55 1.13 -34.31
CA ALA K 18 -35.58 0.07 -34.06
C ALA K 18 -36.18 -0.94 -33.11
N VAL K 19 -35.77 -2.17 -33.28
CA VAL K 19 -36.24 -3.28 -32.46
C VAL K 19 -35.17 -3.59 -31.44
N ASN K 20 -35.54 -3.53 -30.16
CA ASN K 20 -34.64 -3.90 -29.09
C ASN K 20 -34.76 -5.36 -28.72
N GLY K 21 -35.90 -5.98 -29.00
CA GLY K 21 -36.12 -7.36 -28.65
C GLY K 21 -37.36 -7.90 -29.33
N CYS K 22 -37.41 -9.21 -29.48
CA CYS K 22 -38.58 -9.84 -30.07
C CYS K 22 -38.64 -11.29 -29.61
N VAL K 23 -39.87 -11.75 -29.34
CA VAL K 23 -40.08 -13.11 -28.89
C VAL K 23 -41.36 -13.67 -29.50
N THR K 24 -41.46 -14.99 -29.45
CA THR K 24 -42.62 -15.73 -29.93
C THR K 24 -43.25 -16.51 -28.80
N GLY K 25 -44.54 -16.76 -28.92
CA GLY K 25 -45.22 -17.57 -27.93
C GLY K 25 -46.71 -17.57 -28.14
N HIS K 26 -47.44 -17.74 -27.05
CA HIS K 26 -48.89 -17.83 -27.09
C HIS K 26 -49.46 -16.89 -26.03
N PHE K 27 -49.60 -15.62 -26.38
CA PHE K 27 -49.99 -14.56 -25.47
C PHE K 27 -51.43 -14.12 -25.63
N THR K 28 -51.90 -13.94 -26.87
CA THR K 28 -53.27 -13.48 -27.08
C THR K 28 -54.28 -14.59 -26.91
N SER K 29 -53.87 -15.84 -27.15
CA SER K 29 -54.73 -16.98 -26.87
C SER K 29 -53.88 -18.24 -26.85
N ALA K 30 -54.39 -19.27 -26.19
CA ALA K 30 -53.67 -20.53 -26.11
C ALA K 30 -53.47 -21.16 -27.48
N GLU K 31 -54.33 -20.84 -28.44
CA GLU K 31 -54.22 -21.38 -29.78
C GLU K 31 -53.43 -20.49 -30.73
N ASP K 32 -53.34 -19.19 -30.46
CA ASP K 32 -52.64 -18.28 -31.34
C ASP K 32 -51.13 -18.38 -31.17
N LEU K 33 -50.43 -18.30 -32.30
CA LEU K 33 -48.98 -18.08 -32.31
C LEU K 33 -48.73 -16.60 -32.48
N ASN K 34 -48.20 -15.97 -31.44
CA ASN K 34 -48.03 -14.54 -31.36
C ASN K 34 -46.55 -14.17 -31.46
N LEU K 35 -46.32 -12.99 -32.04
CA LEU K 35 -45.02 -12.35 -32.08
C LEU K 35 -45.10 -11.04 -31.30
N LEU K 36 -44.19 -10.87 -30.34
CA LEU K 36 -44.07 -9.65 -29.56
C LEU K 36 -42.79 -8.95 -29.93
N ILE K 37 -42.88 -7.64 -30.16
CA ILE K 37 -41.78 -6.82 -30.60
C ILE K 37 -41.65 -5.65 -29.64
N ALA K 38 -40.41 -5.30 -29.31
CA ALA K 38 -40.11 -4.17 -28.47
C ALA K 38 -39.38 -3.12 -29.30
N LYS K 39 -39.94 -1.92 -29.37
CA LYS K 39 -39.24 -0.76 -29.90
C LYS K 39 -39.19 0.31 -28.81
N ASN K 40 -38.30 0.11 -27.85
CA ASN K 40 -37.74 1.07 -26.90
C ASN K 40 -38.70 1.77 -25.95
N THR K 41 -39.91 2.01 -26.38
CA THR K 41 -40.97 2.43 -25.51
C THR K 41 -42.28 1.76 -25.88
N ARG K 42 -42.31 1.09 -27.02
CA ARG K 42 -43.52 0.56 -27.58
C ARG K 42 -43.45 -0.95 -27.56
N LEU K 43 -44.58 -1.56 -27.27
CA LEU K 43 -44.75 -3.00 -27.33
C LEU K 43 -45.78 -3.28 -28.40
N GLU K 44 -45.38 -4.03 -29.41
CA GLU K 44 -46.21 -4.39 -30.54
C GLU K 44 -46.50 -5.88 -30.47
N ILE K 45 -47.77 -6.22 -30.65
CA ILE K 45 -48.26 -7.58 -30.53
C ILE K 45 -48.94 -7.95 -31.83
N TYR K 46 -48.41 -8.96 -32.51
CA TYR K 46 -48.91 -9.48 -33.77
C TYR K 46 -49.32 -10.94 -33.62
N VAL K 47 -50.21 -11.36 -34.51
CA VAL K 47 -50.50 -12.77 -34.72
C VAL K 47 -49.80 -13.21 -35.99
N VAL K 48 -49.18 -14.37 -35.94
CA VAL K 48 -48.52 -14.94 -37.10
C VAL K 48 -49.57 -15.64 -37.95
N THR K 49 -49.56 -15.36 -39.23
CA THR K 49 -50.46 -16.01 -40.19
C THR K 49 -49.63 -16.73 -41.25
N ALA K 50 -50.35 -17.43 -42.11
CA ALA K 50 -49.71 -18.11 -43.23
C ALA K 50 -49.05 -17.09 -44.15
N GLU K 51 -49.62 -15.91 -44.27
CA GLU K 51 -49.11 -14.90 -45.19
C GLU K 51 -48.13 -13.96 -44.52
N GLY K 52 -48.24 -13.78 -43.22
CA GLY K 52 -47.41 -12.80 -42.55
C GLY K 52 -47.83 -12.52 -41.12
N LEU K 53 -48.03 -11.24 -40.82
CA LEU K 53 -48.28 -10.74 -39.48
C LEU K 53 -49.56 -9.93 -39.49
N ARG K 54 -50.41 -10.17 -38.52
CA ARG K 54 -51.62 -9.40 -38.31
C ARG K 54 -51.43 -8.51 -37.09
N PRO K 55 -51.51 -7.18 -37.18
CA PRO K 55 -51.38 -6.38 -35.97
C PRO K 55 -52.59 -6.55 -35.07
N VAL K 56 -52.30 -6.85 -33.80
CA VAL K 56 -53.34 -7.03 -32.79
C VAL K 56 -53.32 -5.91 -31.77
N LYS K 57 -52.14 -5.43 -31.37
CA LYS K 57 -52.14 -4.37 -30.38
C LYS K 57 -50.82 -3.64 -30.40
N GLU K 58 -50.88 -2.34 -30.12
CA GLU K 58 -49.70 -1.53 -29.92
C GLU K 58 -49.94 -0.68 -28.69
N VAL K 59 -49.01 -0.75 -27.74
CA VAL K 59 -49.09 0.05 -26.53
C VAL K 59 -47.76 0.75 -26.30
N GLY K 60 -47.82 1.84 -25.56
CA GLY K 60 -46.65 2.49 -25.02
C GLY K 60 -46.53 2.19 -23.53
N MET K 61 -45.30 2.01 -23.09
CA MET K 61 -44.99 1.90 -21.67
C MET K 61 -44.20 3.12 -21.23
N TYR K 62 -44.39 3.48 -19.97
CA TYR K 62 -43.66 4.59 -19.37
C TYR K 62 -42.31 4.09 -18.88
N GLY K 63 -41.49 3.72 -19.83
CA GLY K 63 -40.25 3.06 -19.53
C GLY K 63 -39.56 2.48 -20.75
N LYS K 64 -38.24 2.35 -20.68
CA LYS K 64 -37.50 1.69 -21.74
C LYS K 64 -37.43 0.21 -21.46
N ILE K 65 -38.04 -0.58 -22.33
CA ILE K 65 -38.06 -2.02 -22.12
C ILE K 65 -36.65 -2.54 -22.31
N ALA K 66 -36.15 -3.25 -21.32
CA ALA K 66 -34.84 -3.88 -21.37
C ALA K 66 -34.94 -5.39 -21.44
N VAL K 67 -36.03 -5.95 -20.97
CA VAL K 67 -36.25 -7.38 -20.96
C VAL K 67 -37.69 -7.63 -21.33
N MET K 68 -37.92 -8.69 -22.08
CA MET K 68 -39.25 -9.04 -22.54
C MET K 68 -39.29 -10.55 -22.69
N GLU K 69 -39.98 -11.23 -21.78
CA GLU K 69 -40.02 -12.69 -21.75
C GLU K 69 -41.41 -13.19 -21.41
N LEU K 70 -41.83 -14.23 -22.11
CA LEU K 70 -43.11 -14.88 -21.88
C LEU K 70 -42.95 -16.11 -21.01
N PHE K 71 -44.02 -16.44 -20.29
CA PHE K 71 -43.99 -17.59 -19.40
C PHE K 71 -45.40 -17.96 -19.01
N ARG K 72 -45.57 -19.22 -18.60
CA ARG K 72 -46.88 -19.77 -18.27
C ARG K 72 -46.80 -20.53 -16.95
N PRO K 73 -47.07 -19.87 -15.82
CA PRO K 73 -47.12 -20.61 -14.55
C PRO K 73 -48.19 -21.68 -14.56
N LYS K 74 -48.09 -22.58 -13.59
CA LYS K 74 -49.12 -23.60 -13.40
C LYS K 74 -50.46 -22.96 -13.10
N GLY K 75 -51.51 -23.53 -13.67
CA GLY K 75 -52.85 -23.00 -13.53
C GLY K 75 -53.25 -21.96 -14.57
N GLU K 76 -52.30 -21.41 -15.33
CA GLU K 76 -52.60 -20.44 -16.37
C GLU K 76 -52.88 -21.14 -17.70
N SER K 77 -53.94 -20.71 -18.36
CA SER K 77 -54.34 -21.30 -19.64
C SER K 77 -53.52 -20.77 -20.82
N LYS K 78 -52.80 -19.68 -20.66
CA LYS K 78 -51.95 -19.14 -21.71
C LYS K 78 -50.82 -18.38 -21.05
N ASP K 79 -49.90 -17.88 -21.88
CA ASP K 79 -48.68 -17.29 -21.38
C ASP K 79 -48.92 -15.92 -20.73
N LEU K 80 -48.12 -15.63 -19.71
CA LEU K 80 -47.97 -14.30 -19.16
C LEU K 80 -46.70 -13.66 -19.68
N LEU K 81 -46.63 -12.34 -19.54
CA LEU K 81 -45.49 -11.57 -20.03
C LEU K 81 -44.83 -10.85 -18.87
N PHE K 82 -43.51 -10.97 -18.77
CA PHE K 82 -42.73 -10.22 -17.80
C PHE K 82 -42.00 -9.11 -18.52
N ILE K 83 -42.12 -7.89 -18.01
CA ILE K 83 -41.39 -6.75 -18.54
C ILE K 83 -40.61 -6.10 -17.41
N LEU K 84 -39.42 -5.65 -17.75
CA LEU K 84 -38.57 -4.88 -16.87
C LEU K 84 -38.11 -3.66 -17.64
N THR K 85 -38.19 -2.50 -17.01
CA THR K 85 -37.79 -1.26 -17.63
C THR K 85 -36.39 -0.85 -17.20
N ALA K 86 -35.86 0.17 -17.86
CA ALA K 86 -34.51 0.62 -17.57
C ALA K 86 -34.42 1.22 -16.18
N LYS K 87 -35.50 1.82 -15.70
CA LYS K 87 -35.56 2.30 -14.32
C LYS K 87 -35.94 1.20 -13.35
N TYR K 88 -35.88 -0.05 -13.77
CA TYR K 88 -36.02 -1.22 -12.91
C TYR K 88 -37.42 -1.34 -12.33
N ASN K 89 -38.42 -0.84 -13.03
CA ASN K 89 -39.81 -1.23 -12.76
C ASN K 89 -40.04 -2.58 -13.40
N ALA K 90 -40.49 -3.54 -12.60
CA ALA K 90 -40.80 -4.88 -13.06
C ALA K 90 -42.31 -5.05 -13.00
N CYS K 91 -42.85 -5.78 -13.98
CA CYS K 91 -44.27 -6.05 -14.01
C CYS K 91 -44.54 -7.35 -14.73
N ILE K 92 -45.55 -8.06 -14.27
CA ILE K 92 -46.10 -9.23 -14.94
C ILE K 92 -47.49 -8.88 -15.42
N LEU K 93 -47.72 -9.04 -16.72
CA LEU K 93 -48.92 -8.61 -17.41
C LEU K 93 -49.59 -9.79 -18.10
N GLU K 94 -50.87 -9.61 -18.37
CA GLU K 94 -51.74 -10.59 -18.96
C GLU K 94 -52.59 -9.91 -20.01
N TYR K 95 -52.81 -10.61 -21.12
CA TYR K 95 -53.63 -10.10 -22.21
C TYR K 95 -55.10 -10.37 -21.92
N LYS K 96 -55.93 -9.35 -22.13
CA LYS K 96 -57.36 -9.48 -21.94
C LYS K 96 -58.07 -8.84 -23.12
N GLN K 97 -58.97 -9.60 -23.73
CA GLN K 97 -59.78 -9.14 -24.83
C GLN K 97 -61.24 -9.46 -24.54
N SER K 98 -62.12 -8.54 -24.89
CA SER K 98 -63.55 -8.76 -24.78
C SER K 98 -64.21 -7.93 -25.85
N GLY K 99 -64.79 -8.60 -26.84
CA GLY K 99 -65.28 -7.88 -28.01
C GLY K 99 -64.09 -7.30 -28.76
N GLU K 100 -64.22 -6.05 -29.16
CA GLU K 100 -63.13 -5.32 -29.76
C GLU K 100 -62.33 -4.52 -28.75
N SER K 101 -62.69 -4.59 -27.47
CA SER K 101 -61.93 -3.93 -26.42
C SER K 101 -60.84 -4.87 -25.95
N ILE K 102 -59.60 -4.40 -26.03
CA ILE K 102 -58.42 -5.17 -25.64
C ILE K 102 -57.76 -4.42 -24.50
N ASP K 103 -57.45 -5.14 -23.44
CA ASP K 103 -56.79 -4.59 -22.28
C ASP K 103 -55.68 -5.53 -21.87
N ILE K 104 -54.58 -4.96 -21.45
CA ILE K 104 -53.49 -5.70 -20.84
C ILE K 104 -53.58 -5.45 -19.36
N ILE K 105 -53.90 -6.47 -18.64
CA ILE K 105 -54.07 -6.37 -17.21
C ILE K 105 -52.71 -6.49 -16.55
N THR K 106 -52.51 -5.73 -15.49
CA THR K 106 -51.30 -5.80 -14.68
C THR K 106 -51.53 -6.82 -13.59
N ARG K 107 -50.91 -7.99 -13.72
CA ARG K 107 -51.02 -9.03 -12.71
C ARG K 107 -50.12 -8.77 -11.52
N ALA K 108 -48.97 -8.15 -11.74
CA ALA K 108 -48.04 -7.86 -10.66
C ALA K 108 -47.16 -6.69 -11.08
N HIS K 109 -46.72 -5.91 -10.11
CA HIS K 109 -45.85 -4.78 -10.41
C HIS K 109 -45.10 -4.39 -9.16
N GLY K 110 -43.85 -3.98 -9.34
CA GLY K 110 -43.05 -3.50 -8.24
C GLY K 110 -41.73 -2.95 -8.74
N ASN K 111 -41.16 -2.05 -7.96
CA ASN K 111 -39.84 -1.51 -8.22
C ASN K 111 -38.83 -2.32 -7.42
N VAL K 112 -37.89 -2.92 -8.12
CA VAL K 112 -36.88 -3.78 -7.52
C VAL K 112 -35.55 -3.07 -7.40
N GLN K 113 -35.53 -1.74 -7.46
CA GLN K 113 -34.29 -1.02 -7.32
C GLN K 113 -33.71 -1.25 -5.94
N ASP K 114 -32.43 -1.54 -5.91
CA ASP K 114 -31.71 -1.55 -4.65
C ASP K 114 -31.24 -0.14 -4.36
N ARG K 115 -30.89 0.08 -3.12
CA ARG K 115 -30.42 1.39 -2.72
C ARG K 115 -29.14 1.75 -3.44
N ILE K 116 -28.28 0.77 -3.61
CA ILE K 116 -26.94 1.01 -4.10
C ILE K 116 -26.58 -0.06 -5.12
N GLY K 117 -25.70 0.30 -6.02
CA GLY K 117 -25.16 -0.62 -7.01
C GLY K 117 -24.69 0.10 -8.24
N ARG K 118 -23.61 -0.41 -8.81
CA ARG K 118 -23.13 0.04 -10.11
C ARG K 118 -23.79 -0.81 -11.19
N PRO K 119 -24.50 -0.22 -12.15
CA PRO K 119 -24.97 -1.03 -13.27
C PRO K 119 -23.82 -1.64 -14.05
N SER K 120 -24.04 -2.85 -14.53
CA SER K 120 -22.97 -3.64 -15.10
C SER K 120 -22.63 -3.21 -16.51
N GLU K 121 -21.59 -3.83 -17.04
CA GLU K 121 -21.06 -3.44 -18.33
C GLU K 121 -21.91 -4.02 -19.46
N THR K 122 -22.27 -5.30 -19.36
CA THR K 122 -23.10 -5.93 -20.37
C THR K 122 -24.57 -5.69 -20.14
N GLY K 123 -24.91 -4.75 -19.25
CA GLY K 123 -26.26 -4.29 -19.14
C GLY K 123 -27.15 -5.23 -18.36
N ILE K 124 -28.40 -4.82 -18.28
CA ILE K 124 -29.39 -5.62 -17.58
C ILE K 124 -29.56 -6.94 -18.30
N ILE K 125 -29.57 -8.02 -17.53
CA ILE K 125 -29.92 -9.33 -18.06
C ILE K 125 -31.09 -9.87 -17.26
N GLY K 126 -32.04 -10.48 -17.94
CA GLY K 126 -33.21 -11.05 -17.31
C GLY K 126 -33.57 -12.40 -17.89
N ILE K 127 -33.79 -13.38 -17.02
CA ILE K 127 -34.12 -14.73 -17.44
C ILE K 127 -35.18 -15.28 -16.50
N ILE K 128 -35.88 -16.29 -16.96
CA ILE K 128 -36.93 -16.94 -16.17
C ILE K 128 -36.73 -18.44 -16.22
N ASP K 129 -36.82 -19.07 -15.07
CA ASP K 129 -36.67 -20.50 -14.95
C ASP K 129 -37.71 -21.20 -15.84
N PRO K 130 -37.34 -22.31 -16.53
CA PRO K 130 -38.34 -23.01 -17.36
C PRO K 130 -39.57 -23.45 -16.60
N GLU K 131 -39.42 -23.83 -15.33
CA GLU K 131 -40.54 -24.29 -14.54
C GLU K 131 -41.29 -23.16 -13.86
N CYS K 132 -40.98 -21.92 -14.20
CA CYS K 132 -41.71 -20.76 -13.66
C CYS K 132 -41.66 -20.71 -12.15
N ARG K 133 -40.54 -21.16 -11.58
CA ARG K 133 -40.30 -21.06 -10.15
C ARG K 133 -39.79 -19.69 -9.72
N MET K 134 -39.11 -18.97 -10.61
CA MET K 134 -38.43 -17.75 -10.22
C MET K 134 -38.04 -16.96 -11.45
N ILE K 135 -37.82 -15.67 -11.23
CA ILE K 135 -37.16 -14.81 -12.20
C ILE K 135 -35.78 -14.51 -11.66
N GLY K 136 -34.79 -14.50 -12.55
CA GLY K 136 -33.44 -14.10 -12.23
C GLY K 136 -33.01 -12.87 -13.00
N LEU K 137 -32.33 -11.95 -12.32
CA LEU K 137 -31.90 -10.70 -12.92
C LEU K 137 -30.44 -10.46 -12.56
N ARG K 138 -29.69 -9.99 -13.55
CA ARG K 138 -28.33 -9.47 -13.38
C ARG K 138 -28.43 -7.98 -13.65
N LEU K 139 -28.46 -7.22 -12.56
CA LEU K 139 -28.50 -5.77 -12.57
C LEU K 139 -27.18 -5.13 -12.19
N TYR K 140 -26.57 -5.58 -11.11
CA TYR K 140 -25.33 -5.05 -10.60
C TYR K 140 -24.27 -6.13 -10.53
N ASP K 141 -23.02 -5.72 -10.65
CA ASP K 141 -21.93 -6.66 -10.54
C ASP K 141 -21.92 -7.28 -9.15
N GLY K 142 -21.54 -8.53 -9.08
CA GLY K 142 -21.47 -9.24 -7.83
C GLY K 142 -22.80 -9.70 -7.28
N LEU K 143 -23.92 -9.39 -7.92
CA LEU K 143 -25.23 -9.70 -7.39
C LEU K 143 -26.10 -10.41 -8.41
N PHE K 144 -26.94 -11.31 -7.91
CA PHE K 144 -27.99 -11.95 -8.69
C PHE K 144 -29.29 -11.79 -7.93
N LYS K 145 -30.26 -11.14 -8.55
CA LYS K 145 -31.52 -10.86 -7.90
C LYS K 145 -32.51 -11.94 -8.30
N VAL K 146 -33.31 -12.38 -7.35
CA VAL K 146 -34.28 -13.46 -7.56
C VAL K 146 -35.63 -12.98 -7.09
N ILE K 147 -36.61 -13.07 -7.98
CA ILE K 147 -38.02 -12.85 -7.65
C ILE K 147 -38.65 -14.24 -7.59
N PRO K 148 -38.97 -14.78 -6.41
CA PRO K 148 -39.69 -16.06 -6.40
C PRO K 148 -41.07 -15.88 -6.99
N LEU K 149 -41.45 -16.82 -7.84
CA LEU K 149 -42.72 -16.75 -8.55
C LEU K 149 -43.80 -17.47 -7.74
N ASP K 150 -44.06 -16.90 -6.57
CA ASP K 150 -45.20 -17.26 -5.77
C ASP K 150 -46.40 -16.43 -6.22
N ARG K 151 -47.58 -17.02 -6.12
CA ARG K 151 -48.78 -16.32 -6.54
C ARG K 151 -49.04 -15.09 -5.67
N ASP K 152 -48.56 -15.10 -4.44
CA ASP K 152 -48.76 -13.96 -3.56
C ASP K 152 -47.72 -12.85 -3.80
N ASN K 153 -46.71 -13.08 -4.63
CA ASN K 153 -45.64 -12.09 -4.82
C ASN K 153 -46.05 -11.07 -5.88
N LYS K 154 -47.20 -10.46 -5.63
CA LYS K 154 -47.77 -9.50 -6.56
C LYS K 154 -46.97 -8.20 -6.56
N GLU K 155 -46.13 -8.01 -5.56
CA GLU K 155 -45.18 -6.90 -5.51
C GLU K 155 -43.84 -7.27 -6.09
N LEU K 156 -43.65 -8.53 -6.49
CA LEU K 156 -42.40 -8.99 -7.08
C LEU K 156 -41.25 -8.78 -6.10
N LYS K 157 -41.52 -9.03 -4.83
CA LYS K 157 -40.47 -8.97 -3.83
C LYS K 157 -39.36 -9.93 -4.21
N ALA K 158 -38.12 -9.54 -3.89
CA ALA K 158 -36.94 -10.24 -4.36
C ALA K 158 -35.89 -10.26 -3.28
N PHE K 159 -34.90 -11.12 -3.47
CA PHE K 159 -33.71 -11.13 -2.63
C PHE K 159 -32.46 -11.20 -3.49
N ASN K 160 -31.33 -10.85 -2.90
CA ASN K 160 -30.06 -10.85 -3.58
C ASN K 160 -29.19 -12.01 -3.13
N ILE K 161 -28.39 -12.52 -4.05
CA ILE K 161 -27.34 -13.50 -3.75
C ILE K 161 -26.03 -12.94 -4.25
N ARG K 162 -24.98 -13.15 -3.47
CA ARG K 162 -23.65 -12.79 -3.92
C ARG K 162 -23.24 -13.66 -5.08
N LEU K 163 -22.61 -13.04 -6.05
CA LEU K 163 -21.86 -13.73 -7.09
C LEU K 163 -20.39 -13.45 -6.83
N GLU K 164 -19.62 -14.51 -6.58
CA GLU K 164 -18.19 -14.35 -6.45
C GLU K 164 -17.59 -13.78 -7.72
N GLU K 165 -18.13 -14.18 -8.87
CA GLU K 165 -17.62 -13.71 -10.16
C GLU K 165 -18.31 -12.38 -10.49
N LEU K 166 -17.52 -11.33 -10.56
CA LEU K 166 -18.04 -9.99 -10.63
C LEU K 166 -18.30 -9.51 -12.05
N HIS K 167 -17.69 -10.15 -13.05
CA HIS K 167 -17.80 -9.74 -14.45
C HIS K 167 -18.43 -10.88 -15.21
N VAL K 168 -19.75 -10.92 -15.16
CA VAL K 168 -20.52 -11.94 -15.85
C VAL K 168 -20.76 -11.50 -17.28
N ILE K 169 -20.60 -12.42 -18.21
CA ILE K 169 -20.80 -12.14 -19.63
C ILE K 169 -22.20 -12.52 -20.06
N ASP K 170 -22.64 -13.73 -19.72
CA ASP K 170 -23.99 -14.18 -20.03
C ASP K 170 -24.38 -15.27 -19.05
N VAL K 171 -25.68 -15.47 -18.93
CA VAL K 171 -26.23 -16.42 -17.99
C VAL K 171 -27.60 -16.87 -18.47
N LYS K 172 -27.94 -18.12 -18.21
CA LYS K 172 -29.26 -18.66 -18.55
C LYS K 172 -29.66 -19.70 -17.51
N PHE K 173 -30.97 -19.81 -17.28
CA PHE K 173 -31.50 -20.95 -16.53
C PHE K 173 -31.44 -22.19 -17.40
N LEU K 174 -31.14 -23.31 -16.79
CA LEU K 174 -31.06 -24.57 -17.49
C LEU K 174 -32.40 -25.29 -17.53
N TYR K 175 -32.56 -26.15 -18.52
CA TYR K 175 -33.72 -27.03 -18.62
C TYR K 175 -33.43 -28.37 -17.95
N GLY K 176 -34.51 -29.02 -17.49
CA GLY K 176 -34.43 -30.39 -17.04
C GLY K 176 -33.68 -30.61 -15.75
N CYS K 177 -33.79 -29.67 -14.82
CA CYS K 177 -33.14 -29.78 -13.51
C CYS K 177 -34.21 -29.85 -12.44
N GLN K 178 -34.02 -30.79 -11.52
CA GLN K 178 -34.91 -30.92 -10.38
C GLN K 178 -34.89 -29.68 -9.49
N ALA K 179 -33.77 -28.97 -9.45
CA ALA K 179 -33.64 -27.70 -8.76
C ALA K 179 -33.39 -26.60 -9.78
N PRO K 180 -33.80 -25.35 -9.51
CA PRO K 180 -33.46 -24.26 -10.41
C PRO K 180 -31.96 -24.12 -10.51
N THR K 181 -31.47 -24.02 -11.74
CA THR K 181 -30.04 -24.01 -12.01
C THR K 181 -29.71 -22.98 -13.07
N ILE K 182 -28.74 -22.15 -12.76
CA ILE K 182 -28.20 -21.18 -13.69
C ILE K 182 -26.85 -21.67 -14.19
N CYS K 183 -26.56 -21.36 -15.43
CA CYS K 183 -25.26 -21.58 -16.03
C CYS K 183 -24.81 -20.27 -16.64
N PHE K 184 -23.56 -19.88 -16.38
CA PHE K 184 -23.07 -18.60 -16.83
C PHE K 184 -21.60 -18.67 -17.21
N VAL K 185 -21.24 -17.72 -18.06
CA VAL K 185 -19.87 -17.51 -18.51
C VAL K 185 -19.37 -16.25 -17.83
N TYR K 186 -18.14 -16.31 -17.30
CA TYR K 186 -17.54 -15.15 -16.66
C TYR K 186 -16.08 -15.00 -17.05
N GLN K 187 -15.55 -13.80 -16.76
CA GLN K 187 -14.19 -13.40 -17.06
C GLN K 187 -13.47 -13.08 -15.76
N ASP K 188 -12.23 -13.52 -15.65
CA ASP K 188 -11.40 -13.26 -14.49
C ASP K 188 -9.96 -13.14 -14.99
N PRO K 189 -8.98 -12.83 -14.13
CA PRO K 189 -7.60 -12.64 -14.63
C PRO K 189 -7.04 -13.84 -15.35
N GLN K 190 -7.57 -15.03 -15.08
CA GLN K 190 -7.08 -16.24 -15.70
C GLN K 190 -7.70 -16.52 -17.05
N GLY K 191 -8.75 -15.78 -17.45
CA GLY K 191 -9.40 -15.96 -18.73
C GLY K 191 -10.89 -16.05 -18.54
N ARG K 192 -11.55 -16.69 -19.50
CA ARG K 192 -12.98 -16.92 -19.45
C ARG K 192 -13.29 -18.36 -19.10
N HIS K 193 -14.30 -18.55 -18.27
CA HIS K 193 -14.73 -19.86 -17.82
C HIS K 193 -16.24 -19.92 -17.80
N VAL K 194 -16.76 -21.14 -17.78
CA VAL K 194 -18.18 -21.40 -17.67
C VAL K 194 -18.40 -22.23 -16.42
N LYS K 195 -19.48 -21.92 -15.71
CA LYS K 195 -19.77 -22.55 -14.43
C LYS K 195 -21.27 -22.52 -14.23
N THR K 196 -21.73 -23.26 -13.23
CA THR K 196 -23.13 -23.32 -12.91
C THR K 196 -23.34 -23.20 -11.40
N TYR K 197 -24.57 -22.83 -11.03
CA TYR K 197 -25.01 -22.84 -9.65
C TYR K 197 -26.47 -23.24 -9.57
N GLU K 198 -26.82 -24.05 -8.58
CA GLU K 198 -28.22 -24.25 -8.25
C GLU K 198 -28.68 -23.11 -7.36
N VAL K 199 -29.99 -22.88 -7.34
CA VAL K 199 -30.58 -21.76 -6.62
C VAL K 199 -31.51 -22.32 -5.56
N SER K 200 -31.07 -22.26 -4.30
CA SER K 200 -31.88 -22.66 -3.16
C SER K 200 -32.71 -21.48 -2.68
N LEU K 201 -34.02 -21.59 -2.86
CA LEU K 201 -34.96 -20.61 -2.34
C LEU K 201 -35.04 -20.64 -0.83
N ARG K 202 -34.96 -21.84 -0.25
CA ARG K 202 -35.06 -21.96 1.20
C ARG K 202 -33.97 -21.14 1.87
N GLU K 203 -32.75 -21.28 1.38
CA GLU K 203 -31.59 -20.60 1.91
C GLU K 203 -31.32 -19.27 1.22
N LYS K 204 -32.02 -18.97 0.12
CA LYS K 204 -31.81 -17.74 -0.64
C LYS K 204 -30.36 -17.62 -1.05
N GLU K 205 -29.79 -18.72 -1.54
CA GLU K 205 -28.37 -18.73 -1.85
C GLU K 205 -28.08 -19.76 -2.94
N PHE K 206 -26.89 -19.66 -3.51
CA PHE K 206 -26.45 -20.65 -4.47
C PHE K 206 -25.95 -21.92 -3.78
N ASN K 207 -26.17 -23.04 -4.45
CA ASN K 207 -25.55 -24.31 -4.11
C ASN K 207 -24.75 -24.80 -5.29
N LYS K 208 -23.93 -25.81 -5.03
CA LYS K 208 -23.05 -26.33 -6.06
C LYS K 208 -23.85 -26.86 -7.23
N GLY K 209 -23.39 -26.55 -8.42
CA GLY K 209 -24.09 -26.92 -9.62
C GLY K 209 -23.82 -28.37 -9.99
N PRO K 210 -24.55 -28.84 -11.01
CA PRO K 210 -24.45 -30.25 -11.36
C PRO K 210 -23.18 -30.60 -12.12
N TRP K 211 -22.53 -29.67 -12.81
CA TRP K 211 -21.29 -29.99 -13.50
C TRP K 211 -20.23 -28.93 -13.29
N LYS K 212 -18.98 -29.40 -13.31
CA LYS K 212 -17.82 -28.65 -12.88
C LYS K 212 -17.45 -27.55 -13.88
N GLN K 213 -16.67 -26.59 -13.40
CA GLN K 213 -16.23 -25.49 -14.22
C GLN K 213 -15.29 -25.98 -15.31
N GLU K 214 -15.35 -25.30 -16.46
CA GLU K 214 -14.52 -25.57 -17.62
C GLU K 214 -14.03 -24.25 -18.20
N ASN K 215 -12.81 -24.25 -18.71
CA ASN K 215 -12.31 -23.07 -19.39
C ASN K 215 -12.91 -22.99 -20.79
N VAL K 216 -13.12 -21.77 -21.26
CA VAL K 216 -13.70 -21.53 -22.57
C VAL K 216 -12.84 -20.53 -23.32
N GLU K 217 -13.27 -20.25 -24.55
CA GLU K 217 -12.56 -19.34 -25.43
C GLU K 217 -12.54 -17.94 -24.82
N ALA K 218 -11.49 -17.19 -25.16
CA ALA K 218 -11.30 -15.85 -24.59
C ALA K 218 -12.45 -14.92 -24.95
N GLU K 219 -13.16 -15.19 -26.04
CA GLU K 219 -14.28 -14.37 -26.50
C GLU K 219 -15.60 -15.13 -26.40
N ALA K 220 -15.72 -16.05 -25.44
CA ALA K 220 -16.99 -16.70 -25.19
C ALA K 220 -17.99 -15.66 -24.73
N SER K 221 -19.09 -15.52 -25.48
CA SER K 221 -19.95 -14.36 -25.33
C SER K 221 -21.43 -14.67 -25.23
N MET K 222 -21.89 -15.86 -25.64
CA MET K 222 -23.32 -16.14 -25.49
C MET K 222 -23.55 -17.56 -25.00
N VAL K 223 -24.61 -17.70 -24.21
CA VAL K 223 -25.06 -18.98 -23.66
C VAL K 223 -26.42 -19.27 -24.24
N ILE K 224 -26.62 -20.52 -24.66
CA ILE K 224 -27.91 -21.01 -25.11
C ILE K 224 -28.28 -22.20 -24.26
N ALA K 225 -29.45 -22.13 -23.62
CA ALA K 225 -29.94 -23.20 -22.78
C ALA K 225 -30.72 -24.17 -23.66
N VAL K 226 -30.16 -25.35 -23.87
CA VAL K 226 -30.75 -26.29 -24.80
C VAL K 226 -31.86 -27.05 -24.06
N PRO K 227 -33.07 -27.16 -24.59
CA PRO K 227 -34.11 -27.91 -23.89
C PRO K 227 -33.85 -29.41 -23.95
N GLU K 228 -34.63 -30.14 -23.17
CA GLU K 228 -34.63 -31.58 -23.29
C GLU K 228 -35.06 -31.97 -24.69
N PRO K 229 -34.66 -33.14 -25.18
CA PRO K 229 -33.91 -34.22 -24.53
C PRO K 229 -32.41 -33.96 -24.42
N PHE K 230 -31.93 -32.94 -25.12
CA PHE K 230 -30.51 -32.63 -25.07
C PHE K 230 -30.10 -32.17 -23.67
N GLY K 231 -30.76 -31.14 -23.16
CA GLY K 231 -30.31 -30.45 -21.98
C GLY K 231 -28.93 -29.85 -22.19
N GLY K 232 -28.31 -29.48 -21.09
CA GLY K 232 -27.01 -28.88 -21.14
C GLY K 232 -27.05 -27.49 -21.73
N ALA K 233 -25.88 -27.03 -22.15
CA ALA K 233 -25.72 -25.65 -22.57
C ALA K 233 -24.74 -25.56 -23.72
N ILE K 234 -25.02 -24.61 -24.63
CA ILE K 234 -24.11 -24.28 -25.72
C ILE K 234 -23.48 -22.93 -25.41
N ILE K 235 -22.17 -22.83 -25.64
CA ILE K 235 -21.41 -21.60 -25.46
C ILE K 235 -20.89 -21.15 -26.83
N ILE K 236 -21.24 -19.92 -27.22
CA ILE K 236 -20.86 -19.33 -28.50
C ILE K 236 -19.76 -18.33 -28.24
N GLY K 237 -18.65 -18.51 -28.97
CA GLY K 237 -17.52 -17.60 -28.99
C GLY K 237 -17.23 -17.05 -30.37
N GLN K 238 -16.04 -16.47 -30.57
CA GLN K 238 -15.71 -15.85 -31.85
C GLN K 238 -15.22 -16.85 -32.88
N GLU K 239 -14.55 -17.92 -32.45
CA GLU K 239 -14.01 -18.92 -33.36
C GLU K 239 -14.53 -20.33 -33.13
N SER K 240 -15.31 -20.56 -32.07
CA SER K 240 -15.66 -21.91 -31.68
C SER K 240 -17.06 -21.93 -31.09
N ILE K 241 -17.68 -23.10 -31.14
CA ILE K 241 -18.97 -23.36 -30.49
C ILE K 241 -18.82 -24.63 -29.70
N THR K 242 -19.19 -24.58 -28.42
CA THR K 242 -19.03 -25.73 -27.54
C THR K 242 -20.34 -26.07 -26.89
N TYR K 243 -20.45 -27.34 -26.45
CA TYR K 243 -21.60 -27.85 -25.73
C TYR K 243 -21.08 -28.59 -24.51
N HIS K 244 -21.75 -28.35 -23.38
CA HIS K 244 -21.36 -28.91 -22.09
C HIS K 244 -22.61 -29.48 -21.43
N ASN K 245 -22.50 -30.71 -20.92
CA ASN K 245 -23.58 -31.28 -20.11
C ASN K 245 -22.99 -32.41 -19.26
N GLY K 246 -22.75 -32.15 -18.00
CA GLY K 246 -22.20 -33.20 -17.17
C GLY K 246 -20.79 -33.53 -17.62
N ASP K 247 -20.52 -34.81 -17.84
CA ASP K 247 -19.26 -35.28 -18.42
C ASP K 247 -19.18 -35.02 -19.93
N LYS K 248 -20.26 -34.56 -20.53
CA LYS K 248 -20.33 -34.36 -21.97
C LYS K 248 -19.67 -33.05 -22.36
N TYR K 249 -18.74 -33.14 -23.31
CA TYR K 249 -18.02 -31.99 -23.83
C TYR K 249 -17.89 -32.19 -25.32
N LEU K 250 -18.31 -31.21 -26.11
CA LEU K 250 -18.13 -31.27 -27.56
C LEU K 250 -17.96 -29.88 -28.12
N ALA K 251 -16.83 -29.64 -28.80
CA ALA K 251 -16.49 -28.34 -29.33
C ALA K 251 -16.13 -28.44 -30.80
N ILE K 252 -16.47 -27.40 -31.56
CA ILE K 252 -16.11 -27.28 -32.97
C ILE K 252 -15.53 -25.90 -33.20
N ALA K 253 -14.73 -25.78 -34.25
CA ALA K 253 -14.08 -24.52 -34.65
C ALA K 253 -14.24 -24.30 -36.15
N PRO K 254 -15.46 -24.04 -36.62
CA PRO K 254 -15.67 -23.83 -38.04
C PRO K 254 -15.06 -22.52 -38.49
N PRO K 255 -14.21 -22.50 -39.51
CA PRO K 255 -13.62 -21.22 -39.93
C PRO K 255 -14.61 -20.18 -40.44
N ILE K 256 -15.76 -20.63 -40.98
CA ILE K 256 -16.68 -19.72 -41.66
C ILE K 256 -17.14 -18.60 -40.74
N ILE K 257 -17.25 -18.87 -39.44
CA ILE K 257 -17.79 -17.89 -38.52
C ILE K 257 -16.74 -16.92 -38.00
N LYS K 258 -15.45 -17.16 -38.25
CA LYS K 258 -14.42 -16.31 -37.66
C LYS K 258 -14.44 -14.91 -38.22
N GLN K 259 -15.00 -14.74 -39.41
CA GLN K 259 -14.93 -13.45 -40.09
C GLN K 259 -15.78 -12.39 -39.41
N SER K 260 -16.80 -12.81 -38.66
CA SER K 260 -17.74 -11.87 -38.04
C SER K 260 -18.29 -12.46 -36.76
N THR K 261 -18.51 -11.60 -35.77
CA THR K 261 -18.98 -12.07 -34.47
C THR K 261 -20.46 -12.41 -34.52
N ILE K 262 -20.81 -13.53 -33.89
CA ILE K 262 -22.23 -13.86 -33.73
C ILE K 262 -22.75 -13.09 -32.54
N VAL K 263 -23.96 -12.54 -32.69
CA VAL K 263 -24.47 -11.57 -31.72
C VAL K 263 -25.89 -11.91 -31.24
N CYS K 264 -26.57 -12.80 -31.94
CA CYS K 264 -27.91 -13.19 -31.50
C CYS K 264 -28.21 -14.61 -31.96
N HIS K 265 -29.18 -15.22 -31.28
CA HIS K 265 -29.51 -16.62 -31.53
C HIS K 265 -30.99 -16.84 -31.26
N ASN K 266 -31.52 -17.91 -31.85
CA ASN K 266 -32.90 -18.31 -31.62
C ASN K 266 -33.07 -19.77 -31.97
N ARG K 267 -33.95 -20.43 -31.23
CA ARG K 267 -34.20 -21.85 -31.40
C ARG K 267 -35.25 -22.06 -32.47
N VAL K 268 -34.97 -22.99 -33.37
CA VAL K 268 -35.89 -23.33 -34.47
C VAL K 268 -36.82 -24.47 -34.09
N ASP K 269 -36.27 -25.59 -33.61
CA ASP K 269 -37.08 -26.76 -33.24
C ASP K 269 -37.42 -26.72 -31.76
N PRO K 270 -38.64 -27.10 -31.34
CA PRO K 270 -38.93 -27.16 -29.90
C PRO K 270 -38.03 -28.10 -29.13
N ASN K 271 -37.54 -29.16 -29.75
CA ASN K 271 -36.67 -30.09 -29.06
C ASN K 271 -35.21 -29.66 -29.07
N GLY K 272 -34.88 -28.58 -29.78
CA GLY K 272 -33.53 -28.05 -29.77
C GLY K 272 -32.62 -28.60 -30.84
N SER K 273 -33.18 -29.18 -31.90
CA SER K 273 -32.33 -29.80 -32.90
C SER K 273 -31.69 -28.80 -33.84
N ARG K 274 -32.25 -27.59 -33.96
CA ARG K 274 -31.66 -26.55 -34.80
C ARG K 274 -31.69 -25.20 -34.11
N TYR K 275 -30.68 -24.38 -34.39
CA TYR K 275 -30.61 -22.99 -33.94
C TYR K 275 -30.21 -22.08 -35.09
N LEU K 276 -30.68 -20.84 -35.06
CA LEU K 276 -30.21 -19.82 -36.00
C LEU K 276 -29.13 -18.97 -35.33
N LEU K 277 -28.19 -18.52 -36.14
CA LEU K 277 -27.11 -17.66 -35.68
C LEU K 277 -27.00 -16.47 -36.61
N GLY K 278 -26.88 -15.28 -36.03
CA GLY K 278 -26.77 -14.05 -36.80
C GLY K 278 -25.49 -13.30 -36.43
N ASP K 279 -24.83 -12.73 -37.44
CA ASP K 279 -23.59 -12.01 -37.23
C ASP K 279 -23.73 -10.52 -37.56
N MET K 280 -22.62 -9.81 -37.36
CA MET K 280 -22.57 -8.37 -37.59
C MET K 280 -22.60 -8.00 -39.06
N GLU K 281 -22.28 -8.92 -39.97
CA GLU K 281 -22.37 -8.68 -41.40
C GLU K 281 -23.71 -9.13 -41.97
N GLY K 282 -24.69 -9.43 -41.11
CA GLY K 282 -26.00 -9.88 -41.55
C GLY K 282 -26.08 -11.32 -41.98
N ARG K 283 -24.98 -12.06 -41.91
CA ARG K 283 -25.04 -13.45 -42.31
C ARG K 283 -25.82 -14.25 -41.28
N LEU K 284 -26.61 -15.18 -41.81
CA LEU K 284 -27.44 -16.10 -41.05
C LEU K 284 -26.97 -17.53 -41.30
N PHE K 285 -26.68 -18.24 -40.21
CA PHE K 285 -26.23 -19.63 -40.20
C PHE K 285 -27.28 -20.51 -39.53
N MET K 286 -27.22 -21.79 -39.90
CA MET K 286 -27.96 -22.85 -39.23
C MET K 286 -27.01 -23.70 -38.42
N LEU K 287 -27.31 -23.86 -37.14
CA LEU K 287 -26.58 -24.71 -36.21
C LEU K 287 -27.39 -25.98 -35.99
N LEU K 288 -26.79 -27.14 -36.27
CA LEU K 288 -27.48 -28.41 -36.21
C LEU K 288 -26.90 -29.29 -35.11
N LEU K 289 -27.79 -29.88 -34.31
CA LEU K 289 -27.42 -30.80 -33.25
C LEU K 289 -27.79 -32.21 -33.66
N GLU K 290 -26.78 -33.07 -33.75
CA GLU K 290 -27.00 -34.46 -34.14
C GLU K 290 -27.22 -35.29 -32.89
N LYS K 291 -28.31 -36.05 -32.88
CA LYS K 291 -28.65 -36.84 -31.71
C LYS K 291 -27.92 -38.17 -31.72
N GLU K 292 -27.65 -38.67 -30.52
CA GLU K 292 -27.06 -39.97 -30.28
C GLU K 292 -27.97 -40.70 -29.31
N GLU K 293 -28.46 -41.86 -29.73
CA GLU K 293 -29.32 -42.64 -28.87
C GLU K 293 -28.53 -43.26 -27.73
N GLN K 294 -29.26 -43.55 -26.65
CA GLN K 294 -28.72 -44.23 -25.48
C GLN K 294 -29.69 -45.34 -25.11
N MET K 295 -29.14 -46.40 -24.51
CA MET K 295 -29.97 -47.58 -24.23
C MET K 295 -31.05 -47.28 -23.20
N ASP K 296 -30.83 -46.31 -22.32
CA ASP K 296 -31.82 -45.93 -21.32
C ASP K 296 -32.87 -44.97 -21.87
N GLY K 297 -32.90 -44.73 -23.17
CA GLY K 297 -33.87 -43.83 -23.78
C GLY K 297 -33.44 -42.38 -23.79
N THR K 298 -32.37 -42.03 -23.08
CA THR K 298 -31.88 -40.67 -23.13
C THR K 298 -31.22 -40.39 -24.47
N VAL K 299 -31.00 -39.10 -24.75
CA VAL K 299 -30.37 -38.65 -25.98
C VAL K 299 -29.16 -37.79 -25.59
N THR K 300 -28.02 -38.06 -26.21
CA THR K 300 -26.82 -37.26 -26.04
C THR K 300 -26.49 -36.59 -27.35
N LEU K 301 -25.57 -35.64 -27.31
CA LEU K 301 -25.18 -34.92 -28.51
C LEU K 301 -24.12 -35.72 -29.24
N LYS K 302 -24.37 -35.98 -30.53
CA LYS K 302 -23.42 -36.66 -31.38
C LYS K 302 -22.49 -35.69 -32.08
N ASP K 303 -23.02 -34.57 -32.55
CA ASP K 303 -22.24 -33.67 -33.38
C ASP K 303 -22.87 -32.28 -33.39
N LEU K 304 -22.07 -31.32 -33.81
CA LEU K 304 -22.46 -29.95 -34.06
C LEU K 304 -22.12 -29.63 -35.50
N ARG K 305 -22.96 -28.86 -36.16
CA ARG K 305 -22.69 -28.45 -37.53
C ARG K 305 -23.20 -27.04 -37.75
N VAL K 306 -22.44 -26.27 -38.53
CA VAL K 306 -22.82 -24.91 -38.94
C VAL K 306 -23.01 -24.91 -40.45
N GLU K 307 -24.12 -24.33 -40.89
CA GLU K 307 -24.45 -24.22 -42.30
C GLU K 307 -24.81 -22.78 -42.61
N LEU K 308 -24.13 -22.20 -43.60
CA LEU K 308 -24.48 -20.87 -44.05
C LEU K 308 -25.81 -20.91 -44.76
N LEU K 309 -26.76 -20.12 -44.26
CA LEU K 309 -28.05 -19.98 -44.92
C LEU K 309 -28.06 -18.81 -45.87
N GLY K 310 -27.43 -17.71 -45.49
CA GLY K 310 -27.43 -16.57 -46.40
C GLY K 310 -27.15 -15.27 -45.67
N GLU K 311 -27.72 -14.20 -46.21
CA GLU K 311 -27.52 -12.85 -45.70
C GLU K 311 -28.87 -12.23 -45.39
N THR K 312 -28.92 -11.49 -44.29
CA THR K 312 -30.07 -10.68 -43.93
C THR K 312 -29.59 -9.28 -43.63
N SER K 313 -30.52 -8.44 -43.18
CA SER K 313 -30.10 -7.20 -42.53
C SER K 313 -29.34 -7.57 -41.27
N ILE K 314 -28.44 -6.68 -40.84
CA ILE K 314 -27.67 -6.98 -39.65
C ILE K 314 -28.61 -7.05 -38.46
N ALA K 315 -28.59 -8.19 -37.78
CA ALA K 315 -29.64 -8.58 -36.89
C ALA K 315 -29.24 -8.30 -35.46
N GLU K 316 -30.08 -7.55 -34.76
CA GLU K 316 -29.99 -7.53 -33.31
C GLU K 316 -30.64 -8.77 -32.71
N CYS K 317 -31.68 -9.28 -33.36
CA CYS K 317 -32.34 -10.48 -32.88
C CYS K 317 -33.04 -11.17 -34.02
N LEU K 318 -33.28 -12.47 -33.84
CA LEU K 318 -33.94 -13.31 -34.82
C LEU K 318 -35.02 -14.11 -34.12
N THR K 319 -36.11 -14.40 -34.82
CA THR K 319 -37.16 -15.23 -34.27
C THR K 319 -37.77 -16.09 -35.37
N TYR K 320 -37.66 -17.40 -35.21
CA TYR K 320 -38.35 -18.31 -36.11
C TYR K 320 -39.84 -18.33 -35.79
N LEU K 321 -40.66 -18.10 -36.80
CA LEU K 321 -42.10 -18.05 -36.59
C LEU K 321 -42.75 -19.39 -36.86
N ASP K 322 -42.73 -19.80 -38.12
CA ASP K 322 -43.34 -21.04 -38.59
C ASP K 322 -43.11 -21.12 -40.07
N ASN K 323 -43.21 -22.33 -40.60
CA ASN K 323 -43.23 -22.55 -42.05
C ASN K 323 -41.99 -21.98 -42.71
N GLY K 324 -40.86 -22.06 -42.01
CA GLY K 324 -39.60 -21.59 -42.54
C GLY K 324 -39.41 -20.10 -42.52
N VAL K 325 -40.31 -19.33 -41.90
CA VAL K 325 -40.23 -17.88 -41.89
C VAL K 325 -39.53 -17.42 -40.62
N VAL K 326 -38.70 -16.39 -40.76
CA VAL K 326 -37.99 -15.79 -39.64
C VAL K 326 -38.21 -14.29 -39.67
N PHE K 327 -38.38 -13.71 -38.49
CA PHE K 327 -38.36 -12.27 -38.33
C PHE K 327 -36.96 -11.86 -37.89
N VAL K 328 -36.44 -10.87 -38.58
CA VAL K 328 -35.10 -10.37 -38.38
C VAL K 328 -35.29 -8.96 -37.85
N GLY K 329 -35.13 -8.80 -36.55
CA GLY K 329 -35.20 -7.52 -35.89
C GLY K 329 -33.84 -6.86 -35.82
N SER K 330 -33.74 -5.69 -36.45
CA SER K 330 -32.51 -4.94 -36.56
C SER K 330 -32.68 -3.59 -35.89
N ARG K 331 -31.56 -3.07 -35.36
CA ARG K 331 -31.50 -1.72 -34.85
C ARG K 331 -30.70 -0.81 -35.78
N LEU K 332 -29.81 -1.39 -36.56
CA LEU K 332 -28.97 -0.66 -37.49
C LEU K 332 -29.55 -0.61 -38.90
N GLY K 333 -30.54 -1.45 -39.22
CA GLY K 333 -31.18 -1.46 -40.52
C GLY K 333 -32.65 -1.78 -40.43
N ASP K 334 -33.32 -1.88 -41.57
CA ASP K 334 -34.73 -2.25 -41.57
C ASP K 334 -34.91 -3.66 -41.02
N SER K 335 -36.04 -3.88 -40.34
CA SER K 335 -36.38 -5.23 -39.96
C SER K 335 -36.97 -5.96 -41.15
N GLN K 336 -37.10 -7.28 -41.03
CA GLN K 336 -37.51 -8.07 -42.18
C GLN K 336 -38.28 -9.31 -41.75
N LEU K 337 -39.12 -9.80 -42.67
CA LEU K 337 -39.57 -11.18 -42.71
C LEU K 337 -38.86 -11.84 -43.87
N VAL K 338 -38.26 -12.99 -43.60
CA VAL K 338 -37.51 -13.74 -44.62
C VAL K 338 -38.00 -15.18 -44.61
N LYS K 339 -37.94 -15.80 -45.79
CA LYS K 339 -38.25 -17.21 -45.98
C LYS K 339 -36.97 -17.99 -46.16
N LEU K 340 -36.86 -19.11 -45.46
CA LEU K 340 -35.77 -20.04 -45.65
C LEU K 340 -36.29 -21.21 -46.46
N ASN K 341 -35.60 -21.52 -47.55
CA ASN K 341 -35.93 -22.64 -48.41
C ASN K 341 -34.99 -23.81 -48.12
N VAL K 342 -35.47 -25.01 -48.42
CA VAL K 342 -34.67 -26.20 -48.20
C VAL K 342 -33.57 -26.29 -49.26
N ASP K 343 -33.82 -25.75 -50.45
CA ASP K 343 -32.88 -25.78 -51.56
C ASP K 343 -32.42 -24.36 -51.88
N SER K 344 -31.20 -24.28 -52.40
CA SER K 344 -30.59 -22.98 -52.66
C SER K 344 -31.06 -22.42 -53.99
N ASN K 345 -30.82 -21.12 -54.18
CA ASN K 345 -31.11 -20.45 -55.44
C ASN K 345 -29.86 -20.48 -56.31
N GLU K 346 -29.87 -19.69 -57.39
CA GLU K 346 -28.73 -19.63 -58.31
C GLU K 346 -27.45 -19.22 -57.59
N GLN K 347 -27.54 -18.29 -56.65
CA GLN K 347 -26.37 -17.78 -55.97
C GLN K 347 -25.98 -18.62 -54.75
N GLY K 348 -26.64 -19.73 -54.52
CA GLY K 348 -26.32 -20.58 -53.40
C GLY K 348 -26.91 -20.14 -52.08
N SER K 349 -27.81 -19.17 -52.11
CA SER K 349 -28.44 -18.67 -50.90
C SER K 349 -29.74 -19.41 -50.62
N TYR K 350 -29.99 -19.65 -49.34
CA TYR K 350 -31.24 -20.23 -48.87
C TYR K 350 -32.20 -19.17 -48.34
N VAL K 351 -31.89 -17.89 -48.55
CA VAL K 351 -32.63 -16.80 -47.94
C VAL K 351 -33.39 -16.04 -49.02
N VAL K 352 -34.67 -15.80 -48.77
CA VAL K 352 -35.51 -14.97 -49.62
C VAL K 352 -36.23 -13.98 -48.73
N ALA K 353 -36.06 -12.70 -49.03
CA ALA K 353 -36.78 -11.67 -48.30
C ALA K 353 -38.24 -11.71 -48.68
N MET K 354 -39.08 -11.70 -47.66
CA MET K 354 -40.53 -11.63 -47.83
C MET K 354 -41.06 -10.23 -47.65
N GLU K 355 -40.60 -9.54 -46.61
CA GLU K 355 -41.16 -8.26 -46.24
C GLU K 355 -40.08 -7.47 -45.52
N THR K 356 -40.17 -6.15 -45.61
CA THR K 356 -39.25 -5.25 -44.94
C THR K 356 -40.04 -4.22 -44.17
N PHE K 357 -39.48 -3.81 -43.03
CA PHE K 357 -40.10 -2.84 -42.15
C PHE K 357 -39.11 -1.71 -41.91
N THR K 358 -39.58 -0.49 -42.14
CA THR K 358 -38.72 0.68 -42.12
C THR K 358 -38.06 0.86 -40.77
N ASN K 359 -36.74 1.08 -40.81
CA ASN K 359 -35.99 1.54 -39.66
C ASN K 359 -35.21 2.77 -40.05
N LEU K 360 -35.45 3.86 -39.34
CA LEU K 360 -34.70 5.08 -39.54
C LEU K 360 -33.39 5.09 -38.77
N GLY K 361 -33.20 4.18 -37.82
CA GLY K 361 -32.11 4.29 -36.88
C GLY K 361 -30.88 3.51 -37.28
N PRO K 362 -29.69 3.99 -36.88
CA PRO K 362 -29.38 5.23 -36.18
C PRO K 362 -29.41 6.46 -37.05
N ILE K 363 -30.12 7.48 -36.59
CA ILE K 363 -30.06 8.79 -37.21
C ILE K 363 -28.89 9.51 -36.54
N VAL K 364 -27.83 9.68 -37.28
CA VAL K 364 -26.64 10.31 -36.75
C VAL K 364 -26.60 11.79 -37.10
N ASP K 365 -27.32 12.20 -38.13
CA ASP K 365 -27.36 13.58 -38.52
C ASP K 365 -28.53 13.76 -39.48
N MET K 366 -28.97 15.00 -39.61
CA MET K 366 -30.07 15.28 -40.50
C MET K 366 -30.12 16.78 -40.76
N CYS K 367 -30.94 17.15 -41.74
CA CYS K 367 -31.18 18.55 -42.04
C CYS K 367 -32.51 18.67 -42.75
N VAL K 368 -33.05 19.88 -42.76
CA VAL K 368 -34.35 20.17 -43.35
C VAL K 368 -34.12 21.03 -44.58
N VAL K 369 -34.80 20.67 -45.66
CA VAL K 369 -34.70 21.39 -46.91
C VAL K 369 -36.06 21.44 -47.57
N ASP K 370 -36.37 22.56 -48.22
CA ASP K 370 -37.54 22.66 -49.07
C ASP K 370 -37.18 22.02 -50.40
N LEU K 371 -37.14 20.68 -50.37
CA LEU K 371 -36.62 19.91 -51.50
C LEU K 371 -37.48 20.12 -52.74
N GLU K 372 -38.79 20.03 -52.59
CA GLU K 372 -39.74 20.02 -53.69
C GLU K 372 -40.41 21.38 -53.88
N ARG K 373 -41.00 21.91 -52.81
CA ARG K 373 -41.74 23.16 -52.84
C ARG K 373 -41.23 24.08 -51.75
N GLN K 374 -41.21 25.37 -52.05
CA GLN K 374 -40.92 26.37 -51.04
C GLN K 374 -41.95 26.28 -49.92
N GLY K 375 -41.46 26.30 -48.68
CA GLY K 375 -42.33 26.20 -47.53
C GLY K 375 -42.77 24.80 -47.18
N GLN K 376 -42.42 23.80 -48.00
CA GLN K 376 -42.69 22.40 -47.71
C GLN K 376 -41.34 21.78 -47.34
N GLY K 377 -41.05 21.77 -46.04
CA GLY K 377 -39.79 21.22 -45.59
C GLY K 377 -39.82 19.70 -45.53
N GLN K 378 -38.71 19.09 -45.94
CA GLN K 378 -38.50 17.66 -45.84
C GLN K 378 -37.21 17.41 -45.09
N LEU K 379 -37.19 16.31 -44.35
CA LEU K 379 -36.03 15.96 -43.54
C LEU K 379 -35.22 14.90 -44.23
N VAL K 380 -33.93 15.17 -44.39
CA VAL K 380 -33.00 14.24 -44.98
C VAL K 380 -32.10 13.82 -43.83
N THR K 381 -32.07 12.52 -43.58
CA THR K 381 -31.31 11.95 -42.50
C THR K 381 -30.26 10.99 -43.04
N CYS K 382 -29.12 11.01 -42.38
CA CYS K 382 -28.14 9.94 -42.52
C CYS K 382 -28.58 8.83 -41.59
N SER K 383 -28.99 7.71 -42.14
CA SER K 383 -29.57 6.62 -41.40
C SER K 383 -28.69 5.40 -41.53
N GLY K 384 -28.85 4.49 -40.60
CA GLY K 384 -28.15 3.25 -40.69
C GLY K 384 -26.68 3.39 -40.42
N ALA K 385 -26.05 2.24 -40.54
CA ALA K 385 -24.63 2.03 -40.36
C ALA K 385 -24.32 1.08 -41.48
N PHE K 386 -23.22 0.36 -41.35
CA PHE K 386 -22.50 -0.45 -42.33
C PHE K 386 -23.39 -0.87 -43.50
N LYS K 387 -23.31 -2.09 -44.03
CA LYS K 387 -24.09 -2.41 -45.23
C LYS K 387 -25.56 -1.95 -45.22
N GLU K 388 -26.16 -1.65 -44.06
CA GLU K 388 -27.51 -1.11 -44.00
C GLU K 388 -27.57 0.41 -44.16
N GLY K 389 -26.43 1.09 -44.21
CA GLY K 389 -26.44 2.54 -44.19
C GLY K 389 -27.16 3.14 -45.38
N SER K 390 -27.88 4.23 -45.14
CA SER K 390 -28.72 4.84 -46.16
C SER K 390 -28.83 6.33 -45.92
N LEU K 391 -29.40 7.01 -46.90
CA LEU K 391 -30.12 8.25 -46.63
C LEU K 391 -31.60 7.97 -46.61
N ARG K 392 -32.30 8.78 -45.84
CA ARG K 392 -33.75 8.67 -45.73
C ARG K 392 -34.33 10.07 -45.86
N ILE K 393 -35.31 10.21 -46.75
CA ILE K 393 -35.97 11.48 -47.04
C ILE K 393 -37.40 11.36 -46.58
N ILE K 394 -37.81 12.25 -45.69
CA ILE K 394 -39.06 12.13 -44.98
C ILE K 394 -39.88 13.38 -45.25
N ARG K 395 -41.15 13.19 -45.56
CA ARG K 395 -42.08 14.31 -45.68
C ARG K 395 -43.44 13.93 -45.13
N ASN K 396 -44.23 14.96 -44.86
CA ASN K 396 -45.55 14.79 -44.29
C ASN K 396 -46.54 14.52 -45.41
N GLY K 397 -47.61 13.82 -45.06
CA GLY K 397 -48.74 13.64 -45.97
C GLY K 397 -48.62 12.44 -46.89
N LYS K 713 -48.88 8.34 -42.66
CA LYS K 713 -48.75 9.74 -42.27
C LYS K 713 -47.59 10.40 -42.95
N LEU K 714 -46.49 9.66 -43.05
CA LEU K 714 -45.26 10.16 -43.61
C LEU K 714 -44.87 9.32 -44.81
N HIS K 715 -44.25 9.96 -45.77
CA HIS K 715 -43.66 9.31 -46.92
C HIS K 715 -42.15 9.32 -46.73
N ILE K 716 -41.53 8.15 -46.89
CA ILE K 716 -40.10 7.95 -46.68
C ILE K 716 -39.52 7.36 -47.96
N ARG K 717 -38.52 8.04 -48.50
CA ARG K 717 -37.73 7.53 -49.61
C ARG K 717 -36.39 7.06 -49.06
N THR K 718 -35.94 5.91 -49.53
CA THR K 718 -34.73 5.27 -49.04
C THR K 718 -33.68 5.23 -50.15
N VAL K 719 -32.49 5.70 -49.82
CA VAL K 719 -31.36 5.69 -50.72
C VAL K 719 -30.29 4.80 -50.11
N PRO K 720 -30.17 3.55 -50.55
CA PRO K 720 -29.12 2.68 -50.03
C PRO K 720 -27.74 3.16 -50.44
N LEU K 721 -26.82 3.15 -49.48
CA LEU K 721 -25.45 3.59 -49.64
C LEU K 721 -24.46 2.46 -49.47
N TYR K 722 -24.84 1.41 -48.76
CA TYR K 722 -24.00 0.25 -48.52
C TYR K 722 -22.74 0.63 -47.76
N GLU K 723 -22.81 1.72 -47.01
CA GLU K 723 -21.72 2.13 -46.14
C GLU K 723 -22.28 3.12 -45.13
N SER K 724 -21.48 3.42 -44.12
CA SER K 724 -21.97 4.13 -42.95
C SER K 724 -21.90 5.64 -43.15
N PRO K 725 -23.01 6.37 -43.14
CA PRO K 725 -22.92 7.83 -43.20
C PRO K 725 -22.60 8.40 -41.84
N ARG K 726 -22.07 9.60 -41.85
CA ARG K 726 -21.61 10.28 -40.64
C ARG K 726 -22.14 11.69 -40.51
N LYS K 727 -22.19 12.45 -41.59
CA LYS K 727 -22.64 13.82 -41.53
C LYS K 727 -23.22 14.21 -42.87
N ILE K 728 -24.03 15.26 -42.86
CA ILE K 728 -24.66 15.77 -44.08
C ILE K 728 -24.79 17.27 -43.98
N CYS K 729 -24.74 17.90 -45.14
CA CYS K 729 -25.12 19.29 -45.30
C CYS K 729 -25.73 19.44 -46.68
N TYR K 730 -26.37 20.58 -46.90
CA TYR K 730 -27.01 20.90 -48.18
C TYR K 730 -26.38 22.14 -48.78
N GLN K 731 -26.25 22.13 -50.10
CA GLN K 731 -25.59 23.19 -50.85
C GLN K 731 -26.53 23.58 -51.99
N GLU K 732 -27.32 24.63 -51.73
CA GLU K 732 -28.35 25.06 -52.67
C GLU K 732 -27.76 25.44 -54.02
N VAL K 733 -26.67 26.21 -54.00
CA VAL K 733 -26.13 26.75 -55.23
C VAL K 733 -25.61 25.67 -56.16
N SER K 734 -25.24 24.51 -55.64
CA SER K 734 -24.83 23.36 -56.44
C SER K 734 -25.94 22.35 -56.63
N GLN K 735 -27.08 22.54 -55.96
CA GLN K 735 -28.22 21.64 -56.05
C GLN K 735 -27.82 20.21 -55.68
N CYS K 736 -27.03 20.09 -54.61
CA CYS K 736 -26.56 18.78 -54.17
C CYS K 736 -26.42 18.77 -52.67
N PHE K 737 -26.10 17.59 -52.16
CA PHE K 737 -25.75 17.36 -50.78
C PHE K 737 -24.34 16.81 -50.68
N GLY K 738 -23.62 17.24 -49.65
CA GLY K 738 -22.37 16.66 -49.27
C GLY K 738 -22.62 15.74 -48.09
N VAL K 739 -22.01 14.56 -48.14
CA VAL K 739 -22.26 13.51 -47.17
C VAL K 739 -20.94 12.87 -46.80
N LEU K 740 -20.56 12.94 -45.54
CA LEU K 740 -19.44 12.18 -45.07
C LEU K 740 -19.88 10.74 -44.85
N SER K 741 -19.04 9.80 -45.28
CA SER K 741 -19.34 8.38 -45.14
C SER K 741 -18.06 7.63 -44.85
N SER K 742 -18.22 6.37 -44.43
CA SER K 742 -17.09 5.50 -44.15
C SER K 742 -17.47 4.06 -44.46
N ARG K 743 -16.49 3.30 -44.93
CA ARG K 743 -16.64 1.89 -45.17
C ARG K 743 -15.54 1.13 -44.47
N ILE K 744 -15.77 -0.16 -44.28
CA ILE K 744 -14.77 -1.04 -43.67
C ILE K 744 -14.03 -1.74 -44.78
N GLU K 745 -12.71 -1.85 -44.64
CA GLU K 745 -11.88 -2.65 -45.51
C GLU K 745 -10.96 -3.50 -44.67
N VAL K 746 -10.58 -4.65 -45.24
CA VAL K 746 -9.72 -5.63 -44.58
C VAL K 746 -8.48 -5.80 -45.46
N GLN K 747 -7.38 -6.19 -44.83
CA GLN K 747 -6.13 -6.33 -45.57
C GLN K 747 -6.30 -7.32 -46.72
N ASP K 748 -5.72 -6.98 -47.86
CA ASP K 748 -5.89 -7.76 -49.08
C ASP K 748 -4.81 -8.85 -49.15
N THR K 749 -4.73 -9.56 -50.27
CA THR K 749 -3.76 -10.64 -50.39
C THR K 749 -2.34 -10.09 -50.47
N SER K 750 -2.13 -9.09 -51.33
CA SER K 750 -0.81 -8.46 -51.48
C SER K 750 -1.03 -7.00 -51.89
N GLY K 751 -1.00 -6.11 -50.91
CA GLY K 751 -1.17 -4.70 -51.18
C GLY K 751 -1.66 -3.92 -49.98
N GLY K 752 -2.72 -3.13 -50.17
CA GLY K 752 -3.31 -2.35 -49.10
C GLY K 752 -4.48 -3.08 -48.47
N THR K 753 -5.69 -2.52 -48.57
CA THR K 753 -6.91 -3.14 -48.07
C THR K 753 -7.94 -3.22 -49.19
N THR K 754 -8.96 -4.05 -48.95
CA THR K 754 -9.99 -4.36 -49.92
C THR K 754 -11.34 -4.30 -49.23
N ALA K 755 -12.36 -3.90 -49.99
CA ALA K 755 -13.70 -3.73 -49.49
C ALA K 755 -14.46 -5.04 -49.44
N LEU K 756 -15.42 -5.13 -48.52
CA LEU K 756 -16.26 -6.30 -48.36
C LEU K 756 -17.36 -6.39 -49.42
N ARG K 757 -17.75 -5.25 -49.99
CA ARG K 757 -18.79 -5.18 -50.99
C ARG K 757 -18.70 -3.82 -51.65
N PRO K 758 -19.33 -3.63 -52.81
CA PRO K 758 -19.35 -2.31 -53.41
C PRO K 758 -20.24 -1.38 -52.60
N SER K 759 -19.92 -0.10 -52.64
CA SER K 759 -20.69 0.90 -51.93
C SER K 759 -20.49 2.26 -52.59
N ALA K 760 -21.11 3.29 -51.99
CA ALA K 760 -21.21 4.60 -52.62
C ALA K 760 -19.84 5.18 -52.96
N SER K 761 -18.89 5.08 -52.03
CA SER K 761 -17.56 5.63 -52.27
C SER K 761 -16.79 4.86 -53.33
N THR K 762 -17.22 3.64 -53.65
CA THR K 762 -16.59 2.83 -54.67
C THR K 762 -17.43 2.71 -55.93
N GLN K 763 -18.58 3.38 -56.00
CA GLN K 763 -19.47 3.34 -57.16
C GLN K 763 -19.85 4.73 -57.64
N ALA K 764 -19.07 5.74 -57.28
CA ALA K 764 -19.36 7.08 -57.73
C ALA K 764 -19.17 7.19 -59.24
N LEU K 765 -19.86 8.17 -59.82
CA LEU K 765 -19.68 8.46 -61.23
C LEU K 765 -18.23 8.83 -61.52
N SER K 766 -17.65 9.65 -60.65
CA SER K 766 -16.24 9.98 -60.70
C SER K 766 -15.72 10.09 -59.28
N SER K 767 -14.40 10.07 -59.15
CA SER K 767 -13.77 10.09 -57.84
C SER K 767 -12.49 10.91 -57.91
N SER K 768 -12.11 11.49 -56.77
CA SER K 768 -10.89 12.28 -56.66
C SER K 768 -10.23 11.93 -55.33
N VAL K 769 -9.22 11.06 -55.39
CA VAL K 769 -8.43 10.77 -54.20
C VAL K 769 -7.72 12.05 -53.78
N SER K 770 -7.45 12.16 -52.48
CA SER K 770 -6.82 13.37 -51.96
C SER K 770 -5.34 13.33 -52.28
N SER K 771 -4.94 14.15 -53.23
CA SER K 771 -3.54 14.41 -53.52
C SER K 771 -2.93 15.45 -52.59
N SER K 772 -3.60 15.79 -51.50
CA SER K 772 -3.09 16.78 -50.57
C SER K 772 -1.79 16.30 -49.95
N LYS K 773 -0.82 17.21 -49.87
CA LYS K 773 0.49 16.95 -49.28
C LYS K 773 0.88 18.11 -48.38
N LEU K 774 -0.08 18.58 -47.58
CA LEU K 774 0.16 19.68 -46.66
C LEU K 774 1.24 19.32 -45.65
N PHE K 775 1.10 18.16 -44.98
CA PHE K 775 2.07 17.68 -44.00
C PHE K 775 2.60 16.31 -44.33
N SER K 776 2.47 15.84 -45.56
CA SER K 776 3.07 14.57 -45.93
C SER K 776 4.58 14.58 -45.72
N SER K 777 5.20 15.75 -45.86
CA SER K 777 6.63 15.92 -45.58
C SER K 777 6.83 16.29 -44.12
N SER K 778 7.93 15.80 -43.54
CA SER K 778 8.25 16.04 -42.13
C SER K 778 7.13 15.53 -41.22
N THR K 779 6.62 14.35 -41.53
CA THR K 779 5.55 13.71 -40.77
C THR K 779 5.93 12.26 -40.56
N ALA K 780 6.33 11.92 -39.35
CA ALA K 780 6.72 10.57 -38.99
C ALA K 780 5.58 9.60 -39.24
N PRO K 781 5.65 8.74 -40.25
CA PRO K 781 4.57 7.77 -40.45
C PRO K 781 4.53 6.77 -39.30
N HIS K 782 3.35 6.18 -39.10
CA HIS K 782 3.14 5.15 -38.11
C HIS K 782 2.83 3.84 -38.82
N GLU K 783 3.42 2.76 -38.32
CA GLU K 783 3.51 1.52 -39.08
C GLU K 783 2.26 0.69 -38.91
N THR K 784 2.06 -0.24 -39.84
CA THR K 784 0.87 -1.08 -39.90
C THR K 784 1.30 -2.53 -40.00
N SER K 785 0.84 -3.36 -39.06
CA SER K 785 1.14 -4.77 -39.03
C SER K 785 0.03 -5.57 -39.73
N PHE K 786 0.40 -6.77 -40.19
CA PHE K 786 -0.54 -7.62 -40.91
C PHE K 786 -1.63 -8.08 -39.95
N GLY K 787 -2.88 -7.73 -40.29
CA GLY K 787 -4.04 -8.15 -39.51
C GLY K 787 -5.00 -7.02 -39.18
N GLU K 788 -4.51 -5.79 -39.22
CA GLU K 788 -5.32 -4.64 -38.82
C GLU K 788 -6.32 -4.28 -39.91
N GLU K 789 -7.59 -4.19 -39.52
CA GLU K 789 -8.63 -3.70 -40.42
C GLU K 789 -8.65 -2.18 -40.39
N VAL K 790 -9.24 -1.58 -41.43
CA VAL K 790 -9.19 -0.14 -41.62
C VAL K 790 -10.58 0.38 -41.95
N GLU K 791 -10.82 1.62 -41.54
CA GLU K 791 -11.97 2.40 -41.96
C GLU K 791 -11.51 3.38 -43.02
N VAL K 792 -12.26 3.48 -44.12
CA VAL K 792 -11.98 4.40 -45.21
C VAL K 792 -13.11 5.40 -45.27
N HIS K 793 -12.78 6.67 -45.08
CA HIS K 793 -13.74 7.75 -45.08
C HIS K 793 -13.74 8.44 -46.43
N ASN K 794 -14.91 8.95 -46.81
CA ASN K 794 -15.09 9.66 -48.06
C ASN K 794 -16.09 10.78 -47.87
N LEU K 795 -15.96 11.79 -48.73
CA LEU K 795 -17.00 12.79 -48.89
C LEU K 795 -17.69 12.50 -50.21
N LEU K 796 -18.98 12.26 -50.14
CA LEU K 796 -19.80 12.04 -51.32
C LEU K 796 -20.56 13.31 -51.63
N ILE K 797 -20.64 13.62 -52.91
CA ILE K 797 -21.52 14.66 -53.43
C ILE K 797 -22.62 13.94 -54.18
N ILE K 798 -23.86 14.26 -53.81
CA ILE K 798 -25.04 13.48 -54.16
C ILE K 798 -26.09 14.44 -54.69
N ASP K 799 -26.79 14.02 -55.73
CA ASP K 799 -27.77 14.88 -56.35
C ASP K 799 -29.01 15.02 -55.49
N GLN K 800 -29.54 16.24 -55.42
CA GLN K 800 -30.71 16.45 -54.59
C GLN K 800 -31.95 15.78 -55.14
N HIS K 801 -32.02 15.60 -56.46
CA HIS K 801 -33.23 15.08 -57.09
C HIS K 801 -33.19 13.56 -57.19
N THR K 802 -32.08 13.02 -57.68
CA THR K 802 -31.98 11.60 -57.95
C THR K 802 -31.27 10.84 -56.85
N PHE K 803 -30.50 11.54 -56.02
CA PHE K 803 -29.72 10.91 -54.97
C PHE K 803 -28.75 9.87 -55.51
N GLU K 804 -28.25 10.12 -56.71
CA GLU K 804 -27.14 9.35 -57.23
C GLU K 804 -25.85 9.85 -56.61
N VAL K 805 -24.88 8.94 -56.50
CA VAL K 805 -23.56 9.29 -55.96
C VAL K 805 -22.80 9.95 -57.11
N LEU K 806 -22.78 11.29 -57.11
CA LEU K 806 -22.16 12.04 -58.19
C LEU K 806 -20.65 12.00 -58.12
N HIS K 807 -20.10 12.25 -56.93
CA HIS K 807 -18.64 12.28 -56.78
C HIS K 807 -18.28 11.72 -55.41
N ALA K 808 -17.08 11.14 -55.32
CA ALA K 808 -16.57 10.62 -54.04
C ALA K 808 -15.11 11.01 -53.90
N HIS K 809 -14.79 11.70 -52.82
CA HIS K 809 -13.43 12.11 -52.51
C HIS K 809 -12.95 11.28 -51.34
N GLN K 810 -11.92 10.49 -51.56
CA GLN K 810 -11.35 9.64 -50.54
C GLN K 810 -10.28 10.41 -49.79
N PHE K 811 -10.31 10.33 -48.46
CA PHE K 811 -9.33 11.04 -47.64
C PHE K 811 -8.10 10.15 -47.42
N LEU K 812 -7.12 10.72 -46.73
CA LEU K 812 -5.85 10.05 -46.56
C LEU K 812 -6.03 8.78 -45.75
N GLN K 813 -5.01 7.93 -45.82
CA GLN K 813 -4.96 6.75 -44.97
C GLN K 813 -4.95 7.16 -43.51
N ASN K 814 -5.82 6.53 -42.72
CA ASN K 814 -5.90 6.63 -41.27
C ASN K 814 -6.55 7.92 -40.77
N GLU K 815 -7.00 8.79 -41.66
CA GLU K 815 -7.60 10.05 -41.25
C GLU K 815 -9.12 9.92 -41.33
N TYR K 816 -9.80 10.33 -40.27
CA TYR K 816 -11.26 10.25 -40.18
C TYR K 816 -11.83 11.63 -40.30
N ALA K 817 -12.88 11.76 -41.09
CA ALA K 817 -13.60 13.02 -41.21
C ALA K 817 -14.72 13.03 -40.19
N LEU K 818 -14.84 14.13 -39.46
CA LEU K 818 -15.76 14.24 -38.34
C LEU K 818 -16.87 15.24 -38.54
N SER K 819 -16.59 16.38 -39.16
CA SER K 819 -17.55 17.46 -39.27
C SER K 819 -17.53 18.00 -40.69
N LEU K 820 -18.64 18.63 -41.07
CA LEU K 820 -18.87 19.05 -42.44
C LEU K 820 -19.80 20.25 -42.43
N VAL K 821 -19.45 21.29 -43.18
CA VAL K 821 -20.32 22.45 -43.39
C VAL K 821 -20.16 22.92 -44.82
N SER K 822 -21.24 23.46 -45.36
CA SER K 822 -21.25 24.14 -46.64
C SER K 822 -21.60 25.59 -46.36
N CYS K 823 -20.78 26.51 -46.84
CA CYS K 823 -21.01 27.90 -46.51
C CYS K 823 -20.21 28.80 -47.44
N LYS K 824 -20.62 30.07 -47.47
CA LYS K 824 -19.81 31.16 -47.97
C LYS K 824 -18.97 31.70 -46.84
N LEU K 825 -17.80 32.24 -47.18
CA LEU K 825 -16.90 32.83 -46.19
C LEU K 825 -16.44 34.20 -46.67
N GLY K 826 -16.33 35.11 -45.72
CA GLY K 826 -15.79 36.43 -45.99
C GLY K 826 -16.52 37.15 -47.10
N LYS K 827 -15.75 37.83 -47.95
CA LYS K 827 -16.26 38.51 -49.11
C LYS K 827 -16.13 37.68 -50.38
N ASP K 828 -15.87 36.38 -50.25
CA ASP K 828 -15.68 35.51 -51.40
C ASP K 828 -17.04 34.99 -51.87
N PRO K 829 -17.40 35.14 -53.14
CA PRO K 829 -18.73 34.67 -53.58
C PRO K 829 -18.82 33.18 -53.81
N ASN K 830 -17.71 32.47 -53.86
CA ASN K 830 -17.78 31.03 -54.03
C ASN K 830 -18.34 30.36 -52.77
N THR K 831 -19.01 29.23 -52.98
CA THR K 831 -19.51 28.40 -51.89
C THR K 831 -18.65 27.15 -51.81
N TYR K 832 -18.23 26.80 -50.60
CA TYR K 832 -17.32 25.68 -50.37
C TYR K 832 -17.96 24.61 -49.50
N PHE K 833 -17.46 23.41 -49.66
CA PHE K 833 -17.64 22.35 -48.68
C PHE K 833 -16.41 22.32 -47.81
N ILE K 834 -16.62 22.39 -46.50
CA ILE K 834 -15.53 22.42 -45.53
C ILE K 834 -15.64 21.21 -44.63
N VAL K 835 -14.52 20.51 -44.44
CA VAL K 835 -14.48 19.28 -43.67
C VAL K 835 -13.38 19.38 -42.64
N GLY K 836 -13.69 18.92 -41.43
CA GLY K 836 -12.72 18.79 -40.36
C GLY K 836 -12.45 17.32 -40.14
N THR K 837 -11.18 17.00 -39.89
CA THR K 837 -10.74 15.62 -39.79
C THR K 837 -9.82 15.43 -38.59
N ALA K 838 -9.40 14.19 -38.43
CA ALA K 838 -8.52 13.80 -37.33
C ALA K 838 -7.65 12.66 -37.79
N MET K 839 -6.38 12.73 -37.44
CA MET K 839 -5.46 11.64 -37.65
C MET K 839 -5.64 10.62 -36.53
N VAL K 840 -5.82 9.36 -36.91
CA VAL K 840 -6.15 8.29 -35.96
C VAL K 840 -4.97 7.34 -35.90
N TYR K 841 -4.50 7.10 -34.69
CA TYR K 841 -3.42 6.17 -34.41
C TYR K 841 -3.74 5.36 -33.17
N PRO K 842 -3.38 4.07 -33.13
CA PRO K 842 -3.93 3.20 -32.07
C PRO K 842 -3.46 3.51 -30.67
N GLU K 843 -2.31 4.17 -30.49
CA GLU K 843 -1.73 4.38 -29.17
C GLU K 843 -2.03 5.73 -28.55
N GLU K 844 -2.78 6.60 -29.22
CA GLU K 844 -2.99 7.96 -28.75
C GLU K 844 -4.30 8.09 -27.99
N ALA K 845 -4.19 8.52 -26.72
CA ALA K 845 -5.38 8.69 -25.90
C ALA K 845 -6.34 9.70 -26.51
N GLU K 846 -5.83 10.62 -27.32
CA GLU K 846 -6.65 11.57 -28.05
C GLU K 846 -5.90 11.92 -29.31
N PRO K 847 -6.59 12.24 -30.40
CA PRO K 847 -5.86 12.62 -31.61
C PRO K 847 -5.10 13.91 -31.41
N LYS K 848 -3.91 13.96 -31.99
CA LYS K 848 -3.02 15.11 -31.88
C LYS K 848 -2.80 15.79 -33.21
N GLN K 849 -3.50 15.39 -34.26
CA GLN K 849 -3.25 15.91 -35.59
C GLN K 849 -4.54 15.89 -36.39
N GLY K 850 -4.73 16.90 -37.22
CA GLY K 850 -5.92 16.97 -38.05
C GLY K 850 -5.84 18.11 -39.03
N ARG K 851 -6.84 18.17 -39.91
CA ARG K 851 -6.93 19.18 -40.96
C ARG K 851 -8.33 19.77 -41.02
N ILE K 852 -8.38 21.04 -41.38
CA ILE K 852 -9.58 21.63 -41.96
C ILE K 852 -9.29 21.76 -43.43
N VAL K 853 -10.22 21.32 -44.26
CA VAL K 853 -10.03 21.29 -45.70
C VAL K 853 -11.23 21.95 -46.36
N VAL K 854 -10.96 22.94 -47.22
CA VAL K 854 -11.97 23.68 -47.95
C VAL K 854 -11.88 23.26 -49.40
N PHE K 855 -12.97 22.67 -49.90
CA PHE K 855 -13.15 22.25 -51.27
C PHE K 855 -14.14 23.18 -51.95
N GLN K 856 -14.03 23.26 -53.27
CA GLN K 856 -15.06 23.86 -54.11
C GLN K 856 -15.57 22.82 -55.08
N TYR K 857 -16.90 22.78 -55.27
CA TYR K 857 -17.52 21.83 -56.17
C TYR K 857 -17.80 22.51 -57.50
N SER K 858 -17.30 21.91 -58.56
CA SER K 858 -17.54 22.40 -59.90
C SER K 858 -17.10 21.33 -60.88
N ASP K 859 -17.84 21.21 -61.98
CA ASP K 859 -17.54 20.22 -63.01
C ASP K 859 -17.57 18.80 -62.43
N GLY K 860 -18.49 18.55 -61.51
CA GLY K 860 -18.70 17.22 -61.02
C GLY K 860 -17.65 16.71 -60.06
N LYS K 861 -16.77 17.57 -59.57
CA LYS K 861 -15.65 17.16 -58.74
C LYS K 861 -15.39 18.23 -57.69
N LEU K 862 -14.65 17.84 -56.65
CA LEU K 862 -14.15 18.76 -55.65
C LEU K 862 -12.71 19.11 -55.96
N GLN K 863 -12.41 20.39 -55.97
CA GLN K 863 -11.05 20.89 -56.09
C GLN K 863 -10.62 21.44 -54.74
N THR K 864 -9.42 21.08 -54.32
CA THR K 864 -8.92 21.52 -53.03
C THR K 864 -8.51 22.98 -53.14
N VAL K 865 -9.26 23.86 -52.48
CA VAL K 865 -8.93 25.28 -52.46
C VAL K 865 -7.99 25.62 -51.32
N ALA K 866 -8.16 25.00 -50.15
CA ALA K 866 -7.28 25.35 -49.05
C ALA K 866 -7.29 24.28 -47.97
N GLU K 867 -6.25 24.31 -47.13
CA GLU K 867 -6.15 23.45 -45.97
C GLU K 867 -5.54 24.22 -44.81
N LYS K 868 -5.79 23.71 -43.61
CA LYS K 868 -5.23 24.24 -42.38
C LYS K 868 -4.91 23.07 -41.47
N GLU K 869 -3.63 22.89 -41.16
CA GLU K 869 -3.21 21.83 -40.27
C GLU K 869 -3.31 22.30 -38.83
N VAL K 870 -3.75 21.41 -37.95
CA VAL K 870 -3.86 21.72 -36.54
C VAL K 870 -3.52 20.46 -35.76
N LYS K 871 -3.24 20.66 -34.48
CA LYS K 871 -2.80 19.60 -33.60
C LYS K 871 -3.96 19.05 -32.76
N GLY K 872 -4.90 18.40 -33.41
CA GLY K 872 -6.03 17.83 -32.72
C GLY K 872 -7.16 17.50 -33.66
N ALA K 873 -8.18 16.88 -33.09
CA ALA K 873 -9.34 16.45 -33.86
C ALA K 873 -10.32 17.59 -34.00
N VAL K 874 -10.66 17.93 -35.24
CA VAL K 874 -11.65 18.96 -35.53
C VAL K 874 -13.01 18.28 -35.37
N TYR K 875 -13.55 18.36 -34.16
CA TYR K 875 -14.76 17.64 -33.85
C TYR K 875 -15.98 18.30 -34.48
N SER K 876 -15.95 19.62 -34.64
CA SER K 876 -17.15 20.34 -35.05
C SER K 876 -16.77 21.62 -35.73
N MET K 877 -17.63 22.08 -36.62
CA MET K 877 -17.48 23.36 -37.29
C MET K 877 -18.83 23.99 -37.56
N VAL K 878 -18.85 25.32 -37.60
CA VAL K 878 -20.08 26.07 -37.84
C VAL K 878 -19.72 27.38 -38.51
N GLU K 879 -20.61 27.84 -39.38
CA GLU K 879 -20.46 29.14 -40.02
C GLU K 879 -20.74 30.26 -39.03
N PHE K 880 -19.96 31.33 -39.14
CA PHE K 880 -19.95 32.43 -38.17
C PHE K 880 -19.73 33.74 -38.91
N ASN K 881 -20.81 34.42 -39.29
CA ASN K 881 -20.74 35.76 -39.86
C ASN K 881 -19.73 35.84 -41.01
N GLY K 882 -19.74 34.83 -41.87
CA GLY K 882 -18.77 34.72 -42.93
C GLY K 882 -17.42 34.19 -42.49
N LYS K 883 -17.27 33.85 -41.22
CA LYS K 883 -16.08 33.22 -40.66
C LYS K 883 -16.40 31.78 -40.28
N LEU K 884 -15.36 30.99 -40.00
CA LEU K 884 -15.52 29.58 -39.68
C LEU K 884 -15.13 29.35 -38.23
N LEU K 885 -16.11 28.92 -37.43
CA LEU K 885 -15.86 28.53 -36.05
C LEU K 885 -15.79 27.01 -35.99
N ALA K 886 -14.79 26.50 -35.28
CA ALA K 886 -14.45 25.09 -35.29
C ALA K 886 -13.93 24.69 -33.93
N SER K 887 -14.32 23.51 -33.49
CA SER K 887 -13.87 22.97 -32.22
C SER K 887 -12.77 21.97 -32.48
N ILE K 888 -11.61 22.22 -31.86
CA ILE K 888 -10.47 21.33 -31.89
C ILE K 888 -10.22 21.04 -30.42
N ASN K 889 -9.38 20.05 -30.11
CA ASN K 889 -9.38 19.28 -28.86
C ASN K 889 -10.03 19.91 -27.64
N SER K 890 -9.41 20.90 -27.00
CA SER K 890 -10.02 21.59 -25.86
C SER K 890 -10.24 23.06 -26.18
N THR K 891 -10.25 23.41 -27.46
CA THR K 891 -10.30 24.76 -27.94
C THR K 891 -11.46 24.97 -28.89
N VAL K 892 -11.98 26.18 -28.87
CA VAL K 892 -12.94 26.65 -29.86
C VAL K 892 -12.26 27.78 -30.60
N ARG K 893 -12.06 27.60 -31.90
CA ARG K 893 -11.22 28.47 -32.70
C ARG K 893 -12.02 29.07 -33.84
N LEU K 894 -11.82 30.36 -34.06
CA LEU K 894 -12.45 31.09 -35.15
C LEU K 894 -11.37 31.40 -36.18
N TYR K 895 -11.69 31.10 -37.44
CA TYR K 895 -10.84 31.34 -38.59
C TYR K 895 -11.49 32.36 -39.51
N GLU K 896 -10.66 33.20 -40.10
CA GLU K 896 -11.08 34.13 -41.13
C GLU K 896 -10.63 33.64 -42.50
N TRP K 897 -11.42 33.99 -43.51
CA TRP K 897 -11.13 33.67 -44.91
C TRP K 897 -10.52 34.89 -45.56
N THR K 898 -9.23 34.82 -45.84
CA THR K 898 -8.52 35.96 -46.38
C THR K 898 -8.72 36.04 -47.89
N THR K 899 -8.29 37.16 -48.47
CA THR K 899 -8.44 37.39 -49.90
C THR K 899 -7.63 36.39 -50.72
N GLU K 900 -6.51 35.92 -50.19
CA GLU K 900 -5.68 34.92 -50.86
C GLU K 900 -6.18 33.50 -50.62
N LYS K 901 -7.38 33.33 -50.08
CA LYS K 901 -8.03 32.04 -49.94
C LYS K 901 -7.21 31.08 -49.07
N GLU K 902 -7.02 31.48 -47.81
CA GLU K 902 -6.39 30.63 -46.81
C GLU K 902 -7.08 30.86 -45.49
N LEU K 903 -6.96 29.87 -44.61
CA LEU K 903 -7.50 29.95 -43.27
C LEU K 903 -6.45 30.55 -42.35
N ARG K 904 -6.86 31.56 -41.59
CA ARG K 904 -6.02 32.20 -40.60
C ARG K 904 -6.76 32.15 -39.28
N THR K 905 -6.05 31.85 -38.20
CA THR K 905 -6.69 31.82 -36.90
C THR K 905 -7.11 33.22 -36.51
N GLU K 906 -8.41 33.41 -36.30
CA GLU K 906 -8.94 34.66 -35.79
C GLU K 906 -8.83 34.73 -34.28
N CYS K 907 -9.43 33.77 -33.58
CA CYS K 907 -9.37 33.77 -32.12
C CYS K 907 -9.61 32.38 -31.55
N ASN K 908 -9.47 32.25 -30.25
CA ASN K 908 -9.55 30.96 -29.57
C ASN K 908 -10.11 31.10 -28.15
N HIS K 909 -10.72 30.02 -27.67
CA HIS K 909 -11.10 29.88 -26.27
C HIS K 909 -10.68 28.49 -25.85
N TYR K 910 -10.29 28.34 -24.58
CA TYR K 910 -9.56 27.14 -24.14
C TYR K 910 -10.17 26.38 -22.97
N ASN K 911 -11.04 26.98 -22.17
CA ASN K 911 -11.47 26.34 -20.95
C ASN K 911 -12.47 25.23 -21.29
N ASN K 912 -11.91 24.16 -21.89
CA ASN K 912 -12.68 22.98 -22.19
C ASN K 912 -11.81 21.75 -22.01
N ILE K 913 -12.48 20.61 -21.80
CA ILE K 913 -11.84 19.31 -21.86
C ILE K 913 -11.86 18.80 -23.28
N MET K 914 -13.05 18.70 -23.85
CA MET K 914 -13.22 18.26 -25.23
C MET K 914 -14.54 18.81 -25.74
N ALA K 915 -14.47 19.80 -26.63
CA ALA K 915 -15.64 20.50 -27.15
C ALA K 915 -16.16 19.75 -28.36
N LEU K 916 -17.30 19.07 -28.21
CA LEU K 916 -17.82 18.22 -29.28
C LEU K 916 -18.83 18.91 -30.15
N TYR K 917 -19.59 19.84 -29.58
CA TYR K 917 -20.78 20.37 -30.21
C TYR K 917 -20.77 21.88 -30.14
N LEU K 918 -21.17 22.52 -31.24
CA LEU K 918 -21.30 23.96 -31.31
C LEU K 918 -22.58 24.33 -32.04
N LYS K 919 -23.21 25.40 -31.58
CA LYS K 919 -24.30 26.04 -32.29
C LYS K 919 -24.17 27.53 -32.07
N THR K 920 -24.71 28.32 -32.99
CA THR K 920 -24.56 29.77 -32.95
C THR K 920 -25.89 30.46 -33.22
N LYS K 921 -25.96 31.69 -32.75
CA LYS K 921 -27.07 32.57 -33.01
C LYS K 921 -26.57 33.99 -32.82
N GLY K 922 -26.60 34.78 -33.89
CA GLY K 922 -26.10 36.13 -33.79
C GLY K 922 -24.62 36.13 -33.52
N ASP K 923 -24.22 36.88 -32.50
CA ASP K 923 -22.84 36.93 -32.05
C ASP K 923 -22.59 36.03 -30.85
N PHE K 924 -23.58 35.21 -30.48
CA PHE K 924 -23.48 34.32 -29.35
C PHE K 924 -23.17 32.91 -29.82
N ILE K 925 -22.41 32.19 -28.98
CA ILE K 925 -21.99 30.83 -29.27
C ILE K 925 -22.35 29.95 -28.08
N LEU K 926 -22.91 28.79 -28.36
CA LEU K 926 -23.20 27.80 -27.34
C LEU K 926 -22.30 26.60 -27.62
N VAL K 927 -21.49 26.24 -26.63
CA VAL K 927 -20.54 25.16 -26.74
C VAL K 927 -20.98 24.00 -25.89
N GLY K 928 -21.03 22.82 -26.51
CA GLY K 928 -21.37 21.59 -25.82
C GLY K 928 -20.09 20.81 -25.61
N ASP K 929 -19.82 20.52 -24.35
CA ASP K 929 -18.57 19.93 -23.93
C ASP K 929 -18.74 18.45 -23.60
N LEU K 930 -17.64 17.72 -23.75
CA LEU K 930 -17.61 16.35 -23.31
C LEU K 930 -17.89 16.26 -21.84
N MET K 931 -17.34 17.21 -21.07
CA MET K 931 -17.35 17.15 -19.62
C MET K 931 -17.79 18.43 -18.96
N ARG K 932 -17.67 19.58 -19.61
CA ARG K 932 -18.06 20.87 -19.05
C ARG K 932 -19.41 21.32 -19.56
N SER K 933 -20.45 20.58 -19.22
CA SER K 933 -21.56 20.26 -20.13
C SER K 933 -21.88 21.33 -21.16
N VAL K 934 -22.12 22.56 -20.72
CA VAL K 934 -22.42 23.62 -21.67
C VAL K 934 -21.75 24.89 -21.23
N LEU K 935 -21.44 25.72 -22.22
CA LEU K 935 -20.83 27.00 -22.03
C LEU K 935 -21.47 27.99 -22.98
N LEU K 936 -21.76 29.18 -22.46
CA LEU K 936 -22.30 30.28 -23.27
C LEU K 936 -21.22 31.31 -23.44
N LEU K 937 -20.77 31.47 -24.69
CA LEU K 937 -19.75 32.42 -25.11
C LEU K 937 -20.37 33.55 -25.93
N ALA K 938 -19.70 34.69 -25.94
CA ALA K 938 -20.05 35.82 -26.80
C ALA K 938 -18.81 36.30 -27.54
N TYR K 939 -18.96 36.53 -28.84
CA TYR K 939 -17.95 37.23 -29.60
C TYR K 939 -18.14 38.73 -29.43
N LYS K 940 -17.01 39.44 -29.32
CA LYS K 940 -17.00 40.88 -29.11
C LYS K 940 -16.48 41.57 -30.37
N PRO K 941 -17.35 42.15 -31.22
CA PRO K 941 -16.83 42.78 -32.44
C PRO K 941 -15.97 44.01 -32.20
N MET K 942 -16.21 44.79 -31.14
CA MET K 942 -15.39 45.94 -30.87
C MET K 942 -14.11 45.60 -30.10
N GLU K 943 -13.98 44.35 -29.63
CA GLU K 943 -12.78 43.87 -28.98
C GLU K 943 -12.13 42.71 -29.71
N GLY K 944 -12.87 42.03 -30.58
CA GLY K 944 -12.29 40.94 -31.34
C GLY K 944 -11.86 39.76 -30.50
N ASN K 945 -12.64 39.38 -29.49
CA ASN K 945 -12.28 38.25 -28.66
C ASN K 945 -13.53 37.65 -28.03
N PHE K 946 -13.34 36.50 -27.39
CA PHE K 946 -14.41 35.81 -26.66
C PHE K 946 -14.42 36.22 -25.20
N GLU K 947 -15.60 36.16 -24.60
CA GLU K 947 -15.77 36.20 -23.16
C GLU K 947 -16.63 35.03 -22.77
N GLU K 948 -16.24 34.37 -21.70
CA GLU K 948 -17.13 33.40 -21.10
C GLU K 948 -18.27 34.15 -20.44
N ILE K 949 -19.45 34.05 -21.04
CA ILE K 949 -20.64 34.64 -20.46
C ILE K 949 -21.13 33.80 -19.30
N ALA K 950 -21.32 32.51 -19.52
CA ALA K 950 -21.78 31.70 -18.40
C ALA K 950 -21.56 30.22 -18.67
N ARG K 951 -21.80 29.42 -17.65
CA ARG K 951 -21.54 28.01 -17.68
C ARG K 951 -22.58 27.29 -16.84
N ASP K 952 -22.90 26.07 -17.23
CA ASP K 952 -23.70 25.18 -16.42
C ASP K 952 -22.73 24.46 -15.51
N PHE K 953 -22.86 24.71 -14.22
CA PHE K 953 -21.97 24.12 -13.25
C PHE K 953 -22.46 22.80 -12.70
N ASN K 954 -23.56 22.30 -13.21
CA ASN K 954 -23.93 20.94 -12.96
C ASN K 954 -23.31 20.05 -14.02
N PRO K 955 -22.59 19.01 -13.63
CA PRO K 955 -21.95 18.17 -14.64
C PRO K 955 -22.98 17.37 -15.42
N ASN K 956 -22.76 17.27 -16.72
CA ASN K 956 -23.56 16.43 -17.59
C ASN K 956 -22.75 15.99 -18.79
N TRP K 957 -22.68 14.69 -18.98
CA TRP K 957 -22.03 14.09 -20.14
C TRP K 957 -22.91 14.29 -21.36
N MET K 958 -22.62 15.32 -22.12
CA MET K 958 -23.50 15.71 -23.20
C MET K 958 -23.39 14.79 -24.39
N SER K 959 -24.45 14.79 -25.19
CA SER K 959 -24.43 14.24 -26.53
C SER K 959 -24.92 15.21 -27.58
N ALA K 960 -25.63 16.26 -27.20
CA ALA K 960 -26.07 17.24 -28.17
C ALA K 960 -26.60 18.48 -27.45
N VAL K 961 -26.63 19.59 -28.18
CA VAL K 961 -27.04 20.89 -27.66
C VAL K 961 -27.81 21.65 -28.73
N GLU K 962 -28.57 22.66 -28.29
CA GLU K 962 -29.23 23.55 -29.22
C GLU K 962 -29.58 24.87 -28.56
N ILE K 963 -29.62 25.90 -29.39
CA ILE K 963 -30.11 27.22 -29.02
C ILE K 963 -31.60 27.29 -29.30
N LEU K 964 -32.40 27.52 -28.27
CA LEU K 964 -33.81 27.84 -28.48
C LEU K 964 -33.97 29.29 -28.89
N ASP K 965 -33.40 30.19 -28.11
CA ASP K 965 -33.35 31.60 -28.46
C ASP K 965 -32.15 32.19 -27.74
N ASP K 966 -32.07 33.53 -27.75
CA ASP K 966 -30.95 34.23 -27.13
C ASP K 966 -30.79 33.92 -25.65
N ASP K 967 -31.85 33.47 -24.98
CA ASP K 967 -31.86 33.32 -23.53
C ASP K 967 -31.97 31.88 -23.07
N ASN K 968 -32.18 30.94 -23.98
CA ASN K 968 -32.58 29.59 -23.61
C ASN K 968 -31.75 28.57 -24.37
N PHE K 969 -31.21 27.61 -23.63
CA PHE K 969 -30.22 26.68 -24.18
C PHE K 969 -30.60 25.24 -23.84
N LEU K 970 -30.75 24.41 -24.85
CA LEU K 970 -31.21 23.04 -24.71
C LEU K 970 -30.04 22.09 -24.78
N GLY K 971 -30.05 21.08 -23.92
CA GLY K 971 -29.04 20.05 -23.94
C GLY K 971 -29.63 18.67 -23.71
N ALA K 972 -28.94 17.67 -24.26
CA ALA K 972 -29.25 16.27 -24.04
C ALA K 972 -27.99 15.55 -23.61
N GLU K 973 -28.13 14.54 -22.75
CA GLU K 973 -26.97 13.85 -22.20
C GLU K 973 -27.16 12.33 -22.23
N ASN K 974 -26.06 11.64 -21.90
CA ASN K 974 -25.91 10.22 -22.21
C ASN K 974 -26.79 9.33 -21.37
N ALA K 975 -27.29 9.83 -20.25
CA ALA K 975 -28.24 9.11 -19.44
C ALA K 975 -29.68 9.35 -19.88
N PHE K 976 -29.88 9.77 -21.12
CA PHE K 976 -31.20 9.84 -21.74
C PHE K 976 -32.07 10.89 -21.08
N ASN K 977 -31.54 12.07 -20.84
CA ASN K 977 -32.34 13.18 -20.38
C ASN K 977 -32.00 14.45 -21.13
N LEU K 978 -32.96 15.37 -21.07
CA LEU K 978 -32.84 16.71 -21.60
C LEU K 978 -32.88 17.71 -20.47
N PHE K 979 -32.25 18.83 -20.72
CA PHE K 979 -32.30 19.93 -19.79
C PHE K 979 -32.27 21.24 -20.53
N VAL K 980 -32.72 22.27 -19.82
CA VAL K 980 -32.84 23.61 -20.36
C VAL K 980 -32.18 24.55 -19.38
N CYS K 981 -31.21 25.30 -19.88
CA CYS K 981 -30.45 26.28 -19.14
C CYS K 981 -30.85 27.69 -19.53
N GLN K 982 -30.73 28.59 -18.55
CA GLN K 982 -30.95 30.00 -18.76
C GLN K 982 -29.89 30.78 -18.00
N LYS K 983 -29.73 32.03 -18.39
CA LYS K 983 -29.01 32.97 -17.54
C LYS K 983 -29.74 33.13 -16.22
N ASP K 984 -28.98 33.36 -15.16
CA ASP K 984 -29.56 33.60 -13.84
C ASP K 984 -30.07 35.03 -13.82
N SER K 985 -31.39 35.19 -13.87
CA SER K 985 -31.97 36.52 -13.86
C SER K 985 -31.76 37.21 -12.52
N ALA K 986 -31.63 36.45 -11.44
CA ALA K 986 -31.51 36.98 -10.08
C ALA K 986 -30.06 37.07 -9.62
N ALA K 987 -29.14 37.39 -10.53
CA ALA K 987 -27.73 37.46 -10.22
C ALA K 987 -27.36 38.90 -9.91
N THR K 988 -26.63 39.10 -8.81
CA THR K 988 -26.22 40.41 -8.34
C THR K 988 -24.73 40.65 -8.51
N THR K 989 -24.00 39.69 -9.08
CA THR K 989 -22.56 39.79 -9.25
C THR K 989 -22.20 39.11 -10.56
N ASP K 990 -21.07 39.54 -11.13
CA ASP K 990 -20.56 38.88 -12.32
C ASP K 990 -20.37 37.39 -12.08
N GLU K 991 -19.88 37.04 -10.89
CA GLU K 991 -19.74 35.63 -10.52
C GLU K 991 -21.07 34.90 -10.62
N GLU K 992 -22.13 35.46 -10.04
CA GLU K 992 -23.43 34.80 -10.12
C GLU K 992 -23.95 34.82 -11.54
N ARG K 993 -23.77 35.94 -12.25
CA ARG K 993 -24.17 36.05 -13.64
C ARG K 993 -23.52 34.99 -14.51
N GLN K 994 -22.37 34.50 -14.13
CA GLN K 994 -21.70 33.48 -14.88
C GLN K 994 -22.30 32.09 -14.69
N HIS K 995 -23.35 31.93 -13.88
CA HIS K 995 -23.95 30.63 -13.60
C HIS K 995 -25.20 30.45 -14.43
N LEU K 996 -25.12 29.58 -15.41
CA LEU K 996 -26.32 29.10 -16.07
C LEU K 996 -27.15 28.29 -15.07
N GLN K 997 -28.46 28.42 -15.17
CA GLN K 997 -29.39 27.71 -14.30
C GLN K 997 -30.18 26.71 -15.12
N GLU K 998 -30.10 25.44 -14.73
CA GLU K 998 -30.89 24.39 -15.36
C GLU K 998 -32.34 24.54 -14.89
N VAL K 999 -33.13 25.23 -15.69
CA VAL K 999 -34.52 25.52 -15.33
C VAL K 999 -35.46 24.45 -15.82
N GLY K 1000 -35.07 23.64 -16.78
CA GLY K 1000 -35.91 22.55 -17.26
C GLY K 1000 -35.19 21.23 -17.20
N LEU K 1001 -35.92 20.19 -16.81
CA LEU K 1001 -35.39 18.84 -16.78
C LEU K 1001 -36.45 17.86 -17.22
N PHE K 1002 -36.05 16.87 -18.01
CA PHE K 1002 -37.01 15.91 -18.57
C PHE K 1002 -36.28 14.63 -18.92
N HIS K 1003 -36.86 13.48 -18.60
CA HIS K 1003 -36.33 12.21 -19.03
C HIS K 1003 -36.99 11.85 -20.34
N LEU K 1004 -36.22 11.96 -21.42
CA LEU K 1004 -36.74 11.73 -22.75
C LEU K 1004 -36.95 10.24 -23.02
N GLY K 1005 -36.08 9.42 -22.48
CA GLY K 1005 -36.07 8.02 -22.84
C GLY K 1005 -35.34 7.72 -24.12
N GLU K 1006 -34.70 8.72 -24.73
CA GLU K 1006 -33.94 8.52 -25.95
C GLU K 1006 -32.57 9.18 -25.86
N PHE K 1007 -31.63 8.64 -26.60
CA PHE K 1007 -30.32 9.23 -26.79
C PHE K 1007 -30.41 10.14 -28.01
N VAL K 1008 -30.29 11.43 -27.76
CA VAL K 1008 -30.37 12.41 -28.83
C VAL K 1008 -29.00 12.55 -29.44
N ASN K 1009 -28.94 12.50 -30.77
CA ASN K 1009 -27.69 12.73 -31.47
C ASN K 1009 -27.66 14.04 -32.22
N VAL K 1010 -28.81 14.64 -32.50
CA VAL K 1010 -28.81 15.87 -33.27
C VAL K 1010 -30.11 16.61 -33.07
N PHE K 1011 -29.96 17.93 -32.96
CA PHE K 1011 -31.02 18.91 -33.02
C PHE K 1011 -30.87 19.70 -34.31
N CYS K 1012 -32.00 20.20 -34.82
CA CYS K 1012 -31.93 21.15 -35.93
C CYS K 1012 -33.21 21.96 -36.00
N HIS K 1013 -33.05 23.22 -36.38
CA HIS K 1013 -34.20 24.09 -36.55
C HIS K 1013 -34.92 23.74 -37.84
N GLY K 1014 -36.23 23.78 -37.79
CA GLY K 1014 -37.05 23.58 -38.97
C GLY K 1014 -38.35 22.91 -38.62
N SER K 1015 -39.11 22.59 -39.65
CA SER K 1015 -40.42 21.99 -39.46
C SER K 1015 -40.81 21.20 -40.69
N LEU K 1016 -41.64 20.19 -40.46
CA LEU K 1016 -42.22 19.39 -41.53
C LEU K 1016 -43.62 19.87 -41.87
N VAL K 1017 -44.40 20.17 -40.85
CA VAL K 1017 -45.76 20.67 -41.07
C VAL K 1017 -45.68 21.97 -41.84
N MET K 1018 -46.57 22.13 -42.82
CA MET K 1018 -46.62 23.36 -43.60
C MET K 1018 -46.82 24.55 -42.69
N GLN K 1019 -46.07 25.61 -42.96
CA GLN K 1019 -46.09 26.77 -42.10
C GLN K 1019 -47.21 27.72 -42.52
N ASN K 1020 -48.01 28.11 -41.54
CA ASN K 1020 -49.18 28.96 -41.76
C ASN K 1020 -48.72 30.40 -41.64
N LEU K 1021 -48.33 31.00 -42.76
CA LEU K 1021 -47.77 32.34 -42.74
C LEU K 1021 -48.80 33.36 -42.22
N GLY K 1022 -48.52 33.93 -41.06
CA GLY K 1022 -49.45 34.85 -40.43
C GLY K 1022 -50.56 34.13 -39.70
N GLU K 1023 -50.20 33.39 -38.64
CA GLU K 1023 -51.10 32.47 -37.94
C GLU K 1023 -51.22 32.80 -36.46
N THR K 1024 -51.05 34.08 -36.09
CA THR K 1024 -50.85 34.51 -34.71
C THR K 1024 -51.93 33.98 -33.76
N SER K 1025 -51.61 33.94 -32.46
CA SER K 1025 -52.43 33.31 -31.43
C SER K 1025 -52.46 31.80 -31.60
N THR K 1026 -51.28 31.19 -31.55
CA THR K 1026 -51.09 29.75 -31.45
C THR K 1026 -50.55 29.40 -30.06
N PRO K 1027 -50.70 28.16 -29.60
CA PRO K 1027 -50.15 27.84 -28.27
C PRO K 1027 -48.63 27.92 -28.21
N THR K 1028 -47.90 27.21 -29.08
CA THR K 1028 -46.45 27.11 -28.99
C THR K 1028 -45.76 27.92 -30.07
N GLN K 1029 -44.50 28.25 -29.80
CA GLN K 1029 -43.70 29.07 -30.70
C GLN K 1029 -42.34 28.42 -30.87
N GLY K 1030 -41.83 28.43 -32.09
CA GLY K 1030 -40.56 27.81 -32.41
C GLY K 1030 -40.69 26.30 -32.61
N SER K 1031 -39.73 25.75 -33.33
CA SER K 1031 -39.76 24.33 -33.66
C SER K 1031 -38.33 23.86 -33.88
N VAL K 1032 -37.93 22.87 -33.10
CA VAL K 1032 -36.64 22.22 -33.23
C VAL K 1032 -36.89 20.72 -33.31
N LEU K 1033 -36.44 20.11 -34.38
CA LEU K 1033 -36.57 18.67 -34.54
C LEU K 1033 -35.33 17.98 -33.99
N PHE K 1034 -35.50 16.74 -33.55
CA PHE K 1034 -34.37 15.98 -33.05
C PHE K 1034 -34.50 14.50 -33.39
N GLY K 1035 -33.33 13.89 -33.59
CA GLY K 1035 -33.25 12.51 -34.00
C GLY K 1035 -32.45 11.66 -33.02
N THR K 1036 -32.77 10.37 -33.00
CA THR K 1036 -32.32 9.46 -31.94
C THR K 1036 -31.71 8.19 -32.49
N VAL K 1037 -31.06 7.47 -31.58
CA VAL K 1037 -30.47 6.17 -31.91
C VAL K 1037 -31.55 5.22 -32.35
N ASN K 1038 -32.68 5.24 -31.67
CA ASN K 1038 -33.74 4.31 -32.01
C ASN K 1038 -34.57 4.78 -33.18
N GLY K 1039 -34.18 5.88 -33.82
CA GLY K 1039 -34.87 6.34 -35.00
C GLY K 1039 -36.10 7.15 -34.71
N MET K 1040 -36.46 7.29 -33.44
CA MET K 1040 -37.50 8.21 -33.08
C MET K 1040 -37.11 9.60 -33.52
N ILE K 1041 -38.09 10.36 -33.97
CA ILE K 1041 -37.93 11.78 -34.24
C ILE K 1041 -38.93 12.50 -33.38
N GLY K 1042 -38.50 13.63 -32.81
CA GLY K 1042 -39.34 14.41 -31.95
C GLY K 1042 -39.17 15.89 -32.22
N LEU K 1043 -40.07 16.65 -31.63
CA LEU K 1043 -40.15 18.08 -31.83
C LEU K 1043 -40.20 18.75 -30.49
N VAL K 1044 -39.43 19.81 -30.35
CA VAL K 1044 -39.44 20.67 -29.18
C VAL K 1044 -39.88 22.04 -29.64
N THR K 1045 -40.76 22.65 -28.86
CA THR K 1045 -41.22 24.00 -29.13
C THR K 1045 -41.39 24.74 -27.82
N SER K 1046 -41.60 26.04 -27.93
CA SER K 1046 -41.67 26.90 -26.76
C SER K 1046 -43.11 27.11 -26.35
N LEU K 1047 -43.29 27.50 -25.09
CA LEU K 1047 -44.59 27.68 -24.49
C LEU K 1047 -44.64 29.01 -23.75
N SER K 1048 -45.85 29.55 -23.61
CA SER K 1048 -46.10 30.61 -22.65
C SER K 1048 -46.36 30.00 -21.28
N GLU K 1049 -46.25 30.85 -20.25
CA GLU K 1049 -46.46 30.38 -18.89
C GLU K 1049 -47.88 29.84 -18.69
N SER K 1050 -48.87 30.49 -19.28
CA SER K 1050 -50.25 30.10 -19.04
C SER K 1050 -50.56 28.76 -19.70
N TRP K 1051 -50.14 28.62 -20.95
CA TRP K 1051 -50.32 27.35 -21.65
C TRP K 1051 -49.61 26.23 -20.91
N TYR K 1052 -48.40 26.50 -20.44
CA TYR K 1052 -47.65 25.52 -19.66
C TYR K 1052 -48.46 25.06 -18.47
N ASN K 1053 -49.04 26.03 -17.75
CA ASN K 1053 -49.81 25.69 -16.56
C ASN K 1053 -51.01 24.85 -16.94
N LEU K 1054 -51.66 25.22 -18.03
CA LEU K 1054 -52.86 24.54 -18.46
C LEU K 1054 -52.56 23.09 -18.77
N LEU K 1055 -51.61 22.88 -19.66
CA LEU K 1055 -51.35 21.52 -20.10
C LEU K 1055 -50.78 20.68 -18.98
N LEU K 1056 -50.06 21.27 -18.03
CA LEU K 1056 -49.45 20.46 -17.00
C LEU K 1056 -50.50 20.03 -15.98
N ASP K 1057 -51.47 20.92 -15.71
CA ASP K 1057 -52.59 20.49 -14.89
C ASP K 1057 -53.35 19.38 -15.60
N MET K 1058 -53.51 19.55 -16.91
CA MET K 1058 -54.17 18.52 -17.69
C MET K 1058 -53.42 17.20 -17.57
N GLN K 1059 -52.10 17.29 -17.54
CA GLN K 1059 -51.28 16.09 -17.42
C GLN K 1059 -51.56 15.41 -16.09
N ASN K 1060 -51.69 16.21 -15.04
CA ASN K 1060 -51.95 15.62 -13.73
C ASN K 1060 -53.27 14.86 -13.73
N ARG K 1061 -54.32 15.47 -14.28
CA ARG K 1061 -55.61 14.79 -14.21
C ARG K 1061 -55.67 13.62 -15.18
N LEU K 1062 -55.06 13.73 -16.34
CA LEU K 1062 -54.92 12.58 -17.22
C LEU K 1062 -54.23 11.44 -16.51
N ASN K 1063 -53.21 11.78 -15.71
CA ASN K 1063 -52.52 10.78 -14.92
C ASN K 1063 -53.45 10.15 -13.91
N LYS K 1064 -54.45 10.90 -13.45
CA LYS K 1064 -55.43 10.30 -12.56
C LYS K 1064 -56.40 9.39 -13.30
N VAL K 1065 -56.49 9.50 -14.62
CA VAL K 1065 -57.49 8.79 -15.40
C VAL K 1065 -56.87 7.71 -16.26
N ILE K 1066 -55.70 7.99 -16.83
CA ILE K 1066 -55.12 7.06 -17.77
C ILE K 1066 -54.62 5.83 -17.04
N LYS K 1067 -54.83 4.67 -17.65
CA LYS K 1067 -54.29 3.42 -17.14
C LYS K 1067 -52.89 3.22 -17.68
N SER K 1068 -51.91 3.18 -16.78
CA SER K 1068 -50.52 2.99 -17.18
C SER K 1068 -50.23 1.50 -17.26
N VAL K 1069 -49.66 1.10 -18.39
CA VAL K 1069 -49.28 -0.29 -18.59
C VAL K 1069 -48.18 -0.64 -17.59
N GLY K 1070 -48.43 -1.65 -16.79
CA GLY K 1070 -47.48 -2.03 -15.76
C GLY K 1070 -47.55 -1.19 -14.51
N LYS K 1071 -48.53 -0.31 -14.39
CA LYS K 1071 -48.74 0.45 -13.15
C LYS K 1071 -47.54 1.30 -12.81
N ILE K 1072 -46.95 1.87 -13.83
CA ILE K 1072 -45.84 2.80 -13.69
C ILE K 1072 -46.40 4.21 -13.73
N GLU K 1073 -45.92 5.04 -12.82
CA GLU K 1073 -46.36 6.42 -12.76
C GLU K 1073 -45.69 7.24 -13.83
N HIS K 1074 -46.46 8.11 -14.48
CA HIS K 1074 -45.93 8.99 -15.51
C HIS K 1074 -44.82 9.87 -14.96
N SER K 1075 -45.03 10.41 -13.76
CA SER K 1075 -44.05 11.30 -13.16
C SER K 1075 -42.72 10.60 -12.95
N PHE K 1076 -42.75 9.35 -12.48
CA PHE K 1076 -41.52 8.61 -12.25
C PHE K 1076 -40.77 8.42 -13.57
N TRP K 1077 -41.50 8.12 -14.63
CA TRP K 1077 -40.86 7.82 -15.91
C TRP K 1077 -40.22 9.06 -16.49
N ARG K 1078 -40.92 10.18 -16.45
CA ARG K 1078 -40.33 11.40 -16.99
C ARG K 1078 -39.41 12.09 -16.00
N SER K 1079 -39.31 11.57 -14.78
CA SER K 1079 -38.42 12.16 -13.79
C SER K 1079 -36.96 12.12 -14.25
N PHE K 1080 -36.27 13.26 -14.12
CA PHE K 1080 -34.83 13.32 -14.31
C PHE K 1080 -34.15 12.23 -13.50
N HIS K 1081 -33.16 11.60 -14.11
CA HIS K 1081 -32.52 10.46 -13.48
C HIS K 1081 -31.15 10.25 -14.08
N THR K 1082 -30.14 10.41 -13.25
CA THR K 1082 -28.78 10.04 -13.55
C THR K 1082 -28.25 9.19 -12.41
N GLU K 1083 -27.03 8.69 -12.58
CA GLU K 1083 -26.40 7.94 -11.51
C GLU K 1083 -26.05 8.83 -10.34
N ARG K 1084 -26.08 10.15 -10.51
CA ARG K 1084 -25.73 11.09 -9.48
C ARG K 1084 -26.92 11.64 -8.72
N LYS K 1085 -28.06 11.82 -9.39
CA LYS K 1085 -29.16 12.59 -8.80
C LYS K 1085 -30.49 12.14 -9.39
N THR K 1086 -31.54 12.26 -8.58
CA THR K 1086 -32.92 12.01 -9.01
C THR K 1086 -33.76 13.21 -8.58
N GLU K 1087 -34.51 13.76 -9.52
CA GLU K 1087 -35.34 14.94 -9.29
C GLU K 1087 -36.60 14.86 -10.14
N PRO K 1088 -37.73 15.39 -9.65
CA PRO K 1088 -38.94 15.41 -10.48
C PRO K 1088 -38.80 16.30 -11.70
N ALA K 1089 -39.64 16.02 -12.68
CA ALA K 1089 -39.67 16.78 -13.91
C ALA K 1089 -40.15 18.20 -13.66
N THR K 1090 -39.67 19.11 -14.51
CA THR K 1090 -40.11 20.49 -14.49
C THR K 1090 -39.95 21.08 -15.87
N GLY K 1091 -40.81 22.04 -16.19
CA GLY K 1091 -40.62 22.83 -17.38
C GLY K 1091 -40.84 22.11 -18.69
N PHE K 1092 -41.35 20.89 -18.67
CA PHE K 1092 -41.58 20.12 -19.88
C PHE K 1092 -42.95 19.48 -19.86
N ILE K 1093 -43.68 19.67 -20.94
CA ILE K 1093 -44.97 19.06 -21.17
C ILE K 1093 -44.78 17.80 -21.98
N ASP K 1094 -45.34 16.71 -21.49
CA ASP K 1094 -45.33 15.44 -22.21
C ASP K 1094 -46.37 15.53 -23.31
N GLY K 1095 -45.94 15.99 -24.49
CA GLY K 1095 -46.86 16.17 -25.58
C GLY K 1095 -47.54 14.88 -26.00
N ASP K 1096 -46.82 13.77 -25.90
CA ASP K 1096 -47.42 12.47 -26.21
C ASP K 1096 -48.57 12.19 -25.25
N LEU K 1097 -48.38 12.50 -23.97
CA LEU K 1097 -49.44 12.32 -23.00
C LEU K 1097 -50.61 13.23 -23.29
N ILE K 1098 -50.33 14.45 -23.74
CA ILE K 1098 -51.41 15.39 -24.04
C ILE K 1098 -52.22 14.89 -25.22
N GLU K 1099 -51.53 14.46 -26.27
CA GLU K 1099 -52.23 13.93 -27.43
C GLU K 1099 -53.01 12.67 -27.08
N SER K 1100 -52.59 11.94 -26.05
CA SER K 1100 -53.33 10.77 -25.63
C SER K 1100 -54.73 11.09 -25.12
N PHE K 1101 -55.00 12.36 -24.82
CA PHE K 1101 -56.35 12.80 -24.47
C PHE K 1101 -57.37 12.44 -25.54
N LEU K 1102 -56.98 12.56 -26.80
CA LEU K 1102 -57.94 12.41 -27.89
C LEU K 1102 -58.40 10.98 -28.13
N ASP K 1103 -57.78 9.98 -27.49
CA ASP K 1103 -58.08 8.58 -27.77
C ASP K 1103 -58.88 7.89 -26.69
N ILE K 1104 -59.14 8.55 -25.56
CA ILE K 1104 -59.97 7.95 -24.52
C ILE K 1104 -61.42 8.25 -24.83
N SER K 1105 -62.32 7.54 -24.15
CA SER K 1105 -63.74 7.74 -24.37
C SER K 1105 -64.17 9.10 -23.84
N ARG K 1106 -65.34 9.52 -24.27
CA ARG K 1106 -65.84 10.84 -23.87
C ARG K 1106 -66.09 10.96 -22.38
N PRO K 1107 -66.64 9.96 -21.67
CA PRO K 1107 -66.79 10.12 -20.22
C PRO K 1107 -65.48 10.31 -19.50
N LYS K 1108 -64.43 9.63 -19.95
CA LYS K 1108 -63.12 9.82 -19.36
C LYS K 1108 -62.60 11.22 -19.65
N MET K 1109 -62.86 11.75 -20.85
CA MET K 1109 -62.52 13.14 -21.12
C MET K 1109 -63.24 14.07 -20.17
N GLN K 1110 -64.54 13.85 -19.98
CA GLN K 1110 -65.32 14.70 -19.07
C GLN K 1110 -64.74 14.65 -17.67
N GLU K 1111 -64.33 13.47 -17.22
CA GLU K 1111 -63.64 13.36 -15.95
C GLU K 1111 -62.35 14.15 -15.96
N VAL K 1112 -61.62 14.09 -17.07
CA VAL K 1112 -60.33 14.76 -17.15
C VAL K 1112 -60.52 16.26 -17.05
N VAL K 1113 -61.56 16.77 -17.69
CA VAL K 1113 -61.83 18.20 -17.71
C VAL K 1113 -62.80 18.60 -16.61
N ALA K 1114 -63.19 17.66 -15.76
CA ALA K 1114 -64.05 17.98 -14.64
C ALA K 1114 -63.39 18.96 -13.71
N ASN K 1115 -64.16 19.98 -13.30
CA ASN K 1115 -63.71 20.98 -12.32
C ASN K 1115 -62.48 21.73 -12.82
N LEU K 1116 -62.50 22.12 -14.10
CA LEU K 1116 -61.39 22.83 -14.72
C LEU K 1116 -61.82 24.23 -15.10
N GLN K 1117 -61.03 25.21 -14.67
CA GLN K 1117 -61.20 26.59 -15.08
C GLN K 1117 -60.31 26.86 -16.29
N TYR K 1118 -60.93 27.32 -17.38
CA TYR K 1118 -60.28 27.40 -18.68
C TYR K 1118 -60.54 28.75 -19.33
N ASP K 1119 -59.49 29.33 -19.90
CA ASP K 1119 -59.56 30.61 -20.60
C ASP K 1119 -59.69 30.31 -22.07
N ASP K 1120 -60.90 30.42 -22.60
CA ASP K 1120 -61.15 30.19 -24.01
C ASP K 1120 -60.82 31.46 -24.79
N GLY K 1121 -59.91 31.34 -25.75
CA GLY K 1121 -59.48 32.50 -26.51
C GLY K 1121 -58.87 33.54 -25.61
N SER K 1122 -59.43 34.76 -25.69
CA SER K 1122 -59.04 35.89 -24.86
C SER K 1122 -60.24 36.32 -24.05
N GLY K 1123 -60.14 36.22 -22.72
CA GLY K 1123 -61.24 36.64 -21.87
C GLY K 1123 -61.10 36.14 -20.45
N MET K 1124 -62.25 35.90 -19.82
CA MET K 1124 -62.34 35.51 -18.43
C MET K 1124 -62.50 34.00 -18.29
N LYS K 1125 -62.25 33.51 -17.08
CA LYS K 1125 -62.26 32.07 -16.82
C LYS K 1125 -63.68 31.54 -16.69
N ARG K 1126 -63.86 30.28 -17.10
CA ARG K 1126 -65.14 29.60 -17.05
C ARG K 1126 -64.89 28.11 -16.94
N GLU K 1127 -65.97 27.35 -16.78
CA GLU K 1127 -65.88 25.91 -16.73
C GLU K 1127 -65.51 25.36 -18.10
N ALA K 1128 -64.53 24.45 -18.13
CA ALA K 1128 -64.07 23.85 -19.37
C ALA K 1128 -64.89 22.61 -19.71
N THR K 1129 -65.23 22.48 -20.99
CA THR K 1129 -65.93 21.32 -21.53
C THR K 1129 -64.94 20.48 -22.33
N ALA K 1130 -65.27 19.20 -22.48
CA ALA K 1130 -64.40 18.27 -23.21
C ALA K 1130 -64.08 18.76 -24.62
N ASP K 1131 -65.06 19.36 -25.30
CA ASP K 1131 -64.83 19.77 -26.68
C ASP K 1131 -63.80 20.89 -26.78
N ASP K 1132 -63.79 21.79 -25.80
CA ASP K 1132 -62.79 22.84 -25.76
C ASP K 1132 -61.38 22.26 -25.72
N LEU K 1133 -61.20 21.26 -24.87
CA LEU K 1133 -59.88 20.65 -24.73
C LEU K 1133 -59.55 19.81 -25.94
N ILE K 1134 -60.55 19.20 -26.56
CA ILE K 1134 -60.34 18.52 -27.83
C ILE K 1134 -59.80 19.51 -28.87
N LYS K 1135 -60.38 20.72 -28.90
CA LYS K 1135 -59.93 21.73 -29.86
C LYS K 1135 -58.48 22.11 -29.60
N VAL K 1136 -58.17 22.37 -28.33
CA VAL K 1136 -56.80 22.70 -27.94
C VAL K 1136 -55.84 21.61 -28.41
N VAL K 1137 -56.14 20.36 -28.08
CA VAL K 1137 -55.20 19.27 -28.35
C VAL K 1137 -55.10 19.01 -29.84
N GLU K 1138 -56.20 19.20 -30.57
CA GLU K 1138 -56.16 19.04 -32.02
C GLU K 1138 -55.27 20.08 -32.65
N GLU K 1139 -55.33 21.33 -32.18
CA GLU K 1139 -54.40 22.33 -32.68
C GLU K 1139 -52.98 21.93 -32.36
N LEU K 1140 -52.76 21.41 -31.16
CA LEU K 1140 -51.41 21.02 -30.77
C LEU K 1140 -50.88 19.88 -31.62
N THR K 1141 -51.74 18.95 -32.02
CA THR K 1141 -51.27 17.80 -32.80
C THR K 1141 -50.78 18.23 -34.17
N ARG K 1142 -51.23 19.37 -34.67
CA ARG K 1142 -50.90 19.81 -36.02
C ARG K 1142 -49.55 20.50 -36.11
N ILE K 1143 -48.82 20.63 -35.00
CA ILE K 1143 -47.49 21.20 -35.06
C ILE K 1143 -46.48 20.19 -35.56
N HIS K 1144 -46.85 18.92 -35.66
CA HIS K 1144 -45.98 17.86 -36.16
C HIS K 1144 -46.72 17.00 -37.16
N VAL L 59 0.78 -2.29 -10.42
CA VAL L 59 1.92 -1.40 -10.37
C VAL L 59 2.52 -1.32 -11.76
N GLY L 60 3.25 -0.25 -12.03
CA GLY L 60 3.73 0.02 -13.36
C GLY L 60 2.71 0.84 -14.14
N LEU L 61 2.84 0.81 -15.45
CA LEU L 61 1.90 1.40 -16.39
C LEU L 61 1.91 2.93 -16.37
N ALA L 62 2.69 3.56 -15.48
CA ALA L 62 2.80 5.00 -15.43
C ALA L 62 3.83 5.36 -14.37
N GLY L 63 4.53 6.46 -14.59
CA GLY L 63 5.54 6.91 -13.68
C GLY L 63 6.25 8.13 -14.19
N PRO L 64 7.37 8.49 -13.56
CA PRO L 64 8.20 9.57 -14.11
C PRO L 64 8.69 9.28 -15.51
N GLN L 65 8.87 8.00 -15.83
CA GLN L 65 9.34 7.56 -17.14
C GLN L 65 8.29 6.83 -17.94
N ILE L 66 7.40 6.10 -17.28
CA ILE L 66 6.43 5.27 -17.97
C ILE L 66 5.24 6.12 -18.39
N LEU L 67 4.54 5.68 -19.45
CA LEU L 67 3.50 6.48 -20.10
C LEU L 67 2.12 6.16 -19.58
N PRO L 68 1.20 7.13 -19.48
CA PRO L 68 -0.16 6.82 -19.06
C PRO L 68 -1.00 6.16 -20.13
N PRO L 69 -0.95 6.58 -21.40
CA PRO L 69 -2.12 6.38 -22.26
C PRO L 69 -2.22 4.96 -22.78
N CYS L 70 -3.36 4.34 -22.53
CA CYS L 70 -3.73 3.08 -23.14
C CYS L 70 -4.47 3.36 -24.45
N ARG L 71 -5.21 2.38 -24.98
CA ARG L 71 -5.74 2.40 -26.34
C ARG L 71 -6.49 3.67 -26.73
N SER L 72 -6.59 3.90 -28.03
CA SER L 72 -6.94 5.18 -28.63
C SER L 72 -8.36 5.20 -29.13
N ILE L 73 -9.29 4.63 -28.37
CA ILE L 73 -10.68 4.22 -28.45
C ILE L 73 -11.63 5.39 -28.58
N VAL L 74 -11.13 6.64 -28.71
CA VAL L 74 -11.97 7.84 -28.69
C VAL L 74 -13.07 7.76 -29.73
N ARG L 75 -12.82 7.03 -30.81
CA ARG L 75 -13.82 6.78 -31.85
C ARG L 75 -15.13 6.27 -31.26
N THR L 76 -15.05 5.56 -30.15
CA THR L 76 -16.17 5.04 -29.41
C THR L 76 -17.26 6.07 -29.18
N LEU L 77 -16.89 7.36 -29.07
CA LEU L 77 -17.91 8.38 -28.90
C LEU L 77 -18.92 8.33 -30.02
N HIS L 78 -18.42 8.29 -31.25
CA HIS L 78 -19.32 8.14 -32.37
C HIS L 78 -19.96 6.76 -32.38
N GLN L 79 -19.23 5.75 -31.90
CA GLN L 79 -19.87 4.45 -31.73
C GLN L 79 -21.06 4.58 -30.82
N HIS L 80 -20.95 5.42 -29.80
CA HIS L 80 -22.08 5.68 -28.93
C HIS L 80 -23.16 6.43 -29.68
N LYS L 81 -22.75 7.31 -30.58
CA LYS L 81 -23.74 7.97 -31.42
C LYS L 81 -24.50 6.98 -32.27
N LEU L 82 -23.95 5.80 -32.51
CA LEU L 82 -24.63 4.79 -33.31
C LEU L 82 -25.43 3.82 -32.48
N GLY L 83 -25.16 3.74 -31.18
CA GLY L 83 -25.89 2.84 -30.33
C GLY L 83 -25.27 1.47 -30.10
N ARG L 84 -24.17 1.15 -30.77
CA ARG L 84 -23.55 -0.16 -30.57
C ARG L 84 -22.93 -0.28 -29.18
N ALA L 85 -21.96 0.56 -28.88
CA ALA L 85 -21.19 0.43 -27.65
C ALA L 85 -21.89 1.14 -26.49
N SER L 86 -21.74 0.55 -25.30
CA SER L 86 -22.47 0.98 -24.13
C SER L 86 -21.75 2.11 -23.39
N TRP L 87 -22.52 2.80 -22.56
CA TRP L 87 -22.02 3.97 -21.84
C TRP L 87 -20.84 3.68 -20.95
N PRO L 88 -20.83 2.62 -20.13
CA PRO L 88 -19.70 2.42 -19.22
C PRO L 88 -18.35 2.30 -19.93
N SER L 89 -18.34 1.75 -21.13
CA SER L 89 -17.10 1.73 -21.87
C SER L 89 -16.66 3.15 -22.21
N VAL L 90 -17.62 4.01 -22.54
CA VAL L 90 -17.29 5.38 -22.87
C VAL L 90 -16.76 6.10 -21.66
N GLN L 91 -17.41 5.91 -20.52
CA GLN L 91 -16.89 6.48 -19.29
C GLN L 91 -15.51 5.96 -19.00
N GLN L 92 -15.22 4.73 -19.39
CA GLN L 92 -13.88 4.20 -19.21
C GLN L 92 -12.90 4.95 -20.08
N GLY L 93 -13.29 5.21 -21.32
CA GLY L 93 -12.37 5.86 -22.24
C GLY L 93 -12.13 7.30 -21.83
N LEU L 94 -13.14 7.96 -21.32
CA LEU L 94 -12.97 9.34 -20.94
C LEU L 94 -12.26 9.47 -19.61
N GLN L 95 -12.38 8.45 -18.76
CA GLN L 95 -11.49 8.35 -17.60
C GLN L 95 -10.06 8.30 -18.07
N GLN L 96 -9.83 7.51 -19.12
CA GLN L 96 -8.52 7.41 -19.70
C GLN L 96 -8.06 8.78 -20.19
N SER L 97 -8.97 9.51 -20.82
CA SER L 97 -8.64 10.84 -21.34
C SER L 97 -8.23 11.77 -20.21
N PHE L 98 -8.98 11.71 -19.12
CA PHE L 98 -8.70 12.60 -18.00
C PHE L 98 -7.38 12.27 -17.37
N LEU L 99 -7.03 10.98 -17.34
CA LEU L 99 -5.72 10.63 -16.83
C LEU L 99 -4.63 11.19 -17.72
N HIS L 100 -4.85 11.12 -19.03
CA HIS L 100 -3.84 11.60 -19.96
C HIS L 100 -3.60 13.08 -19.78
N THR L 101 -4.68 13.86 -19.68
CA THR L 101 -4.49 15.28 -19.49
C THR L 101 -4.07 15.61 -18.07
N LEU L 102 -4.30 14.69 -17.13
CA LEU L 102 -3.85 14.90 -15.75
C LEU L 102 -2.36 14.80 -15.66
N ASP L 103 -1.74 14.02 -16.53
CA ASP L 103 -0.29 14.06 -16.57
C ASP L 103 0.26 15.37 -17.14
N SER L 104 -0.61 16.31 -17.50
CA SER L 104 -0.22 17.69 -17.81
C SER L 104 -0.80 18.68 -16.82
N TYR L 105 -1.41 18.20 -15.73
CA TYR L 105 -1.65 19.08 -14.59
C TYR L 105 -0.36 19.48 -13.89
N ARG L 106 0.78 18.88 -14.26
CA ARG L 106 2.05 19.00 -13.55
C ARG L 106 2.43 20.45 -13.27
N ILE L 107 1.96 21.39 -14.05
CA ILE L 107 2.33 22.79 -13.86
C ILE L 107 1.41 23.33 -12.77
N LEU L 108 2.00 23.57 -11.61
CA LEU L 108 1.27 24.07 -10.46
C LEU L 108 0.81 25.49 -10.71
N GLN L 109 -0.49 25.68 -10.67
CA GLN L 109 -1.02 26.99 -10.99
C GLN L 109 -0.72 27.99 -9.88
N LYS L 110 -1.27 27.75 -8.69
CA LYS L 110 -1.26 28.78 -7.65
C LYS L 110 -0.88 28.22 -6.30
N ALA L 111 -0.40 29.13 -5.46
CA ALA L 111 0.04 28.82 -4.11
C ALA L 111 -0.60 29.84 -3.18
N ALA L 112 -0.84 29.41 -1.96
CA ALA L 112 -1.43 30.28 -0.97
C ALA L 112 -1.01 29.89 0.45
N PRO L 113 -0.38 30.81 1.21
CA PRO L 113 -0.11 30.53 2.63
C PRO L 113 -1.07 31.15 3.61
N PHE L 114 -0.96 30.69 4.84
CA PHE L 114 -1.46 31.36 6.02
C PHE L 114 -0.72 30.75 7.22
N ASP L 115 -1.26 30.91 8.43
CA ASP L 115 -0.57 30.55 9.67
C ASP L 115 -0.60 29.04 9.94
N ARG L 116 -0.37 28.63 11.19
CA ARG L 116 0.28 27.40 11.59
C ARG L 116 0.03 26.12 10.78
N ARG L 117 -1.19 25.59 10.70
CA ARG L 117 -1.28 24.27 10.09
C ARG L 117 -2.64 24.02 9.48
N ALA L 118 -2.66 23.18 8.45
CA ALA L 118 -3.88 22.79 7.77
C ALA L 118 -4.43 21.51 8.35
N THR L 119 -5.72 21.48 8.55
CA THR L 119 -6.42 20.33 9.09
C THR L 119 -7.60 19.88 8.27
N SER L 120 -8.22 20.77 7.52
CA SER L 120 -9.39 20.36 6.78
C SER L 120 -9.63 21.22 5.57
N LEU L 121 -10.29 20.61 4.59
CA LEU L 121 -10.47 21.20 3.29
C LEU L 121 -11.89 20.97 2.83
N ALA L 122 -12.38 21.90 2.02
CA ALA L 122 -13.72 21.77 1.50
C ALA L 122 -13.90 22.65 0.28
N TRP L 123 -14.73 22.18 -0.63
CA TRP L 123 -14.98 22.84 -1.89
C TRP L 123 -16.35 23.52 -1.89
N HIS L 124 -16.41 24.74 -2.43
CA HIS L 124 -17.68 25.40 -2.73
C HIS L 124 -18.37 24.61 -3.83
N PRO L 125 -19.56 24.08 -3.62
CA PRO L 125 -20.10 23.09 -4.56
C PRO L 125 -20.45 23.64 -5.91
N THR L 126 -21.00 24.84 -5.96
CA THR L 126 -21.53 25.33 -7.22
C THR L 126 -20.45 25.95 -8.10
N HIS L 127 -19.50 26.63 -7.51
CA HIS L 127 -18.53 27.38 -8.25
C HIS L 127 -17.18 26.67 -8.25
N PRO L 128 -16.41 26.70 -9.35
CA PRO L 128 -15.22 25.87 -9.40
C PRO L 128 -14.08 26.41 -8.59
N SER L 129 -13.86 27.71 -8.74
CA SER L 129 -12.62 28.32 -8.29
C SER L 129 -12.62 28.72 -6.83
N THR L 130 -13.69 28.44 -6.11
CA THR L 130 -13.84 28.84 -4.73
C THR L 130 -13.61 27.66 -3.81
N VAL L 131 -12.98 27.92 -2.68
CA VAL L 131 -12.65 26.87 -1.75
C VAL L 131 -12.58 27.44 -0.34
N ALA L 132 -12.77 26.55 0.62
CA ALA L 132 -12.70 26.84 2.03
C ALA L 132 -11.71 25.91 2.67
N VAL L 133 -11.05 26.42 3.71
CA VAL L 133 -10.00 25.67 4.36
C VAL L 133 -9.95 26.05 5.82
N GLY L 134 -9.60 25.06 6.63
CA GLY L 134 -9.62 25.20 8.07
C GLY L 134 -8.34 24.73 8.70
N SER L 135 -7.90 25.50 9.70
CA SER L 135 -6.55 25.49 10.23
C SER L 135 -6.43 24.70 11.55
N LYS L 136 -5.23 24.78 12.14
CA LYS L 136 -4.96 24.22 13.45
C LYS L 136 -5.45 25.12 14.56
N GLY L 137 -5.71 26.38 14.26
CA GLY L 137 -5.96 27.39 15.25
C GLY L 137 -7.29 28.08 15.03
N GLY L 138 -8.26 27.32 14.57
CA GLY L 138 -9.58 27.89 14.36
C GLY L 138 -9.63 29.00 13.35
N ASP L 139 -8.62 29.11 12.50
CA ASP L 139 -8.53 30.16 11.51
C ASP L 139 -9.06 29.60 10.19
N ILE L 140 -10.11 30.21 9.68
CA ILE L 140 -10.74 29.79 8.44
C ILE L 140 -10.36 30.75 7.34
N MET L 141 -10.28 30.20 6.14
CA MET L 141 -10.08 31.01 4.96
C MET L 141 -11.04 30.60 3.86
N LEU L 142 -11.47 31.60 3.11
CA LEU L 142 -12.29 31.44 1.93
C LEU L 142 -11.61 32.18 0.79
N TRP L 143 -11.41 31.48 -0.33
CA TRP L 143 -10.57 31.97 -1.40
C TRP L 143 -11.15 31.58 -2.75
N ASN L 144 -11.19 32.56 -3.65
CA ASN L 144 -11.65 32.38 -5.01
C ASN L 144 -10.51 32.72 -5.96
N PHE L 145 -10.47 32.01 -7.08
CA PHE L 145 -9.43 32.22 -8.07
C PHE L 145 -9.95 33.12 -9.16
N GLY L 146 -9.03 33.79 -9.85
CA GLY L 146 -9.40 34.70 -10.91
C GLY L 146 -10.19 35.89 -10.44
N ILE L 147 -10.13 36.21 -9.14
CA ILE L 147 -10.84 37.34 -8.57
C ILE L 147 -9.89 38.44 -8.13
N LYS L 148 -8.78 38.08 -7.52
CA LYS L 148 -7.72 39.00 -7.13
C LYS L 148 -8.16 40.01 -6.08
N ASP L 149 -9.30 39.77 -5.42
CA ASP L 149 -9.82 40.67 -4.40
C ASP L 149 -9.33 40.30 -3.01
N LYS L 150 -8.14 39.71 -2.90
CA LYS L 150 -7.45 39.49 -1.63
C LYS L 150 -8.32 38.76 -0.62
N PRO L 151 -8.36 37.43 -0.66
CA PRO L 151 -9.51 36.69 -0.19
C PRO L 151 -9.78 36.84 1.30
N THR L 152 -10.88 36.25 1.71
CA THR L 152 -11.45 36.56 3.01
C THR L 152 -10.91 35.62 4.07
N PHE L 153 -10.79 36.17 5.28
CA PHE L 153 -10.09 35.58 6.40
C PHE L 153 -11.00 35.66 7.63
N ILE L 154 -10.84 34.71 8.56
CA ILE L 154 -11.39 34.89 9.89
C ILE L 154 -10.53 34.10 10.87
N LYS L 155 -10.16 34.74 11.97
CA LYS L 155 -9.26 34.18 12.95
C LYS L 155 -10.03 33.55 14.10
N GLY L 156 -9.29 32.80 14.90
CA GLY L 156 -9.77 32.28 16.16
C GLY L 156 -8.73 32.39 17.26
N ILE L 157 -8.85 31.53 18.27
CA ILE L 157 -7.97 31.61 19.43
C ILE L 157 -6.53 31.39 19.02
N GLY L 158 -6.29 30.47 18.10
CA GLY L 158 -4.97 30.25 17.55
C GLY L 158 -4.17 29.13 18.18
N ALA L 159 -4.57 28.63 19.35
CA ALA L 159 -3.80 27.64 20.08
C ALA L 159 -4.52 26.31 20.19
N GLY L 160 -5.70 26.28 20.79
CA GLY L 160 -6.39 25.05 21.10
C GLY L 160 -7.76 24.97 20.45
N GLY L 161 -7.97 25.76 19.41
CA GLY L 161 -9.25 25.85 18.73
C GLY L 161 -9.24 25.21 17.36
N SER L 162 -8.63 24.04 17.26
CA SER L 162 -8.37 23.45 15.96
C SER L 162 -9.67 23.02 15.33
N ILE L 163 -10.04 23.72 14.26
CA ILE L 163 -11.10 23.22 13.40
C ILE L 163 -10.68 21.87 12.85
N THR L 164 -11.64 20.97 12.78
CA THR L 164 -11.41 19.60 12.34
C THR L 164 -12.42 19.09 11.36
N GLY L 165 -13.50 19.81 11.11
CA GLY L 165 -14.44 19.45 10.07
C GLY L 165 -15.11 20.68 9.50
N LEU L 166 -15.43 20.63 8.20
CA LEU L 166 -15.85 21.82 7.52
C LEU L 166 -16.59 21.40 6.26
N LYS L 167 -17.88 21.68 6.21
CA LYS L 167 -18.68 21.59 4.99
C LYS L 167 -19.40 22.89 4.75
N PHE L 168 -19.62 23.19 3.49
CA PHE L 168 -20.36 24.38 3.16
C PHE L 168 -21.83 24.23 3.53
N ASN L 169 -22.52 25.35 3.52
CA ASN L 169 -23.95 25.33 3.67
C ASN L 169 -24.58 25.02 2.32
N PRO L 170 -25.40 23.97 2.21
CA PRO L 170 -26.07 23.74 0.93
C PRO L 170 -27.08 24.81 0.55
N LEU L 171 -27.45 25.69 1.47
CA LEU L 171 -28.52 26.67 1.24
C LEU L 171 -27.99 28.07 1.02
N ASN L 172 -27.23 28.59 1.97
CA ASN L 172 -26.72 29.96 1.98
C ASN L 172 -25.20 29.90 1.84
N THR L 173 -24.73 30.20 0.62
CA THR L 173 -23.34 29.99 0.26
C THR L 173 -22.40 30.82 1.09
N ASN L 174 -22.88 31.90 1.68
CA ASN L 174 -22.07 32.72 2.56
C ASN L 174 -22.01 32.18 3.99
N GLN L 175 -22.53 30.99 4.25
CA GLN L 175 -22.44 30.35 5.55
C GLN L 175 -21.47 29.16 5.50
N PHE L 176 -21.21 28.56 6.67
CA PHE L 176 -20.51 27.29 6.71
C PHE L 176 -20.67 26.65 8.07
N TYR L 177 -20.72 25.33 8.05
CA TYR L 177 -20.66 24.55 9.26
C TYR L 177 -19.21 24.32 9.64
N ALA L 178 -18.98 23.98 10.90
CA ALA L 178 -17.64 23.77 11.38
C ALA L 178 -17.67 22.96 12.67
N SER L 179 -16.64 22.15 12.85
CA SER L 179 -16.40 21.44 14.09
C SER L 179 -15.05 21.83 14.65
N SER L 180 -15.03 22.13 15.94
CA SER L 180 -13.94 22.85 16.56
C SER L 180 -13.45 22.12 17.80
N MET L 181 -12.16 22.27 18.06
CA MET L 181 -11.56 21.67 19.23
C MET L 181 -12.09 22.30 20.51
N GLU L 182 -12.68 23.47 20.43
CA GLU L 182 -13.30 24.10 21.58
C GLU L 182 -14.45 23.27 22.13
N GLY L 183 -15.00 22.35 21.35
CA GLY L 183 -16.16 21.59 21.76
C GLY L 183 -17.50 22.18 21.34
N THR L 184 -17.58 22.81 20.16
CA THR L 184 -18.80 23.48 19.71
C THR L 184 -18.95 23.26 18.21
N THR L 185 -19.72 22.25 17.83
CA THR L 185 -20.16 22.12 16.45
C THR L 185 -21.03 23.31 16.09
N ARG L 186 -20.51 24.21 15.27
CA ARG L 186 -21.15 25.49 15.03
C ARG L 186 -21.52 25.68 13.57
N LEU L 187 -22.35 26.70 13.34
CA LEU L 187 -22.71 27.17 12.02
C LEU L 187 -22.57 28.69 11.99
N GLN L 188 -21.72 29.19 11.10
CA GLN L 188 -21.13 30.52 11.21
C GLN L 188 -20.88 31.10 9.82
N ASP L 189 -20.82 32.42 9.76
CA ASP L 189 -20.70 33.17 8.52
C ASP L 189 -19.25 33.50 8.22
N PHE L 190 -18.97 33.74 6.94
CA PHE L 190 -17.65 34.15 6.48
C PHE L 190 -17.32 35.59 6.82
N LYS L 191 -18.26 36.32 7.39
CA LYS L 191 -17.98 37.65 7.91
C LYS L 191 -17.65 37.65 9.39
N GLY L 192 -17.90 36.54 10.08
CA GLY L 192 -17.45 36.33 11.45
C GLY L 192 -18.59 36.05 12.42
N ASN L 193 -19.78 36.53 12.10
CA ASN L 193 -20.91 36.36 13.00
C ASN L 193 -21.25 34.89 13.11
N ILE L 194 -21.26 34.39 14.33
CA ILE L 194 -21.73 33.04 14.61
C ILE L 194 -23.25 33.05 14.61
N LEU L 195 -23.84 32.20 13.78
CA LEU L 195 -25.29 32.13 13.72
C LEU L 195 -25.82 31.26 14.83
N ARG L 196 -25.35 30.01 14.90
CA ARG L 196 -25.87 29.12 15.92
C ARG L 196 -24.86 28.06 16.30
N VAL L 197 -24.73 27.86 17.57
CA VAL L 197 -24.18 26.62 18.07
C VAL L 197 -25.30 25.58 17.99
N PHE L 198 -24.89 24.33 17.81
CA PHE L 198 -25.78 23.22 17.61
C PHE L 198 -25.76 22.25 18.78
N ALA L 199 -24.60 22.07 19.37
CA ALA L 199 -24.41 21.17 20.48
C ALA L 199 -23.26 21.74 21.30
N SER L 200 -22.78 20.97 22.27
CA SER L 200 -21.69 21.49 23.09
C SER L 200 -21.13 20.40 23.98
N SER L 201 -19.85 20.54 24.29
CA SER L 201 -19.22 19.67 25.27
C SER L 201 -19.65 20.06 26.67
N ASP L 202 -19.61 21.36 26.99
CA ASP L 202 -19.90 21.91 28.31
C ASP L 202 -18.85 21.51 29.35
N THR L 203 -17.72 20.97 28.90
CA THR L 203 -16.63 20.62 29.80
C THR L 203 -15.41 20.43 28.93
N ILE L 204 -14.38 21.20 29.19
CA ILE L 204 -13.20 21.20 28.33
C ILE L 204 -12.49 19.87 28.47
N ASN L 205 -11.51 19.64 27.59
CA ASN L 205 -10.75 18.41 27.41
C ASN L 205 -11.56 17.26 26.82
N ILE L 206 -12.76 17.54 26.29
CA ILE L 206 -13.56 16.58 25.53
C ILE L 206 -14.16 17.33 24.35
N TRP L 207 -13.73 17.00 23.14
CA TRP L 207 -14.01 17.81 21.96
C TRP L 207 -14.41 16.92 20.79
N PHE L 208 -14.87 17.56 19.73
CA PHE L 208 -15.37 16.89 18.53
C PHE L 208 -14.25 16.78 17.49
N CYS L 209 -14.40 15.80 16.59
CA CYS L 209 -13.37 15.54 15.60
C CYS L 209 -13.91 15.40 14.18
N SER L 210 -15.14 14.96 14.07
CA SER L 210 -15.71 14.57 12.80
C SER L 210 -17.05 15.25 12.58
N LEU L 211 -17.37 15.48 11.32
CA LEU L 211 -18.57 16.22 11.01
C LEU L 211 -18.97 15.96 9.58
N ASP L 212 -20.27 15.86 9.36
CA ASP L 212 -20.79 15.88 8.00
C ASP L 212 -22.29 16.15 8.05
N VAL L 213 -22.86 16.42 6.88
CA VAL L 213 -24.23 16.89 6.75
C VAL L 213 -24.82 16.32 5.49
N SER L 214 -26.14 16.21 5.48
CA SER L 214 -26.90 15.94 4.28
C SER L 214 -28.08 16.88 4.19
N ALA L 215 -28.34 17.30 2.97
CA ALA L 215 -29.39 18.25 2.65
C ALA L 215 -30.65 17.57 2.16
N SER L 216 -30.51 16.49 1.42
CA SER L 216 -31.68 15.78 0.92
C SER L 216 -32.49 15.21 2.07
N SER L 217 -31.82 14.88 3.17
CA SER L 217 -32.45 14.35 4.36
C SER L 217 -32.53 15.35 5.50
N ARG L 218 -31.76 16.43 5.41
CA ARG L 218 -31.80 17.49 6.41
C ARG L 218 -31.35 16.94 7.77
N MET L 219 -30.13 16.42 7.79
CA MET L 219 -29.54 15.91 9.01
C MET L 219 -28.07 16.35 9.12
N VAL L 220 -27.59 16.39 10.36
CA VAL L 220 -26.23 16.76 10.71
C VAL L 220 -25.72 15.68 11.62
N VAL L 221 -24.44 15.36 11.51
CA VAL L 221 -23.86 14.27 12.28
C VAL L 221 -22.44 14.66 12.66
N THR L 222 -22.05 14.27 13.87
CA THR L 222 -20.79 14.73 14.41
C THR L 222 -20.26 13.72 15.41
N GLY L 223 -18.94 13.62 15.45
CA GLY L 223 -18.23 12.67 16.28
C GLY L 223 -17.28 13.28 17.29
N ASP L 224 -17.10 12.56 18.38
CA ASP L 224 -16.39 13.03 19.56
C ASP L 224 -14.98 12.44 19.59
N ASN L 225 -14.28 12.67 20.70
CA ASN L 225 -12.94 12.15 20.91
C ASN L 225 -12.89 10.94 21.82
N VAL L 226 -14.04 10.40 22.25
CA VAL L 226 -14.07 9.30 23.21
C VAL L 226 -14.76 8.06 22.68
N GLY L 227 -15.73 8.23 21.79
CA GLY L 227 -16.47 7.09 21.31
C GLY L 227 -17.94 7.27 21.01
N ASN L 228 -18.51 8.46 21.20
CA ASN L 228 -19.94 8.67 21.02
C ASN L 228 -20.23 9.66 19.92
N VAL L 229 -21.28 9.37 19.15
CA VAL L 229 -21.69 10.15 17.99
C VAL L 229 -23.00 10.86 18.30
N ILE L 230 -23.15 12.05 17.72
CA ILE L 230 -24.34 12.87 17.90
C ILE L 230 -24.93 13.11 16.52
N LEU L 231 -26.26 13.24 16.46
CA LEU L 231 -27.02 13.42 15.23
C LEU L 231 -28.11 14.44 15.49
N LEU L 232 -28.04 15.56 14.78
CA LEU L 232 -28.93 16.69 14.97
C LEU L 232 -29.70 16.98 13.69
N ASN L 233 -30.81 17.72 13.80
CA ASN L 233 -31.45 18.31 12.63
C ASN L 233 -30.82 19.66 12.30
N MET L 234 -31.13 20.15 11.11
CA MET L 234 -30.58 21.43 10.68
C MET L 234 -31.09 22.60 11.51
N ASP L 235 -32.01 22.37 12.44
CA ASP L 235 -32.50 23.38 13.35
C ASP L 235 -32.43 22.92 14.80
N GLY L 236 -31.58 21.93 15.09
CA GLY L 236 -31.43 21.41 16.44
C GLY L 236 -32.14 20.09 16.60
N LYS L 237 -32.95 19.96 17.67
CA LYS L 237 -33.90 18.87 17.84
C LYS L 237 -33.19 17.51 17.85
N GLU L 238 -32.40 17.35 18.89
CA GLU L 238 -31.44 16.26 18.98
C GLU L 238 -32.12 15.01 19.52
N LEU L 239 -32.09 13.93 18.74
CA LEU L 239 -32.53 12.61 19.18
C LEU L 239 -31.41 11.66 18.84
N TRP L 240 -30.38 11.67 19.66
CA TRP L 240 -29.17 10.90 19.42
C TRP L 240 -28.25 11.10 20.62
N ASN L 241 -26.93 10.91 20.42
CA ASN L 241 -25.87 10.99 21.42
C ASN L 241 -25.73 9.69 22.18
N LEU L 242 -26.22 8.61 21.61
CA LEU L 242 -25.82 7.29 22.04
C LEU L 242 -24.41 7.01 21.55
N ARG L 243 -23.68 6.23 22.34
CA ARG L 243 -22.29 5.97 22.04
C ARG L 243 -22.17 4.86 21.01
N MET L 244 -21.20 5.01 20.12
CA MET L 244 -20.99 4.08 19.01
C MET L 244 -19.68 3.33 19.10
N HIS L 245 -18.67 3.93 19.70
CA HIS L 245 -17.31 3.41 19.68
C HIS L 245 -16.70 3.53 21.07
N LYS L 246 -15.46 3.08 21.21
CA LYS L 246 -14.71 3.08 22.45
C LYS L 246 -13.67 4.17 22.53
N LYS L 247 -13.36 4.84 21.43
CA LYS L 247 -12.27 5.80 21.38
C LYS L 247 -12.63 6.87 20.36
N LYS L 248 -11.64 7.64 19.91
CA LYS L 248 -11.94 8.79 19.07
C LYS L 248 -12.46 8.35 17.72
N VAL L 249 -13.39 9.14 17.20
CA VAL L 249 -14.06 8.93 15.93
C VAL L 249 -13.44 9.88 14.93
N THR L 250 -12.66 9.35 13.99
CA THR L 250 -11.83 10.22 13.17
C THR L 250 -12.60 10.79 12.00
N HIS L 251 -13.55 10.03 11.47
CA HIS L 251 -14.29 10.47 10.30
C HIS L 251 -15.62 9.76 10.29
N VAL L 252 -16.56 10.33 9.56
CA VAL L 252 -17.93 9.89 9.59
C VAL L 252 -18.61 10.54 8.41
N ALA L 253 -19.56 9.85 7.77
CA ALA L 253 -20.18 10.42 6.59
C ALA L 253 -21.48 9.73 6.26
N LEU L 254 -22.28 10.44 5.48
CA LEU L 254 -23.61 10.03 5.07
C LEU L 254 -23.59 9.71 3.59
N ASN L 255 -24.40 8.80 3.24
CA ASN L 255 -24.51 8.46 1.83
C ASN L 255 -25.41 9.46 1.12
N PRO L 256 -25.07 9.84 -0.10
CA PRO L 256 -25.88 10.84 -0.80
C PRO L 256 -27.00 10.26 -1.65
N CYS L 257 -26.89 9.01 -2.07
CA CYS L 257 -27.85 8.44 -3.02
C CYS L 257 -28.95 7.65 -2.37
N CYS L 258 -28.70 7.10 -1.20
CA CYS L 258 -29.74 6.87 -0.23
C CYS L 258 -29.69 8.05 0.74
N ASP L 259 -30.46 7.96 1.82
CA ASP L 259 -30.51 9.01 2.81
C ASP L 259 -30.29 8.54 4.22
N TRP L 260 -30.30 7.23 4.46
CA TRP L 260 -30.54 6.74 5.80
C TRP L 260 -29.73 5.51 6.16
N PHE L 261 -28.56 5.34 5.58
CA PHE L 261 -27.53 4.58 6.27
C PHE L 261 -26.25 5.38 6.30
N LEU L 262 -25.52 5.21 7.41
CA LEU L 262 -24.46 6.11 7.83
C LEU L 262 -23.19 5.32 8.03
N ALA L 263 -22.05 6.00 8.02
CA ALA L 263 -20.77 5.36 8.23
C ALA L 263 -19.97 6.15 9.22
N THR L 264 -19.21 5.44 10.05
CA THR L 264 -18.35 6.06 11.02
C THR L 264 -17.11 5.22 11.16
N ALA L 265 -16.00 5.89 11.44
CA ALA L 265 -14.72 5.25 11.60
C ALA L 265 -14.03 5.82 12.83
N SER L 266 -13.16 5.00 13.41
CA SER L 266 -12.67 5.26 14.74
C SER L 266 -11.28 4.68 14.89
N VAL L 267 -10.67 4.94 16.06
CA VAL L 267 -9.38 4.37 16.42
C VAL L 267 -9.50 2.94 16.89
N ASP L 268 -10.69 2.38 16.94
CA ASP L 268 -10.91 1.08 17.52
C ASP L 268 -10.55 -0.07 16.59
N GLN L 269 -9.90 0.21 15.47
CA GLN L 269 -9.61 -0.78 14.44
C GLN L 269 -10.88 -1.31 13.79
N THR L 270 -11.96 -0.56 13.88
CA THR L 270 -13.25 -0.97 13.36
C THR L 270 -13.91 0.20 12.67
N VAL L 271 -14.67 -0.08 11.62
CA VAL L 271 -15.48 0.92 10.93
C VAL L 271 -16.88 0.37 10.81
N LYS L 272 -17.87 1.21 11.06
CA LYS L 272 -19.22 0.75 11.34
C LYS L 272 -20.24 1.46 10.47
N ILE L 273 -21.19 0.68 9.96
CA ILE L 273 -22.27 1.16 9.12
C ILE L 273 -23.57 1.03 9.88
N TRP L 274 -24.28 2.14 10.01
CA TRP L 274 -25.48 2.28 10.81
C TRP L 274 -26.71 2.55 9.94
N ASP L 275 -27.88 2.50 10.58
CA ASP L 275 -29.17 2.84 9.99
C ASP L 275 -29.88 3.81 10.93
N LEU L 276 -29.77 5.11 10.65
CA LEU L 276 -30.09 6.11 11.66
C LEU L 276 -31.56 6.18 12.02
N ARG L 277 -32.46 5.57 11.25
CA ARG L 277 -33.87 5.58 11.61
C ARG L 277 -34.30 4.30 12.30
N GLN L 278 -33.63 3.19 12.01
CA GLN L 278 -34.07 1.89 12.49
C GLN L 278 -33.38 1.48 13.79
N VAL L 279 -32.08 1.75 13.93
CA VAL L 279 -31.35 1.32 15.12
C VAL L 279 -31.52 2.36 16.21
N ARG L 280 -31.76 1.89 17.42
CA ARG L 280 -31.77 2.74 18.60
C ARG L 280 -31.11 2.08 19.80
N GLY L 281 -30.55 0.88 19.65
CA GLY L 281 -30.21 0.05 20.79
C GLY L 281 -28.75 -0.01 21.19
N LYS L 282 -27.97 1.04 20.90
CA LYS L 282 -26.60 1.13 21.38
C LYS L 282 -25.79 -0.05 20.86
N ALA L 283 -25.46 0.02 19.58
CA ALA L 283 -24.73 -1.03 18.87
C ALA L 283 -25.67 -2.19 18.54
N SER L 284 -26.94 -1.85 18.31
CA SER L 284 -27.79 -2.64 17.42
C SER L 284 -27.59 -2.19 15.98
N PHE L 285 -26.33 -2.16 15.56
CA PHE L 285 -25.93 -1.56 14.30
C PHE L 285 -26.38 -2.44 13.13
N LEU L 286 -26.00 -2.04 11.93
CA LEU L 286 -26.27 -2.81 10.72
C LEU L 286 -25.07 -3.64 10.30
N TYR L 287 -23.90 -3.03 10.21
CA TYR L 287 -22.71 -3.78 9.85
C TYR L 287 -21.50 -3.23 10.57
N SER L 288 -20.50 -4.09 10.76
CA SER L 288 -19.24 -3.72 11.39
C SER L 288 -18.11 -4.42 10.66
N LEU L 289 -17.17 -3.64 10.12
CA LEU L 289 -16.04 -4.16 9.40
C LEU L 289 -14.81 -4.02 10.27
N PRO L 290 -14.02 -5.07 10.47
CA PRO L 290 -12.79 -4.94 11.26
C PRO L 290 -11.59 -4.54 10.41
N HIS L 291 -10.50 -4.28 11.10
CA HIS L 291 -9.27 -3.86 10.47
C HIS L 291 -8.10 -4.43 11.27
N ARG L 292 -6.91 -4.28 10.70
CA ARG L 292 -5.69 -4.63 11.39
C ARG L 292 -5.11 -3.46 12.15
N HIS L 293 -5.37 -2.26 11.69
CA HIS L 293 -4.92 -1.04 12.30
C HIS L 293 -6.09 -0.07 12.44
N PRO L 294 -5.88 1.11 13.00
CA PRO L 294 -6.93 2.10 13.03
C PRO L 294 -7.25 2.63 11.65
N VAL L 295 -8.26 3.48 11.59
CA VAL L 295 -8.74 4.07 10.35
C VAL L 295 -8.75 5.57 10.46
N ASN L 296 -8.23 6.22 9.45
CA ASN L 296 -8.23 7.66 9.38
C ASN L 296 -9.39 8.17 8.61
N ALA L 297 -9.88 7.41 7.64
CA ALA L 297 -11.03 7.94 6.94
C ALA L 297 -11.80 6.86 6.22
N ALA L 298 -13.11 7.10 6.14
CA ALA L 298 -14.05 6.24 5.45
C ALA L 298 -14.98 7.16 4.70
N CYS L 299 -14.86 7.16 3.39
CA CYS L 299 -15.62 8.08 2.57
C CYS L 299 -16.38 7.30 1.52
N PHE L 300 -17.62 7.69 1.32
CA PHE L 300 -18.52 7.04 0.38
C PHE L 300 -18.23 7.49 -1.05
N SER L 301 -18.84 6.80 -1.98
CA SER L 301 -18.84 7.22 -3.36
C SER L 301 -19.88 8.32 -3.56
N PRO L 302 -19.95 8.87 -4.74
CA PRO L 302 -21.10 9.67 -5.09
C PRO L 302 -22.24 8.80 -5.56
N ASP L 303 -21.89 7.71 -6.23
CA ASP L 303 -22.91 6.78 -6.71
C ASP L 303 -23.50 5.97 -5.59
N GLY L 304 -22.73 5.74 -4.54
CA GLY L 304 -23.25 5.17 -3.32
C GLY L 304 -22.92 3.73 -3.10
N ALA L 305 -22.25 3.09 -4.04
CA ALA L 305 -22.07 1.65 -4.01
C ALA L 305 -20.68 1.24 -3.60
N ARG L 306 -19.73 2.13 -3.67
CA ARG L 306 -18.34 1.85 -3.37
C ARG L 306 -17.91 2.68 -2.17
N LEU L 307 -17.61 2.00 -1.06
CA LEU L 307 -17.07 2.64 0.12
C LEU L 307 -15.56 2.51 0.12
N LEU L 308 -14.87 3.61 0.42
CA LEU L 308 -13.42 3.64 0.45
C LEU L 308 -12.99 3.83 1.89
N THR L 309 -11.90 3.18 2.25
CA THR L 309 -11.39 3.23 3.62
C THR L 309 -9.89 3.28 3.58
N THR L 310 -9.33 4.05 4.51
CA THR L 310 -7.92 4.32 4.53
C THR L 310 -7.42 4.39 5.95
N ASP L 311 -6.35 3.65 6.19
CA ASP L 311 -5.89 3.30 7.51
C ASP L 311 -4.79 4.24 7.96
N GLN L 312 -4.12 3.89 9.05
CA GLN L 312 -3.04 4.66 9.59
C GLN L 312 -1.66 4.03 9.38
N LYS L 313 -1.58 2.72 9.15
CA LYS L 313 -0.27 2.08 9.03
C LYS L 313 0.19 1.93 7.59
N SER L 314 -0.44 1.05 6.81
CA SER L 314 -0.18 1.01 5.37
C SER L 314 -1.27 0.20 4.70
N GLU L 315 -2.31 0.87 4.21
CA GLU L 315 -3.36 0.13 3.52
C GLU L 315 -4.41 1.09 2.97
N ILE L 316 -5.10 0.64 1.93
CA ILE L 316 -6.38 1.20 1.52
C ILE L 316 -7.25 0.02 1.17
N ARG L 317 -8.53 0.12 1.50
CA ARG L 317 -9.49 -0.92 1.20
C ARG L 317 -10.68 -0.37 0.44
N VAL L 318 -11.19 -1.19 -0.47
CA VAL L 318 -12.42 -0.91 -1.19
C VAL L 318 -13.44 -1.93 -0.76
N TYR L 319 -14.48 -1.46 -0.09
CA TYR L 319 -15.65 -2.27 0.20
C TYR L 319 -16.77 -1.88 -0.74
N SER L 320 -17.62 -2.85 -1.06
CA SER L 320 -18.69 -2.67 -2.01
C SER L 320 -20.03 -2.77 -1.32
N ALA L 321 -21.05 -2.25 -2.02
CA ALA L 321 -22.43 -2.59 -1.76
C ALA L 321 -22.62 -4.06 -1.47
N SER L 322 -22.07 -4.92 -2.31
CA SER L 322 -22.29 -6.35 -2.22
C SER L 322 -21.49 -6.91 -1.07
N GLN L 323 -22.19 -7.26 0.01
CA GLN L 323 -21.59 -7.93 1.17
C GLN L 323 -20.46 -7.08 1.76
N TRP L 324 -20.90 -6.01 2.44
CA TRP L 324 -20.03 -5.05 3.13
C TRP L 324 -18.83 -5.69 3.82
N ASP L 325 -19.04 -6.88 4.40
CA ASP L 325 -17.98 -7.56 5.15
C ASP L 325 -16.74 -7.75 4.30
N CYS L 326 -16.84 -8.49 3.27
CA CYS L 326 -15.63 -8.85 2.56
C CYS L 326 -15.22 -7.71 1.66
N PRO L 327 -13.93 -7.49 1.44
CA PRO L 327 -13.49 -6.47 0.50
C PRO L 327 -13.34 -6.96 -0.93
N LEU L 328 -13.39 -5.99 -1.84
CA LEU L 328 -13.08 -6.26 -3.23
C LEU L 328 -11.58 -6.29 -3.44
N GLY L 329 -10.89 -5.31 -2.90
CA GLY L 329 -9.48 -5.12 -3.24
C GLY L 329 -8.75 -4.27 -2.22
N LEU L 330 -7.46 -4.54 -2.13
CA LEU L 330 -6.55 -3.85 -1.25
C LEU L 330 -5.54 -3.08 -2.07
N ILE L 331 -5.48 -1.78 -1.84
CA ILE L 331 -4.53 -0.90 -2.50
C ILE L 331 -3.48 -0.60 -1.45
N PRO L 332 -2.39 -1.34 -1.39
CA PRO L 332 -1.34 -1.03 -0.42
C PRO L 332 -0.60 0.23 -0.82
N HIS L 333 -0.46 1.12 0.12
CA HIS L 333 0.17 2.39 -0.16
C HIS L 333 0.41 3.15 1.14
N PRO L 334 1.56 3.76 1.33
CA PRO L 334 1.88 4.31 2.65
C PRO L 334 1.39 5.72 2.91
N HIS L 335 0.60 5.84 3.97
CA HIS L 335 0.15 7.10 4.48
C HIS L 335 0.24 7.08 5.99
N ARG L 336 1.40 6.68 6.45
CA ARG L 336 1.66 6.45 7.87
C ARG L 336 1.26 7.61 8.74
N HIS L 337 0.70 7.29 9.88
CA HIS L 337 0.19 8.26 10.82
C HIS L 337 1.29 8.82 11.68
N PHE L 338 1.05 10.02 12.18
CA PHE L 338 2.02 10.70 13.00
C PHE L 338 1.33 11.83 13.73
N GLN L 339 1.94 12.26 14.83
CA GLN L 339 1.35 13.24 15.71
C GLN L 339 1.16 14.59 15.04
N HIS L 340 2.24 15.30 14.72
CA HIS L 340 2.09 16.64 14.19
C HIS L 340 1.57 16.66 12.77
N LEU L 341 1.58 15.55 12.07
CA LEU L 341 1.10 15.55 10.70
C LEU L 341 -0.41 15.58 10.69
N THR L 342 -0.97 16.11 9.62
CA THR L 342 -2.40 16.04 9.44
C THR L 342 -2.76 14.69 8.84
N PRO L 343 -3.76 13.99 9.36
CA PRO L 343 -4.03 12.65 8.88
C PRO L 343 -4.54 12.68 7.48
N ILE L 344 -4.29 11.62 6.79
CA ILE L 344 -4.47 11.57 5.37
C ILE L 344 -5.85 11.03 5.07
N LYS L 345 -6.44 11.57 4.00
CA LYS L 345 -7.84 11.36 3.69
C LYS L 345 -7.94 11.12 2.20
N ALA L 346 -8.06 9.87 1.84
CA ALA L 346 -8.39 9.53 0.48
C ALA L 346 -9.70 10.18 0.08
N ALA L 347 -9.88 10.32 -1.22
CA ALA L 347 -11.08 10.94 -1.75
C ALA L 347 -11.41 10.38 -3.11
N TRP L 348 -12.70 10.30 -3.39
CA TRP L 348 -13.13 9.94 -4.71
C TRP L 348 -13.10 11.16 -5.61
N HIS L 349 -13.12 10.92 -6.86
CA HIS L 349 -13.35 11.90 -7.90
C HIS L 349 -14.77 11.71 -8.40
N PRO L 350 -15.55 12.76 -8.46
CA PRO L 350 -16.99 12.61 -8.41
C PRO L 350 -17.58 11.90 -9.59
N ARG L 351 -16.89 11.88 -10.73
CA ARG L 351 -17.47 11.42 -11.98
C ARG L 351 -16.74 10.26 -12.61
N TYR L 352 -15.76 9.67 -11.92
CA TYR L 352 -15.09 8.49 -12.43
C TYR L 352 -14.96 7.46 -11.30
N ASN L 353 -14.16 6.44 -11.54
CA ASN L 353 -13.87 5.39 -10.56
C ASN L 353 -12.43 5.48 -10.10
N LEU L 354 -11.91 6.71 -10.00
CA LEU L 354 -10.56 6.97 -9.57
C LEU L 354 -10.45 7.19 -8.06
N ILE L 355 -9.21 7.14 -7.58
CA ILE L 355 -8.86 7.47 -6.21
C ILE L 355 -7.65 8.35 -6.24
N VAL L 356 -7.58 9.29 -5.31
CA VAL L 356 -6.51 10.28 -5.22
C VAL L 356 -6.01 10.30 -3.78
N VAL L 357 -4.69 10.23 -3.61
CA VAL L 357 -4.10 10.06 -2.29
C VAL L 357 -2.75 10.77 -2.26
N GLY L 358 -2.34 11.14 -1.05
CA GLY L 358 -1.01 11.66 -0.81
C GLY L 358 -0.10 10.57 -0.27
N ARG L 359 1.11 10.55 -0.77
CA ARG L 359 2.10 9.54 -0.42
C ARG L 359 3.03 10.11 0.64
N TYR L 360 3.34 9.29 1.64
CA TYR L 360 4.28 9.64 2.69
C TYR L 360 5.22 8.45 2.83
N PRO L 361 6.37 8.47 2.16
CA PRO L 361 7.23 7.30 2.10
C PRO L 361 7.60 6.66 3.42
N ASP L 362 7.92 5.38 3.36
CA ASP L 362 8.28 4.59 4.52
C ASP L 362 9.38 3.66 4.07
N PRO L 363 10.58 3.71 4.66
CA PRO L 363 11.62 2.74 4.30
C PRO L 363 11.29 1.32 4.69
N ASN L 364 10.26 1.10 5.51
CA ASN L 364 9.87 -0.22 5.93
C ASN L 364 8.70 -0.80 5.12
N PHE L 365 7.99 0.04 4.37
CA PHE L 365 6.93 -0.44 3.52
C PHE L 365 7.50 -1.11 2.29
N LYS L 366 6.98 -2.28 1.97
CA LYS L 366 7.50 -3.06 0.87
C LYS L 366 7.07 -2.41 -0.44
N SER L 367 7.91 -1.52 -0.95
CA SER L 367 7.58 -0.81 -2.19
C SER L 367 7.79 -1.73 -3.38
N CYS L 368 6.80 -1.78 -4.26
CA CYS L 368 6.95 -2.48 -5.53
C CYS L 368 7.75 -1.64 -6.52
N THR L 369 7.54 -0.34 -6.50
CA THR L 369 8.25 0.59 -7.35
C THR L 369 9.58 0.97 -6.70
N PRO L 370 10.69 1.06 -7.46
CA PRO L 370 11.97 1.39 -6.82
C PRO L 370 12.17 2.86 -6.52
N TYR L 371 11.43 3.76 -7.16
CA TYR L 371 11.56 5.19 -6.94
C TYR L 371 10.38 5.69 -6.10
N GLU L 372 10.68 6.16 -4.89
CA GLU L 372 9.68 6.54 -3.90
C GLU L 372 9.92 8.00 -3.55
N LEU L 373 9.12 8.88 -4.12
CA LEU L 373 9.16 10.30 -3.84
C LEU L 373 7.90 10.76 -3.13
N ARG L 374 7.92 12.03 -2.75
CA ARG L 374 6.82 12.66 -2.04
C ARG L 374 5.88 13.21 -3.09
N THR L 375 4.74 12.57 -3.28
CA THR L 375 3.97 12.88 -4.46
C THR L 375 2.52 12.47 -4.27
N ILE L 376 1.69 12.84 -5.23
CA ILE L 376 0.26 12.58 -5.18
C ILE L 376 -0.03 11.45 -6.14
N ASP L 377 -0.57 10.35 -5.63
CA ASP L 377 -0.84 9.18 -6.44
C ASP L 377 -2.31 9.15 -6.84
N VAL L 378 -2.56 8.51 -7.98
CA VAL L 378 -3.88 8.40 -8.56
C VAL L 378 -4.07 6.97 -9.04
N PHE L 379 -4.98 6.25 -8.40
CA PHE L 379 -5.29 4.85 -8.64
C PHE L 379 -6.65 4.70 -9.29
N ASP L 380 -6.93 3.47 -9.72
CA ASP L 380 -8.22 3.08 -10.27
C ASP L 380 -9.03 2.34 -9.22
N GLY L 381 -10.33 2.57 -9.21
CA GLY L 381 -11.13 2.12 -8.11
C GLY L 381 -11.40 0.64 -8.21
N ASN L 382 -11.94 0.24 -9.34
CA ASN L 382 -12.45 -1.11 -9.50
C ASN L 382 -11.41 -2.08 -10.03
N SER L 383 -10.13 -1.70 -10.10
CA SER L 383 -9.07 -2.60 -10.53
C SER L 383 -8.08 -2.93 -9.44
N GLY L 384 -7.37 -1.93 -8.91
CA GLY L 384 -6.42 -2.16 -7.84
C GLY L 384 -5.07 -1.48 -8.01
N LYS L 385 -4.64 -1.28 -9.24
CA LYS L 385 -3.31 -0.76 -9.52
C LYS L 385 -3.36 0.72 -9.83
N MET L 386 -2.20 1.29 -10.16
CA MET L 386 -2.06 2.72 -10.32
C MET L 386 -2.13 3.13 -11.78
N MET L 387 -2.35 4.43 -11.98
CA MET L 387 -2.36 5.03 -13.30
C MET L 387 -1.70 6.38 -13.38
N CYS L 388 -1.41 7.07 -12.28
CA CYS L 388 -0.69 8.34 -12.44
C CYS L 388 -0.09 8.80 -11.14
N GLN L 389 0.86 9.74 -11.28
CA GLN L 389 1.58 10.31 -10.14
C GLN L 389 1.94 11.75 -10.46
N LEU L 390 1.42 12.67 -9.66
CA LEU L 390 1.73 14.09 -9.78
C LEU L 390 2.90 14.43 -8.89
N TYR L 391 3.84 15.19 -9.43
CA TYR L 391 5.02 15.61 -8.70
C TYR L 391 5.50 16.94 -9.21
N ASP L 392 5.95 17.76 -8.29
CA ASP L 392 6.56 19.04 -8.62
C ASP L 392 7.46 19.49 -7.49
N PRO L 393 8.77 19.56 -7.69
CA PRO L 393 9.61 20.19 -6.69
C PRO L 393 9.23 21.64 -6.51
N GLU L 394 9.80 22.22 -5.46
CA GLU L 394 9.30 23.42 -4.79
C GLU L 394 8.05 23.12 -3.99
N SER L 395 7.60 21.86 -3.96
CA SER L 395 6.48 21.44 -3.16
C SER L 395 6.77 20.09 -2.52
N SER L 396 7.99 19.92 -2.02
CA SER L 396 8.43 18.67 -1.40
C SER L 396 7.81 18.42 -0.06
N GLY L 397 6.91 19.28 0.39
CA GLY L 397 6.14 18.97 1.56
C GLY L 397 5.27 17.78 1.30
N ILE L 398 4.61 17.35 2.35
CA ILE L 398 3.76 16.18 2.31
C ILE L 398 2.35 16.63 2.09
N SER L 399 1.78 16.18 1.01
CA SER L 399 0.42 16.53 0.69
C SER L 399 -0.46 15.77 1.63
N SER L 400 -0.80 16.41 2.74
CA SER L 400 -1.74 15.80 3.66
C SER L 400 -3.10 15.60 3.00
N LEU L 401 -3.75 16.69 2.58
CA LEU L 401 -5.07 16.62 1.99
C LEU L 401 -5.03 16.86 0.51
N ASN L 402 -5.93 16.20 -0.18
CA ASN L 402 -6.14 16.39 -1.59
C ASN L 402 -7.62 16.23 -1.87
N GLU L 403 -8.17 17.14 -2.64
CA GLU L 403 -9.59 17.08 -2.98
C GLU L 403 -9.81 17.66 -4.36
N PHE L 404 -10.56 16.93 -5.14
CA PHE L 404 -10.91 17.38 -6.47
C PHE L 404 -12.17 18.21 -6.36
N ASN L 405 -12.40 18.97 -7.39
CA ASN L 405 -13.61 19.74 -7.45
C ASN L 405 -14.79 18.83 -7.71
N PRO L 406 -15.99 19.21 -7.31
CA PRO L 406 -17.18 18.57 -7.87
C PRO L 406 -17.31 18.82 -9.34
N MET L 407 -16.62 19.82 -9.86
CA MET L 407 -16.77 20.23 -11.25
C MET L 407 -15.98 19.34 -12.18
N GLY L 408 -14.72 19.10 -11.86
CA GLY L 408 -13.92 18.12 -12.57
C GLY L 408 -12.69 18.64 -13.27
N ASP L 409 -12.31 19.88 -13.03
CA ASP L 409 -11.23 20.53 -13.77
C ASP L 409 -10.14 21.07 -12.88
N THR L 410 -10.14 20.72 -11.61
CA THR L 410 -9.30 21.41 -10.64
C THR L 410 -9.03 20.47 -9.48
N LEU L 411 -7.86 20.62 -8.88
CA LEU L 411 -7.48 19.89 -7.68
C LEU L 411 -6.84 20.83 -6.67
N ALA L 412 -7.17 20.62 -5.40
CA ALA L 412 -6.58 21.37 -4.31
C ALA L 412 -5.79 20.41 -3.45
N SER L 413 -4.66 20.90 -2.95
CA SER L 413 -3.84 20.15 -2.02
C SER L 413 -3.54 21.02 -0.81
N ALA L 414 -3.68 20.43 0.35
CA ALA L 414 -3.34 21.08 1.60
C ALA L 414 -2.11 20.37 2.17
N MET L 415 -0.98 21.08 2.13
CA MET L 415 0.25 20.67 2.77
C MET L 415 0.42 21.49 4.03
N GLY L 416 1.37 21.07 4.84
CA GLY L 416 1.77 21.83 5.99
C GLY L 416 2.07 23.26 5.61
N TYR L 417 1.31 24.18 6.18
CA TYR L 417 1.49 25.60 5.96
C TYR L 417 1.35 25.99 4.50
N HIS L 418 0.74 25.17 3.65
CA HIS L 418 0.66 25.54 2.25
C HIS L 418 -0.61 25.01 1.60
N ILE L 419 -1.10 25.76 0.61
CA ILE L 419 -2.26 25.39 -0.17
C ILE L 419 -1.90 25.50 -1.65
N LEU L 420 -2.18 24.45 -2.40
CA LEU L 420 -1.75 24.31 -3.79
C LEU L 420 -2.92 24.09 -4.72
N ILE L 421 -2.78 24.62 -5.94
CA ILE L 421 -3.78 24.52 -7.00
C ILE L 421 -3.10 24.11 -8.29
N TRP L 422 -3.67 23.08 -8.94
CA TRP L 422 -2.99 22.22 -9.90
C TRP L 422 -3.60 22.26 -11.31
N SER L 423 -4.34 23.30 -11.66
CA SER L 423 -5.01 23.34 -12.95
C SER L 423 -4.00 23.37 -14.09
N GLN L 424 -4.47 23.05 -15.29
CA GLN L 424 -3.63 23.15 -16.47
C GLN L 424 -3.46 24.60 -16.91
N GLU L 425 -2.50 24.80 -17.81
CA GLU L 425 -2.11 26.13 -18.26
C GLU L 425 -1.48 26.04 -19.65
N GLU L 426 -0.82 27.12 -20.08
CA GLU L 426 -0.04 27.14 -21.31
C GLU L 426 -0.94 26.95 -22.53
N ALA L 427 -2.05 27.66 -22.55
CA ALA L 427 -2.94 27.59 -23.70
C ALA L 427 -2.42 28.50 -24.83
N ARG L 428 -3.00 28.32 -26.00
CA ARG L 428 -2.72 29.12 -27.19
C ARG L 428 -3.48 30.44 -26.99
N THR L 429 -3.53 31.35 -27.97
CA THR L 429 -4.05 32.70 -27.74
C THR L 429 -5.00 33.16 -28.84
N ARG L 430 -5.69 34.27 -28.54
CA ARG L 430 -6.56 34.97 -29.47
C ARG L 430 -5.83 36.14 -30.12
N LYS L 431 -6.46 36.74 -31.12
CA LYS L 431 -5.93 37.92 -31.79
C LYS L 431 -5.82 39.11 -30.83
#